data_6L99
#
_entry.id   6L99
#
loop_
_entity.id
_entity.type
_entity.pdbx_description
1 polymer 'E3 ubiquitin-protein ligase RNF144A'
2 non-polymer 'ZINC ION'
#
_entity_poly.entity_id   1
_entity_poly.type   'polypeptide(L)'
_entity_poly.pdbx_seq_one_letter_code
;ALDPLVSCKLCLGEYPVEQMTTIAQCQCIFCTLCLKQYVELLIKEGLETAISCPDAACPKQGHLQENEIECMVAA
;
_entity_poly.pdbx_strand_id   A
#
# COMPACT_ATOMS: atom_id res chain seq x y z
N ALA A 1 7.56 21.86 17.93
CA ALA A 1 7.51 22.80 16.82
C ALA A 1 8.28 22.26 15.61
N LEU A 2 7.53 21.96 14.55
CA LEU A 2 8.14 21.43 13.33
C LEU A 2 8.84 20.10 13.59
N ASP A 3 8.48 19.09 12.81
CA ASP A 3 9.07 17.76 12.96
C ASP A 3 8.78 16.90 11.75
N PRO A 4 9.74 16.04 11.37
CA PRO A 4 9.61 15.14 10.22
C PRO A 4 8.59 14.03 10.47
N LEU A 5 7.33 14.32 10.19
CA LEU A 5 6.25 13.35 10.38
C LEU A 5 6.61 12.02 9.74
N VAL A 6 6.73 12.01 8.41
CA VAL A 6 7.07 10.80 7.68
C VAL A 6 6.04 9.70 7.92
N SER A 7 6.02 8.71 7.03
CA SER A 7 5.07 7.61 7.14
C SER A 7 5.39 6.53 6.11
N CYS A 8 4.93 6.72 4.88
CA CYS A 8 5.16 5.77 3.81
C CYS A 8 6.59 5.24 3.84
N LYS A 9 6.81 4.09 3.23
CA LYS A 9 8.14 3.48 3.19
C LYS A 9 8.62 3.33 1.75
N LEU A 10 7.68 3.10 0.84
CA LEU A 10 8.00 2.94 -0.57
C LEU A 10 8.66 4.20 -1.13
N CYS A 11 8.36 5.34 -0.51
CA CYS A 11 8.92 6.61 -0.95
C CYS A 11 9.44 7.42 0.24
N LEU A 12 9.33 6.84 1.43
CA LEU A 12 9.79 7.50 2.65
C LEU A 12 9.47 8.98 2.62
N GLY A 13 8.42 9.34 1.88
CA GLY A 13 8.02 10.74 1.78
C GLY A 13 7.42 11.27 3.07
N GLU A 14 6.66 12.34 2.96
CA GLU A 14 6.02 12.95 4.12
C GLU A 14 4.55 13.24 3.84
N TYR A 15 3.67 12.60 4.60
CA TYR A 15 2.23 12.79 4.43
C TYR A 15 1.47 12.35 5.67
N PRO A 16 0.28 12.94 5.89
CA PRO A 16 -0.56 12.62 7.04
C PRO A 16 -1.17 11.22 6.94
N VAL A 17 -2.19 10.97 7.75
CA VAL A 17 -2.86 9.67 7.76
C VAL A 17 -4.03 9.65 6.78
N GLU A 18 -4.52 10.84 6.43
CA GLU A 18 -5.63 10.97 5.50
C GLU A 18 -5.15 10.89 4.05
N GLN A 19 -3.84 11.04 3.87
CA GLN A 19 -3.25 10.99 2.54
C GLN A 19 -2.65 9.62 2.26
N MET A 20 -3.01 8.64 3.08
CA MET A 20 -2.50 7.28 2.93
C MET A 20 -3.64 6.26 3.02
N THR A 21 -3.30 5.00 2.78
CA THR A 21 -4.29 3.93 2.85
C THR A 21 -3.71 2.68 3.50
N THR A 22 -4.52 2.01 4.33
CA THR A 22 -4.09 0.80 5.01
C THR A 22 -4.07 -0.39 4.06
N ILE A 23 -3.26 -1.39 4.40
CA ILE A 23 -3.15 -2.59 3.58
C ILE A 23 -4.43 -3.42 3.64
N ALA A 24 -4.46 -4.38 4.55
CA ALA A 24 -5.63 -5.24 4.71
C ALA A 24 -5.27 -6.51 5.47
N GLN A 25 -4.38 -6.38 6.43
CA GLN A 25 -3.95 -7.52 7.24
C GLN A 25 -2.87 -7.11 8.24
N CYS A 26 -1.90 -6.33 7.77
CA CYS A 26 -0.82 -5.86 8.62
C CYS A 26 -1.11 -4.47 9.17
N GLN A 27 -2.04 -3.77 8.53
CA GLN A 27 -2.41 -2.42 8.96
C GLN A 27 -1.23 -1.47 8.86
N CYS A 28 -0.71 -1.32 7.64
CA CYS A 28 0.43 -0.43 7.41
C CYS A 28 -0.02 0.88 6.79
N ILE A 29 0.94 1.76 6.51
CA ILE A 29 0.63 3.05 5.91
C ILE A 29 1.45 3.28 4.64
N PHE A 30 0.77 3.59 3.54
CA PHE A 30 1.43 3.82 2.27
C PHE A 30 0.62 4.76 1.39
N CYS A 31 1.25 5.83 0.93
CA CYS A 31 0.58 6.80 0.08
C CYS A 31 -0.01 6.14 -1.16
N THR A 32 -1.28 6.40 -1.43
CA THR A 32 -1.96 5.83 -2.58
C THR A 32 -1.00 5.68 -3.76
N LEU A 33 -0.29 6.74 -4.09
CA LEU A 33 0.66 6.73 -5.19
C LEU A 33 1.42 5.40 -5.24
N CYS A 34 2.27 5.18 -4.24
CA CYS A 34 3.06 3.95 -4.16
C CYS A 34 2.15 2.74 -4.03
N LEU A 35 1.39 2.69 -2.93
CA LEU A 35 0.48 1.57 -2.68
C LEU A 35 -0.34 1.26 -3.92
N LYS A 36 -0.45 2.22 -4.82
CA LYS A 36 -1.20 2.05 -6.05
C LYS A 36 -0.30 1.54 -7.17
N GLN A 37 0.58 2.41 -7.66
CA GLN A 37 1.49 2.05 -8.74
C GLN A 37 2.07 0.66 -8.53
N TYR A 38 2.06 0.21 -7.27
CA TYR A 38 2.59 -1.10 -6.92
C TYR A 38 1.56 -2.19 -7.24
N VAL A 39 0.38 -2.07 -6.65
CA VAL A 39 -0.69 -3.04 -6.87
C VAL A 39 -1.35 -2.83 -8.23
N GLU A 40 -1.77 -1.60 -8.49
CA GLU A 40 -2.42 -1.27 -9.75
C GLU A 40 -1.83 -2.10 -10.90
N LEU A 41 -0.54 -2.35 -10.83
CA LEU A 41 0.15 -3.13 -11.86
C LEU A 41 -0.18 -4.62 -11.73
N LEU A 42 -0.09 -5.12 -10.50
CA LEU A 42 -0.37 -6.53 -10.23
C LEU A 42 -1.88 -6.80 -10.28
N ILE A 43 -2.62 -6.11 -9.42
CA ILE A 43 -4.06 -6.26 -9.37
C ILE A 43 -4.66 -6.45 -10.76
N LYS A 44 -4.17 -5.66 -11.70
CA LYS A 44 -4.65 -5.73 -13.08
C LYS A 44 -4.37 -7.11 -13.68
N GLU A 45 -3.21 -7.66 -13.37
CA GLU A 45 -2.83 -8.97 -13.88
C GLU A 45 -3.64 -10.08 -13.20
N GLY A 46 -3.22 -10.44 -11.98
CA GLY A 46 -3.92 -11.47 -11.24
C GLY A 46 -3.27 -12.83 -11.39
N LEU A 47 -2.33 -12.93 -12.33
CA LEU A 47 -1.63 -14.19 -12.57
C LEU A 47 -1.12 -14.79 -11.27
N GLU A 48 -0.51 -13.95 -10.44
CA GLU A 48 0.02 -14.40 -9.15
C GLU A 48 0.50 -13.21 -8.32
N THR A 49 1.51 -13.45 -7.48
CA THR A 49 2.06 -12.40 -6.63
C THR A 49 1.23 -12.25 -5.35
N ALA A 50 -0.08 -12.32 -5.49
CA ALA A 50 -0.98 -12.20 -4.35
C ALA A 50 -0.91 -10.80 -3.75
N ILE A 51 -0.16 -9.92 -4.40
CA ILE A 51 0.00 -8.55 -3.93
C ILE A 51 0.24 -8.51 -2.43
N SER A 52 1.50 -8.63 -2.03
CA SER A 52 1.88 -8.61 -0.62
C SER A 52 2.38 -7.23 -0.21
N CYS A 53 2.20 -6.88 1.06
CA CYS A 53 2.64 -5.59 1.58
C CYS A 53 3.93 -5.14 0.90
N PRO A 54 3.99 -3.86 0.52
CA PRO A 54 5.15 -3.28 -0.15
C PRO A 54 6.35 -3.15 0.79
N ASP A 55 6.18 -3.63 2.02
CA ASP A 55 7.25 -3.58 3.01
C ASP A 55 7.84 -4.96 3.27
N ALA A 56 8.67 -5.42 2.33
CA ALA A 56 9.30 -6.73 2.45
C ALA A 56 9.79 -6.98 3.88
N ALA A 57 10.02 -5.90 4.61
CA ALA A 57 10.49 -6.00 6.00
C ALA A 57 9.33 -5.81 6.97
N CYS A 58 8.14 -6.23 6.58
CA CYS A 58 6.96 -6.10 7.43
C CYS A 58 6.87 -7.27 8.42
N PRO A 59 6.59 -6.94 9.68
CA PRO A 59 6.46 -7.94 10.75
C PRO A 59 5.21 -8.80 10.58
N LYS A 60 4.29 -8.37 9.72
CA LYS A 60 3.06 -9.10 9.48
C LYS A 60 2.94 -9.47 8.01
N GLN A 61 3.68 -8.77 7.15
CA GLN A 61 3.65 -9.03 5.72
C GLN A 61 2.25 -9.41 5.26
N GLY A 62 1.28 -8.52 5.52
CA GLY A 62 -0.09 -8.78 5.13
C GLY A 62 -0.30 -8.65 3.64
N HIS A 63 -1.17 -9.51 3.09
CA HIS A 63 -1.46 -9.49 1.66
C HIS A 63 -2.65 -8.58 1.36
N LEU A 64 -2.86 -8.30 0.07
CA LEU A 64 -3.97 -7.45 -0.34
C LEU A 64 -4.92 -8.20 -1.28
N GLN A 65 -6.13 -7.67 -1.42
CA GLN A 65 -7.12 -8.30 -2.29
C GLN A 65 -6.94 -7.87 -3.74
N GLU A 66 -7.58 -8.58 -4.65
CA GLU A 66 -7.48 -8.28 -6.08
C GLU A 66 -8.58 -7.31 -6.50
N ASN A 67 -9.72 -7.39 -5.83
CA ASN A 67 -10.85 -6.51 -6.14
C ASN A 67 -10.82 -5.25 -5.29
N GLU A 68 -10.92 -5.42 -3.97
CA GLU A 68 -10.90 -4.28 -3.06
C GLU A 68 -9.87 -3.25 -3.49
N ILE A 69 -8.72 -3.73 -3.96
CA ILE A 69 -7.66 -2.84 -4.41
C ILE A 69 -8.01 -2.19 -5.74
N GLU A 70 -8.15 -3.01 -6.78
CA GLU A 70 -8.47 -2.52 -8.11
C GLU A 70 -9.69 -1.60 -8.06
N CYS A 71 -10.45 -1.68 -6.97
CA CYS A 71 -11.64 -0.87 -6.80
C CYS A 71 -11.27 0.56 -6.43
N MET A 72 -10.18 0.72 -5.70
CA MET A 72 -9.71 2.04 -5.29
C MET A 72 -8.89 2.70 -6.39
N VAL A 73 -8.80 2.03 -7.54
CA VAL A 73 -8.05 2.55 -8.67
C VAL A 73 -8.80 2.33 -9.98
N ALA A 74 -9.08 1.07 -10.29
CA ALA A 74 -9.79 0.74 -11.52
C ALA A 74 -11.26 0.48 -11.23
N ALA A 75 -11.89 1.40 -10.50
CA ALA A 75 -13.31 1.28 -10.17
C ALA A 75 -14.12 0.79 -11.37
N ALA A 1 7.53 11.52 16.86
CA ALA A 1 8.93 11.82 17.16
C ALA A 1 9.20 13.32 17.08
N LEU A 2 8.93 13.89 15.90
CA LEU A 2 9.15 15.32 15.68
C LEU A 2 8.01 15.92 14.87
N ASP A 3 7.85 15.44 13.64
CA ASP A 3 6.79 15.94 12.76
C ASP A 3 5.59 15.00 12.78
N PRO A 4 4.38 15.59 12.64
CA PRO A 4 3.13 14.83 12.65
C PRO A 4 2.97 13.96 11.40
N LEU A 5 3.32 14.52 10.25
CA LEU A 5 3.22 13.79 8.99
C LEU A 5 4.12 12.56 8.99
N VAL A 6 4.58 12.17 7.82
CA VAL A 6 5.46 11.01 7.68
C VAL A 6 4.73 9.73 8.08
N SER A 7 4.80 8.72 7.21
CA SER A 7 4.15 7.45 7.48
C SER A 7 4.57 6.39 6.45
N CYS A 8 4.66 6.81 5.19
CA CYS A 8 5.06 5.91 4.11
C CYS A 8 6.53 5.54 4.24
N LYS A 9 6.91 4.41 3.63
CA LYS A 9 8.29 3.95 3.67
C LYS A 9 8.71 3.40 2.31
N LEU A 10 7.94 3.71 1.29
CA LEU A 10 8.24 3.24 -0.07
C LEU A 10 8.87 4.36 -0.90
N CYS A 11 8.51 5.61 -0.57
CA CYS A 11 9.04 6.76 -1.28
C CYS A 11 9.72 7.73 -0.32
N LEU A 12 9.75 7.35 0.96
CA LEU A 12 10.38 8.19 1.99
C LEU A 12 9.86 9.62 1.90
N GLY A 13 8.59 9.80 2.19
CA GLY A 13 7.99 11.12 2.15
C GLY A 13 7.17 11.44 3.38
N GLU A 14 6.44 12.54 3.34
CA GLU A 14 5.61 12.95 4.47
C GLU A 14 4.15 12.57 4.24
N TYR A 15 3.44 13.40 3.48
CA TYR A 15 2.03 13.15 3.18
C TYR A 15 1.21 13.08 4.47
N PRO A 16 -0.06 13.50 4.38
CA PRO A 16 -0.98 13.49 5.53
C PRO A 16 -1.37 12.08 5.94
N VAL A 17 -2.44 11.97 6.73
CA VAL A 17 -2.93 10.68 7.19
C VAL A 17 -4.14 10.23 6.39
N GLU A 18 -4.70 11.15 5.61
CA GLU A 18 -5.87 10.86 4.79
C GLU A 18 -5.46 10.46 3.38
N GLN A 19 -4.17 10.62 3.08
CA GLN A 19 -3.66 10.28 1.76
C GLN A 19 -3.02 8.89 1.76
N MET A 20 -3.16 8.19 2.87
CA MET A 20 -2.60 6.84 3.01
C MET A 20 -3.72 5.80 3.08
N THR A 21 -3.34 4.54 2.92
CA THR A 21 -4.32 3.45 2.96
C THR A 21 -3.76 2.24 3.71
N THR A 22 -4.65 1.50 4.39
CA THR A 22 -4.23 0.33 5.14
C THR A 22 -4.19 -0.91 4.26
N ILE A 23 -3.27 -1.81 4.55
CA ILE A 23 -3.13 -3.04 3.78
C ILE A 23 -4.37 -3.94 3.93
N ALA A 24 -5.08 -3.76 5.04
CA ALA A 24 -6.28 -4.54 5.29
C ALA A 24 -5.93 -5.93 5.83
N GLN A 25 -4.65 -6.14 6.12
CA GLN A 25 -4.19 -7.42 6.64
C GLN A 25 -3.11 -7.23 7.69
N CYS A 26 -1.98 -6.64 7.28
CA CYS A 26 -0.88 -6.39 8.19
C CYS A 26 -1.09 -5.10 8.98
N GLN A 27 -1.92 -4.22 8.44
CA GLN A 27 -2.22 -2.95 9.09
C GLN A 27 -1.05 -1.98 8.94
N CYS A 28 -0.65 -1.73 7.70
CA CYS A 28 0.45 -0.83 7.42
C CYS A 28 -0.06 0.50 6.87
N ILE A 29 0.86 1.37 6.46
CA ILE A 29 0.50 2.67 5.92
C ILE A 29 1.38 3.02 4.72
N PHE A 30 0.74 3.38 3.61
CA PHE A 30 1.46 3.74 2.40
C PHE A 30 0.64 4.69 1.55
N CYS A 31 1.27 5.79 1.11
CA CYS A 31 0.59 6.78 0.29
C CYS A 31 0.01 6.15 -0.97
N THR A 32 -1.26 6.44 -1.25
CA THR A 32 -1.93 5.90 -2.42
C THR A 32 -0.95 5.76 -3.59
N LEU A 33 -0.24 6.83 -3.90
CA LEU A 33 0.73 6.83 -4.99
C LEU A 33 1.48 5.51 -5.05
N CYS A 34 2.32 5.27 -4.05
CA CYS A 34 3.10 4.04 -3.98
C CYS A 34 2.19 2.82 -3.91
N LEU A 35 1.42 2.72 -2.83
CA LEU A 35 0.50 1.61 -2.65
C LEU A 35 -0.31 1.34 -3.91
N LYS A 36 -0.38 2.34 -4.78
CA LYS A 36 -1.11 2.22 -6.03
C LYS A 36 -0.20 1.76 -7.16
N GLN A 37 0.69 2.64 -7.60
CA GLN A 37 1.63 2.30 -8.67
C GLN A 37 2.16 0.88 -8.50
N TYR A 38 2.15 0.39 -7.27
CA TYR A 38 2.64 -0.95 -6.98
C TYR A 38 1.57 -2.00 -7.29
N VAL A 39 0.48 -1.97 -6.53
CA VAL A 39 -0.61 -2.91 -6.72
C VAL A 39 -1.25 -2.75 -8.10
N GLU A 40 -1.59 -1.51 -8.43
CA GLU A 40 -2.21 -1.22 -9.72
C GLU A 40 -1.54 -2.01 -10.84
N LEU A 41 -0.27 -2.34 -10.65
CA LEU A 41 0.49 -3.10 -11.64
C LEU A 41 0.25 -4.60 -11.46
N LEU A 42 0.22 -5.04 -10.21
CA LEU A 42 0.00 -6.45 -9.90
C LEU A 42 -1.49 -6.77 -9.81
N ILE A 43 -2.16 -6.14 -8.85
CA ILE A 43 -3.59 -6.35 -8.65
C ILE A 43 -4.32 -6.45 -9.99
N LYS A 44 -3.74 -5.85 -11.02
CA LYS A 44 -4.33 -5.87 -12.35
C LYS A 44 -4.09 -7.22 -13.03
N GLU A 45 -2.83 -7.64 -13.06
CA GLU A 45 -2.47 -8.92 -13.67
C GLU A 45 -2.96 -10.09 -12.83
N GLY A 46 -2.61 -10.08 -11.55
CA GLY A 46 -3.03 -11.13 -10.65
C GLY A 46 -2.69 -12.51 -11.20
N LEU A 47 -1.41 -12.71 -11.53
CA LEU A 47 -0.95 -13.99 -12.05
C LEU A 47 -0.60 -14.95 -10.92
N GLU A 48 -0.30 -14.40 -9.75
CA GLU A 48 0.06 -15.21 -8.59
C GLU A 48 0.70 -14.35 -7.51
N THR A 49 1.27 -13.23 -7.91
CA THR A 49 1.92 -12.31 -6.98
C THR A 49 1.08 -12.14 -5.72
N ALA A 50 -0.22 -12.34 -5.84
CA ALA A 50 -1.14 -12.20 -4.72
C ALA A 50 -1.01 -10.83 -4.08
N ILE A 51 -0.35 -9.92 -4.77
CA ILE A 51 -0.16 -8.56 -4.27
C ILE A 51 0.08 -8.55 -2.76
N SER A 52 1.33 -8.70 -2.36
CA SER A 52 1.70 -8.72 -0.95
C SER A 52 2.26 -7.37 -0.52
N CYS A 53 2.10 -7.04 0.76
CA CYS A 53 2.59 -5.78 1.30
C CYS A 53 3.89 -5.36 0.62
N PRO A 54 3.99 -4.08 0.27
CA PRO A 54 5.17 -3.52 -0.38
C PRO A 54 6.38 -3.46 0.55
N ASP A 55 6.20 -3.96 1.76
CA ASP A 55 7.27 -3.96 2.75
C ASP A 55 7.83 -5.38 2.96
N ALA A 56 8.83 -5.73 2.16
CA ALA A 56 9.44 -7.05 2.25
C ALA A 56 9.96 -7.33 3.67
N ALA A 57 10.01 -6.27 4.48
CA ALA A 57 10.48 -6.39 5.85
C ALA A 57 9.32 -6.31 6.84
N CYS A 58 8.11 -6.52 6.34
CA CYS A 58 6.91 -6.46 7.17
C CYS A 58 6.89 -7.63 8.16
N PRO A 59 6.57 -7.32 9.42
CA PRO A 59 6.51 -8.34 10.49
C PRO A 59 5.32 -9.27 10.32
N LYS A 60 4.39 -8.89 9.46
CA LYS A 60 3.20 -9.69 9.20
C LYS A 60 3.06 -10.00 7.71
N GLN A 61 3.75 -9.23 6.88
CA GLN A 61 3.70 -9.42 5.44
C GLN A 61 2.32 -9.90 5.00
N GLY A 62 1.33 -9.02 5.13
CA GLY A 62 -0.02 -9.38 4.74
C GLY A 62 -0.27 -9.19 3.26
N HIS A 63 -1.28 -9.88 2.73
CA HIS A 63 -1.61 -9.78 1.31
C HIS A 63 -2.71 -8.75 1.08
N LEU A 64 -2.96 -8.44 -0.18
CA LEU A 64 -3.98 -7.46 -0.54
C LEU A 64 -5.08 -8.10 -1.38
N GLN A 65 -6.26 -7.48 -1.40
CA GLN A 65 -7.38 -8.00 -2.16
C GLN A 65 -7.33 -7.50 -3.61
N GLU A 66 -7.97 -8.25 -4.50
CA GLU A 66 -7.98 -7.89 -5.92
C GLU A 66 -9.19 -7.00 -6.24
N ASN A 67 -10.21 -7.07 -5.39
CA ASN A 67 -11.42 -6.28 -5.58
C ASN A 67 -11.32 -4.94 -4.84
N GLU A 68 -11.00 -5.00 -3.56
CA GLU A 68 -10.88 -3.81 -2.75
C GLU A 68 -9.87 -2.83 -3.36
N ILE A 69 -8.64 -3.31 -3.54
CA ILE A 69 -7.58 -2.49 -4.12
C ILE A 69 -8.02 -1.87 -5.44
N GLU A 70 -8.32 -2.71 -6.42
CA GLU A 70 -8.75 -2.25 -7.73
C GLU A 70 -9.93 -1.27 -7.60
N CYS A 71 -10.62 -1.34 -6.46
CA CYS A 71 -11.76 -0.46 -6.21
C CYS A 71 -11.30 0.97 -5.96
N MET A 72 -10.12 1.12 -5.35
CA MET A 72 -9.58 2.43 -5.07
C MET A 72 -8.77 2.96 -6.25
N VAL A 73 -8.86 2.26 -7.37
CA VAL A 73 -8.13 2.65 -8.58
C VAL A 73 -8.98 2.46 -9.83
N ALA A 74 -9.30 1.20 -10.12
CA ALA A 74 -10.11 0.88 -11.28
C ALA A 74 -11.60 1.02 -10.98
N ALA A 75 -11.90 1.69 -9.88
CA ALA A 75 -13.29 1.90 -9.47
C ALA A 75 -14.17 2.22 -10.66
N ALA A 1 18.95 12.37 13.86
CA ALA A 1 17.83 11.51 13.47
C ALA A 1 16.56 12.33 13.27
N LEU A 2 16.59 13.23 12.28
CA LEU A 2 15.43 14.07 11.98
C LEU A 2 14.27 13.25 11.45
N ASP A 3 13.18 13.21 12.20
CA ASP A 3 12.00 12.46 11.80
C ASP A 3 10.72 13.15 12.28
N PRO A 4 10.33 14.22 11.56
CA PRO A 4 9.13 14.99 11.89
C PRO A 4 7.85 14.22 11.61
N LEU A 5 7.84 13.47 10.52
CA LEU A 5 6.68 12.67 10.15
C LEU A 5 7.09 11.34 9.55
N VAL A 6 7.20 11.29 8.23
CA VAL A 6 7.61 10.07 7.53
C VAL A 6 6.70 8.91 7.90
N SER A 7 5.77 8.58 7.00
CA SER A 7 4.83 7.48 7.24
C SER A 7 5.03 6.37 6.21
N CYS A 8 5.03 6.74 4.93
CA CYS A 8 5.21 5.77 3.86
C CYS A 8 6.64 5.24 3.84
N LYS A 9 6.82 4.04 3.31
CA LYS A 9 8.13 3.41 3.22
C LYS A 9 8.43 2.96 1.80
N LEU A 10 7.96 3.73 0.83
CA LEU A 10 8.19 3.41 -0.58
C LEU A 10 8.75 4.60 -1.33
N CYS A 11 8.35 5.80 -0.92
CA CYS A 11 8.81 7.03 -1.55
C CYS A 11 9.67 7.85 -0.60
N LEU A 12 9.54 7.56 0.70
CA LEU A 12 10.31 8.27 1.71
C LEU A 12 9.94 9.75 1.75
N GLY A 13 8.66 10.02 2.01
CA GLY A 13 8.20 11.40 2.07
C GLY A 13 7.56 11.74 3.40
N GLU A 14 6.90 12.89 3.47
CA GLU A 14 6.26 13.34 4.70
C GLU A 14 4.79 13.65 4.44
N TYR A 15 3.90 12.80 4.97
CA TYR A 15 2.47 12.99 4.79
C TYR A 15 1.70 12.43 5.99
N PRO A 16 0.51 12.98 6.24
CA PRO A 16 -0.35 12.57 7.35
C PRO A 16 -0.93 11.17 7.13
N VAL A 17 -1.93 10.83 7.94
CA VAL A 17 -2.57 9.52 7.84
C VAL A 17 -3.88 9.61 7.07
N GLU A 18 -4.26 10.82 6.68
CA GLU A 18 -5.49 11.04 5.94
C GLU A 18 -5.24 10.99 4.44
N GLN A 19 -3.96 11.03 4.06
CA GLN A 19 -3.58 10.98 2.65
C GLN A 19 -2.92 9.65 2.31
N MET A 20 -3.26 8.61 3.08
CA MET A 20 -2.70 7.28 2.85
C MET A 20 -3.80 6.23 2.83
N THR A 21 -3.42 4.98 2.59
CA THR A 21 -4.36 3.87 2.54
C THR A 21 -3.85 2.68 3.32
N THR A 22 -4.76 1.98 4.00
CA THR A 22 -4.40 0.80 4.78
C THR A 22 -4.21 -0.41 3.90
N ILE A 23 -3.30 -1.30 4.30
CA ILE A 23 -3.03 -2.51 3.54
C ILE A 23 -4.27 -3.41 3.46
N ALA A 24 -4.47 -4.24 4.47
CA ALA A 24 -5.60 -5.14 4.51
C ALA A 24 -5.38 -6.26 5.53
N GLN A 25 -4.14 -6.72 5.62
CA GLN A 25 -3.80 -7.80 6.54
C GLN A 25 -2.95 -7.28 7.70
N CYS A 26 -1.84 -6.63 7.36
CA CYS A 26 -0.94 -6.08 8.37
C CYS A 26 -1.46 -4.74 8.89
N GLN A 27 -2.08 -3.97 7.99
CA GLN A 27 -2.62 -2.66 8.37
C GLN A 27 -1.51 -1.62 8.42
N CYS A 28 -0.65 -1.63 7.42
CA CYS A 28 0.46 -0.68 7.34
C CYS A 28 -0.01 0.65 6.77
N ILE A 29 0.93 1.57 6.54
CA ILE A 29 0.62 2.88 6.00
C ILE A 29 1.45 3.15 4.74
N PHE A 30 0.76 3.50 3.66
CA PHE A 30 1.42 3.79 2.39
C PHE A 30 0.59 4.75 1.54
N CYS A 31 1.24 5.75 0.97
CA CYS A 31 0.56 6.73 0.14
C CYS A 31 -0.01 6.08 -1.11
N THR A 32 -1.30 6.32 -1.36
CA THR A 32 -1.96 5.76 -2.53
C THR A 32 -1.01 5.66 -3.72
N LEU A 33 -0.30 6.75 -3.99
CA LEU A 33 0.65 6.79 -5.10
C LEU A 33 1.43 5.48 -5.19
N CYS A 34 2.26 5.22 -4.20
CA CYS A 34 3.06 4.00 -4.17
C CYS A 34 2.17 2.77 -4.08
N LEU A 35 1.40 2.68 -3.02
CA LEU A 35 0.50 1.54 -2.82
C LEU A 35 -0.34 1.29 -4.06
N LYS A 36 -0.41 2.29 -4.94
CA LYS A 36 -1.17 2.16 -6.17
C LYS A 36 -0.29 1.68 -7.31
N GLN A 37 0.69 2.49 -7.68
CA GLN A 37 1.61 2.14 -8.76
C GLN A 37 2.14 0.72 -8.59
N TYR A 38 2.03 0.20 -7.37
CA TYR A 38 2.50 -1.15 -7.07
C TYR A 38 1.40 -2.18 -7.34
N VAL A 39 0.30 -2.07 -6.59
CA VAL A 39 -0.82 -2.99 -6.74
C VAL A 39 -1.47 -2.82 -8.11
N GLU A 40 -1.77 -1.59 -8.48
CA GLU A 40 -2.41 -1.30 -9.76
C GLU A 40 -1.92 -2.27 -10.83
N LEU A 41 -0.60 -2.37 -10.97
CA LEU A 41 -0.01 -3.26 -11.96
C LEU A 41 -0.40 -4.72 -11.70
N LEU A 42 0.01 -5.23 -10.54
CA LEU A 42 -0.31 -6.60 -10.17
C LEU A 42 -1.80 -6.84 -10.17
N ILE A 43 -2.51 -6.16 -9.27
CA ILE A 43 -3.97 -6.31 -9.17
C ILE A 43 -4.59 -6.42 -10.56
N LYS A 44 -3.93 -5.86 -11.55
CA LYS A 44 -4.43 -5.90 -12.93
C LYS A 44 -4.11 -7.24 -13.57
N GLU A 45 -2.89 -7.74 -13.36
CA GLU A 45 -2.47 -9.01 -13.92
C GLU A 45 -3.05 -10.18 -13.14
N GLY A 46 -2.66 -10.29 -11.87
CA GLY A 46 -3.15 -11.36 -11.02
C GLY A 46 -2.62 -12.72 -11.45
N LEU A 47 -1.31 -12.88 -11.44
CA LEU A 47 -0.69 -14.14 -11.83
C LEU A 47 -0.49 -15.04 -10.63
N GLU A 48 -0.24 -14.43 -9.47
CA GLU A 48 -0.04 -15.18 -8.23
C GLU A 48 0.62 -14.32 -7.17
N THR A 49 1.30 -13.25 -7.62
CA THR A 49 1.97 -12.34 -6.70
C THR A 49 1.18 -12.16 -5.41
N ALA A 50 -0.15 -12.29 -5.51
CA ALA A 50 -1.02 -12.15 -4.36
C ALA A 50 -0.90 -10.75 -3.75
N ILE A 51 -0.20 -9.86 -4.45
CA ILE A 51 -0.01 -8.50 -3.98
C ILE A 51 0.20 -8.46 -2.47
N SER A 52 1.44 -8.62 -2.05
CA SER A 52 1.77 -8.60 -0.62
C SER A 52 2.32 -7.24 -0.20
N CYS A 53 2.19 -6.92 1.07
CA CYS A 53 2.68 -5.65 1.61
C CYS A 53 3.95 -5.21 0.88
N PRO A 54 4.01 -3.92 0.53
CA PRO A 54 5.16 -3.34 -0.18
C PRO A 54 6.40 -3.26 0.71
N ASP A 55 6.27 -3.76 1.93
CA ASP A 55 7.39 -3.74 2.89
C ASP A 55 7.88 -5.16 3.17
N ALA A 56 8.60 -5.73 2.22
CA ALA A 56 9.13 -7.08 2.37
C ALA A 56 9.61 -7.32 3.80
N ALA A 57 9.98 -6.25 4.48
CA ALA A 57 10.44 -6.36 5.86
C ALA A 57 9.32 -6.06 6.85
N CYS A 58 8.14 -6.59 6.57
CA CYS A 58 6.99 -6.38 7.43
C CYS A 58 6.83 -7.53 8.42
N PRO A 59 6.59 -7.18 9.69
CA PRO A 59 6.41 -8.17 10.76
C PRO A 59 5.11 -8.96 10.62
N LYS A 60 4.25 -8.50 9.73
CA LYS A 60 2.97 -9.16 9.50
C LYS A 60 2.81 -9.54 8.02
N GLN A 61 3.57 -8.88 7.17
CA GLN A 61 3.51 -9.15 5.73
C GLN A 61 2.09 -9.47 5.30
N GLY A 62 1.21 -8.48 5.37
CA GLY A 62 -0.17 -8.68 4.98
C GLY A 62 -0.37 -8.63 3.48
N HIS A 63 -1.38 -9.33 2.98
CA HIS A 63 -1.68 -9.36 1.56
C HIS A 63 -2.83 -8.43 1.22
N LEU A 64 -2.96 -8.09 -0.06
CA LEU A 64 -4.03 -7.20 -0.52
C LEU A 64 -5.08 -7.97 -1.31
N GLN A 65 -6.24 -7.36 -1.48
CA GLN A 65 -7.33 -7.99 -2.22
C GLN A 65 -7.27 -7.60 -3.70
N GLU A 66 -7.93 -8.39 -4.53
CA GLU A 66 -7.96 -8.13 -5.97
C GLU A 66 -9.16 -7.27 -6.35
N ASN A 67 -10.26 -7.45 -5.63
CA ASN A 67 -11.48 -6.70 -5.88
C ASN A 67 -11.42 -5.32 -5.21
N GLU A 68 -11.13 -5.33 -3.92
CA GLU A 68 -11.03 -4.08 -3.15
C GLU A 68 -10.02 -3.13 -3.78
N ILE A 69 -8.76 -3.54 -3.79
CA ILE A 69 -7.69 -2.73 -4.36
C ILE A 69 -8.12 -2.13 -5.70
N GLU A 70 -8.37 -3.00 -6.68
CA GLU A 70 -8.79 -2.54 -8.01
C GLU A 70 -9.96 -1.59 -7.91
N CYS A 71 -10.63 -1.60 -6.77
CA CYS A 71 -11.78 -0.72 -6.55
C CYS A 71 -11.34 0.72 -6.32
N MET A 72 -10.17 0.89 -5.71
CA MET A 72 -9.63 2.21 -5.44
C MET A 72 -8.84 2.74 -6.63
N VAL A 73 -8.83 1.97 -7.71
CA VAL A 73 -8.11 2.36 -8.92
C VAL A 73 -8.94 2.08 -10.17
N ALA A 74 -9.29 0.81 -10.36
CA ALA A 74 -10.08 0.40 -11.52
C ALA A 74 -11.56 0.32 -11.17
N ALA A 75 -12.07 1.35 -10.52
CA ALA A 75 -13.47 1.40 -10.14
C ALA A 75 -14.37 0.79 -11.21
N ALA A 1 7.75 22.10 11.86
CA ALA A 1 7.27 20.72 11.75
C ALA A 1 6.94 20.14 13.12
N LEU A 2 5.82 20.60 13.69
CA LEU A 2 5.38 20.13 15.00
C LEU A 2 5.09 18.64 14.96
N ASP A 3 4.49 18.18 13.88
CA ASP A 3 4.16 16.77 13.72
C ASP A 3 5.40 15.94 13.39
N PRO A 4 5.34 14.63 13.67
CA PRO A 4 6.45 13.71 13.41
C PRO A 4 6.69 13.49 11.93
N LEU A 5 5.62 13.51 11.14
CA LEU A 5 5.70 13.31 9.70
C LEU A 5 6.46 12.02 9.37
N VAL A 6 6.67 11.77 8.09
CA VAL A 6 7.37 10.58 7.64
C VAL A 6 6.59 9.31 8.02
N SER A 7 6.23 8.53 7.02
CA SER A 7 5.47 7.30 7.24
C SER A 7 5.75 6.29 6.13
N CYS A 8 5.11 6.49 4.98
CA CYS A 8 5.29 5.60 3.83
C CYS A 8 6.73 5.11 3.75
N LYS A 9 6.91 3.91 3.20
CA LYS A 9 8.24 3.34 3.04
C LYS A 9 8.52 2.99 1.59
N LEU A 10 7.89 3.73 0.67
CA LEU A 10 8.07 3.51 -0.76
C LEU A 10 8.57 4.78 -1.45
N CYS A 11 8.39 5.92 -0.78
CA CYS A 11 8.81 7.20 -1.33
C CYS A 11 9.49 8.05 -0.26
N LEU A 12 9.71 7.46 0.91
CA LEU A 12 10.35 8.15 2.02
C LEU A 12 9.97 9.62 2.03
N GLY A 13 8.66 9.90 1.95
CA GLY A 13 8.18 11.27 1.95
C GLY A 13 7.51 11.64 3.24
N GLU A 14 6.80 12.77 3.24
CA GLU A 14 6.11 13.24 4.44
C GLU A 14 4.63 13.47 4.15
N TYR A 15 3.78 12.66 4.75
CA TYR A 15 2.33 12.78 4.56
C TYR A 15 1.58 12.33 5.81
N PRO A 16 0.39 12.94 6.03
CA PRO A 16 -0.45 12.62 7.19
C PRO A 16 -1.06 11.23 7.09
N VAL A 17 -1.99 10.94 7.99
CA VAL A 17 -2.65 9.64 8.01
C VAL A 17 -3.94 9.67 7.19
N GLU A 18 -4.45 10.87 6.93
CA GLU A 18 -5.67 11.04 6.15
C GLU A 18 -5.36 11.10 4.67
N GLN A 19 -4.11 10.81 4.31
CA GLN A 19 -3.69 10.85 2.91
C GLN A 19 -3.14 9.48 2.49
N MET A 20 -2.89 8.62 3.46
CA MET A 20 -2.37 7.28 3.19
C MET A 20 -3.49 6.25 3.22
N THR A 21 -3.14 5.00 2.89
CA THR A 21 -4.11 3.92 2.89
C THR A 21 -3.54 2.66 3.53
N THR A 22 -4.34 2.00 4.36
CA THR A 22 -3.91 0.77 5.02
C THR A 22 -3.87 -0.40 4.06
N ILE A 23 -2.97 -1.33 4.29
CA ILE A 23 -2.83 -2.51 3.44
C ILE A 23 -4.12 -3.31 3.42
N ALA A 24 -4.22 -4.32 4.29
CA ALA A 24 -5.41 -5.15 4.37
C ALA A 24 -5.10 -6.46 5.10
N GLN A 25 -4.23 -6.38 6.10
CA GLN A 25 -3.86 -7.56 6.88
C GLN A 25 -2.79 -7.21 7.92
N CYS A 26 -1.81 -6.41 7.51
CA CYS A 26 -0.73 -6.00 8.41
C CYS A 26 -1.05 -4.66 9.06
N GLN A 27 -1.80 -3.83 8.34
CA GLN A 27 -2.17 -2.52 8.86
C GLN A 27 -1.00 -1.55 8.78
N CYS A 28 -0.42 -1.40 7.60
CA CYS A 28 0.71 -0.52 7.40
C CYS A 28 0.27 0.80 6.75
N ILE A 29 1.20 1.74 6.64
CA ILE A 29 0.90 3.03 6.04
C ILE A 29 1.65 3.20 4.71
N PHE A 30 0.89 3.50 3.66
CA PHE A 30 1.47 3.69 2.34
C PHE A 30 0.60 4.62 1.50
N CYS A 31 1.19 5.74 1.07
CA CYS A 31 0.48 6.72 0.25
C CYS A 31 -0.09 6.07 -1.01
N THR A 32 -1.39 6.24 -1.23
CA THR A 32 -2.05 5.68 -2.41
C THR A 32 -1.10 5.65 -3.61
N LEU A 33 -0.41 6.75 -3.83
CA LEU A 33 0.52 6.87 -4.94
C LEU A 33 1.33 5.58 -5.10
N CYS A 34 2.20 5.32 -4.13
CA CYS A 34 3.04 4.12 -4.16
C CYS A 34 2.18 2.86 -4.07
N LEU A 35 1.37 2.79 -3.03
CA LEU A 35 0.50 1.64 -2.81
C LEU A 35 -0.37 1.37 -4.04
N LYS A 36 -0.42 2.35 -4.94
CA LYS A 36 -1.22 2.23 -6.16
C LYS A 36 -0.37 1.67 -7.30
N GLN A 37 0.55 2.49 -7.80
CA GLN A 37 1.43 2.08 -8.89
C GLN A 37 1.96 0.68 -8.67
N TYR A 38 1.96 0.24 -7.40
CA TYR A 38 2.45 -1.09 -7.05
C TYR A 38 1.35 -2.13 -7.23
N VAL A 39 0.32 -2.05 -6.39
CA VAL A 39 -0.80 -2.99 -6.45
C VAL A 39 -1.44 -2.99 -7.83
N GLU A 40 -1.76 -1.80 -8.33
CA GLU A 40 -2.38 -1.66 -9.65
C GLU A 40 -1.85 -2.72 -10.61
N LEU A 41 -0.59 -2.57 -11.01
CA LEU A 41 0.03 -3.52 -11.92
C LEU A 41 -0.32 -4.96 -11.55
N LEU A 42 0.20 -5.41 -10.41
CA LEU A 42 -0.05 -6.76 -9.93
C LEU A 42 -1.54 -7.08 -9.95
N ILE A 43 -2.28 -6.44 -9.05
CA ILE A 43 -3.72 -6.65 -8.97
C ILE A 43 -4.34 -6.79 -10.36
N LYS A 44 -3.72 -6.16 -11.34
CA LYS A 44 -4.20 -6.21 -12.72
C LYS A 44 -3.85 -7.55 -13.36
N GLU A 45 -2.61 -7.99 -13.16
CA GLU A 45 -2.15 -9.25 -13.72
C GLU A 45 -2.70 -10.44 -12.93
N GLY A 46 -2.53 -10.40 -11.61
CA GLY A 46 -3.02 -11.47 -10.76
C GLY A 46 -2.50 -12.82 -11.18
N LEU A 47 -1.18 -12.94 -11.30
CA LEU A 47 -0.55 -14.19 -11.71
C LEU A 47 -0.31 -15.09 -10.49
N GLU A 48 -0.03 -14.48 -9.35
CA GLU A 48 0.21 -15.23 -8.12
C GLU A 48 0.80 -14.32 -7.05
N THR A 49 1.46 -13.24 -7.47
CA THR A 49 2.06 -12.30 -6.54
C THR A 49 1.20 -12.11 -5.31
N ALA A 50 -0.11 -12.30 -5.47
CA ALA A 50 -1.05 -12.15 -4.36
C ALA A 50 -0.98 -10.74 -3.78
N ILE A 51 -0.29 -9.84 -4.47
CA ILE A 51 -0.15 -8.46 -4.02
C ILE A 51 0.01 -8.40 -2.51
N SER A 52 1.26 -8.50 -2.04
CA SER A 52 1.55 -8.45 -0.62
C SER A 52 2.14 -7.10 -0.23
N CYS A 53 2.03 -6.76 1.05
CA CYS A 53 2.55 -5.49 1.55
C CYS A 53 3.81 -5.08 0.79
N PRO A 54 3.88 -3.79 0.41
CA PRO A 54 5.02 -3.25 -0.32
C PRO A 54 6.28 -3.16 0.54
N ASP A 55 6.16 -3.60 1.80
CA ASP A 55 7.29 -3.58 2.71
C ASP A 55 8.36 -4.58 2.29
N ALA A 56 9.57 -4.42 2.83
CA ALA A 56 10.67 -5.31 2.51
C ALA A 56 10.92 -6.30 3.63
N ALA A 57 9.89 -6.53 4.46
CA ALA A 57 10.01 -7.46 5.58
C ALA A 57 8.90 -7.22 6.60
N CYS A 58 7.70 -6.96 6.11
CA CYS A 58 6.55 -6.71 6.97
C CYS A 58 6.46 -7.77 8.07
N PRO A 59 6.22 -7.32 9.31
CA PRO A 59 6.10 -8.21 10.47
C PRO A 59 4.83 -9.06 10.42
N LYS A 60 3.92 -8.70 9.52
CA LYS A 60 2.67 -9.43 9.37
C LYS A 60 2.45 -9.85 7.93
N GLN A 61 3.31 -9.35 7.03
CA GLN A 61 3.20 -9.67 5.62
C GLN A 61 1.74 -9.83 5.20
N GLY A 62 1.00 -8.73 5.25
CA GLY A 62 -0.40 -8.76 4.87
C GLY A 62 -0.60 -8.69 3.37
N HIS A 63 -1.63 -9.37 2.88
CA HIS A 63 -1.92 -9.40 1.45
C HIS A 63 -3.06 -8.44 1.12
N LEU A 64 -3.17 -8.07 -0.15
CA LEU A 64 -4.21 -7.16 -0.59
C LEU A 64 -5.29 -7.90 -1.39
N GLN A 65 -6.45 -7.27 -1.56
CA GLN A 65 -7.54 -7.87 -2.31
C GLN A 65 -7.45 -7.52 -3.78
N GLU A 66 -8.10 -8.34 -4.61
CA GLU A 66 -8.09 -8.12 -6.06
C GLU A 66 -9.28 -7.26 -6.49
N ASN A 67 -10.35 -7.29 -5.70
CA ASN A 67 -11.54 -6.52 -5.99
C ASN A 67 -11.46 -5.14 -5.34
N GLU A 68 -11.11 -5.11 -4.06
CA GLU A 68 -11.01 -3.86 -3.32
C GLU A 68 -10.01 -2.92 -3.98
N ILE A 69 -8.73 -3.31 -3.97
CA ILE A 69 -7.68 -2.51 -4.56
C ILE A 69 -8.10 -1.96 -5.92
N GLU A 70 -8.40 -2.86 -6.85
CA GLU A 70 -8.82 -2.47 -8.19
C GLU A 70 -10.00 -1.51 -8.12
N CYS A 71 -10.71 -1.52 -7.00
CA CYS A 71 -11.87 -0.66 -6.82
C CYS A 71 -11.44 0.79 -6.64
N MET A 72 -10.37 1.00 -5.90
CA MET A 72 -9.86 2.35 -5.67
C MET A 72 -9.09 2.86 -6.88
N VAL A 73 -9.16 2.12 -7.98
CA VAL A 73 -8.48 2.49 -9.21
C VAL A 73 -9.38 2.29 -10.43
N ALA A 74 -9.67 1.03 -10.72
CA ALA A 74 -10.53 0.69 -11.85
C ALA A 74 -11.99 0.68 -11.46
N ALA A 75 -12.33 1.48 -10.45
CA ALA A 75 -13.70 1.58 -9.97
C ALA A 75 -14.69 1.49 -11.14
N ALA A 1 3.57 20.96 15.10
CA ALA A 1 4.12 21.51 13.86
C ALA A 1 5.63 21.71 13.97
N LEU A 2 6.19 21.30 15.10
CA LEU A 2 7.63 21.44 15.33
C LEU A 2 8.38 20.22 14.79
N ASP A 3 7.68 19.38 14.05
CA ASP A 3 8.27 18.17 13.48
C ASP A 3 7.46 17.67 12.29
N PRO A 4 8.16 17.07 11.31
CA PRO A 4 7.52 16.54 10.11
C PRO A 4 6.68 15.30 10.40
N LEU A 5 6.04 14.78 9.35
CA LEU A 5 5.20 13.59 9.49
C LEU A 5 6.00 12.31 9.27
N VAL A 6 6.11 11.90 8.01
CA VAL A 6 6.85 10.70 7.66
C VAL A 6 6.09 9.44 8.06
N SER A 7 5.84 8.57 7.10
CA SER A 7 5.11 7.33 7.35
C SER A 7 5.40 6.31 6.25
N CYS A 8 5.00 6.63 5.03
CA CYS A 8 5.21 5.74 3.90
C CYS A 8 6.67 5.27 3.84
N LYS A 9 6.86 4.02 3.41
CA LYS A 9 8.20 3.46 3.30
C LYS A 9 8.58 3.24 1.85
N LEU A 10 7.58 3.21 0.97
CA LEU A 10 7.81 3.01 -0.45
C LEU A 10 8.60 4.17 -1.06
N CYS A 11 8.21 5.39 -0.69
CA CYS A 11 8.88 6.59 -1.18
C CYS A 11 9.46 7.40 -0.03
N LEU A 12 9.40 6.84 1.17
CA LEU A 12 9.94 7.51 2.35
C LEU A 12 9.45 8.95 2.42
N GLY A 13 8.32 9.22 1.78
CA GLY A 13 7.77 10.57 1.79
C GLY A 13 7.20 10.96 3.14
N GLU A 14 5.88 10.89 3.25
CA GLU A 14 5.21 11.25 4.50
C GLU A 14 3.69 11.28 4.32
N TYR A 15 3.19 12.40 3.81
CA TYR A 15 1.76 12.56 3.59
C TYR A 15 0.98 12.39 4.88
N PRO A 16 -0.15 13.10 4.99
CA PRO A 16 -1.01 13.05 6.18
C PRO A 16 -1.73 11.71 6.31
N VAL A 17 -2.11 11.37 7.54
CA VAL A 17 -2.79 10.11 7.81
C VAL A 17 -4.08 10.01 7.00
N GLU A 18 -4.53 11.14 6.47
CA GLU A 18 -5.76 11.18 5.67
C GLU A 18 -5.43 11.09 4.18
N GLN A 19 -4.18 10.79 3.87
CA GLN A 19 -3.74 10.68 2.49
C GLN A 19 -3.19 9.28 2.20
N MET A 20 -2.88 8.55 3.25
CA MET A 20 -2.34 7.19 3.11
C MET A 20 -3.47 6.17 3.08
N THR A 21 -3.10 4.91 2.81
CA THR A 21 -4.08 3.84 2.74
C THR A 21 -3.58 2.59 3.46
N THR A 22 -4.46 1.97 4.24
CA THR A 22 -4.11 0.76 4.98
C THR A 22 -4.08 -0.45 4.08
N ILE A 23 -3.06 -1.29 4.25
CA ILE A 23 -2.93 -2.50 3.44
C ILE A 23 -4.22 -3.30 3.43
N ALA A 24 -4.39 -4.16 4.44
CA ALA A 24 -5.59 -4.99 4.54
C ALA A 24 -5.36 -6.16 5.49
N GLN A 25 -4.09 -6.50 5.70
CA GLN A 25 -3.74 -7.62 6.58
C GLN A 25 -2.81 -7.15 7.70
N CYS A 26 -1.70 -6.53 7.32
CA CYS A 26 -0.73 -6.04 8.28
C CYS A 26 -1.16 -4.69 8.86
N GLN A 27 -1.88 -3.92 8.05
CA GLN A 27 -2.36 -2.62 8.48
C GLN A 27 -1.23 -1.59 8.49
N CYS A 28 -0.47 -1.56 7.40
CA CYS A 28 0.65 -0.63 7.27
C CYS A 28 0.19 0.68 6.66
N ILE A 29 1.13 1.61 6.48
CA ILE A 29 0.83 2.91 5.91
C ILE A 29 1.58 3.13 4.60
N PHE A 30 0.85 3.45 3.55
CA PHE A 30 1.45 3.68 2.23
C PHE A 30 0.60 4.63 1.40
N CYS A 31 1.19 5.76 1.01
CA CYS A 31 0.48 6.76 0.22
C CYS A 31 -0.06 6.14 -1.07
N THR A 32 -1.36 6.30 -1.29
CA THR A 32 -2.00 5.75 -2.49
C THR A 32 -1.05 5.80 -3.68
N LEU A 33 -0.46 6.96 -3.93
CA LEU A 33 0.46 7.12 -5.05
C LEU A 33 1.41 5.94 -5.14
N CYS A 34 1.99 5.54 -4.01
CA CYS A 34 2.92 4.42 -3.98
C CYS A 34 2.16 3.09 -3.96
N LEU A 35 1.30 2.92 -2.95
CA LEU A 35 0.52 1.70 -2.83
C LEU A 35 -0.31 1.45 -4.07
N LYS A 36 -0.40 2.45 -4.93
CA LYS A 36 -1.16 2.34 -6.18
C LYS A 36 -0.27 1.87 -7.33
N GLN A 37 0.62 2.75 -7.77
CA GLN A 37 1.54 2.41 -8.86
C GLN A 37 2.08 1.00 -8.71
N TYR A 38 2.08 0.50 -7.48
CA TYR A 38 2.57 -0.84 -7.20
C TYR A 38 1.48 -1.89 -7.45
N VAL A 39 0.45 -1.87 -6.61
CA VAL A 39 -0.66 -2.81 -6.74
C VAL A 39 -1.32 -2.69 -8.11
N GLU A 40 -1.64 -1.47 -8.50
CA GLU A 40 -2.27 -1.22 -9.80
C GLU A 40 -1.59 -2.03 -10.90
N LEU A 41 -0.30 -2.28 -10.72
CA LEU A 41 0.47 -3.03 -11.70
C LEU A 41 0.24 -4.53 -11.54
N LEU A 42 0.27 -5.00 -10.29
CA LEU A 42 0.05 -6.42 -10.01
C LEU A 42 -1.44 -6.73 -9.91
N ILE A 43 -2.11 -6.10 -8.96
CA ILE A 43 -3.54 -6.32 -8.77
C ILE A 43 -4.26 -6.45 -10.10
N LYS A 44 -3.69 -5.86 -11.14
CA LYS A 44 -4.28 -5.91 -12.48
C LYS A 44 -4.05 -7.28 -13.11
N GLU A 45 -2.82 -7.77 -13.04
CA GLU A 45 -2.48 -9.07 -13.61
C GLU A 45 -3.12 -10.20 -12.81
N GLY A 46 -2.63 -10.41 -11.59
CA GLY A 46 -3.17 -11.46 -10.74
C GLY A 46 -2.75 -12.84 -11.21
N LEU A 47 -1.46 -13.14 -11.12
CA LEU A 47 -0.94 -14.43 -11.53
C LEU A 47 -0.57 -15.28 -10.32
N GLU A 48 -0.25 -14.61 -9.22
CA GLU A 48 0.13 -15.30 -7.99
C GLU A 48 0.70 -14.32 -6.97
N THR A 49 1.34 -13.27 -7.46
CA THR A 49 1.94 -12.26 -6.60
C THR A 49 1.06 -12.00 -5.38
N ALA A 50 -0.24 -12.22 -5.53
CA ALA A 50 -1.19 -12.00 -4.44
C ALA A 50 -1.05 -10.61 -3.85
N ILE A 51 -0.37 -9.73 -4.58
CA ILE A 51 -0.16 -8.36 -4.14
C ILE A 51 0.00 -8.29 -2.62
N SER A 52 1.23 -8.50 -2.16
CA SER A 52 1.52 -8.46 -0.73
C SER A 52 2.13 -7.12 -0.33
N CYS A 53 2.04 -6.81 0.97
CA CYS A 53 2.59 -5.56 1.48
C CYS A 53 3.84 -5.14 0.71
N PRO A 54 3.93 -3.86 0.36
CA PRO A 54 5.07 -3.32 -0.38
C PRO A 54 6.34 -3.27 0.48
N ASP A 55 6.25 -3.78 1.70
CA ASP A 55 7.38 -3.79 2.61
C ASP A 55 8.12 -5.13 2.53
N ALA A 56 9.39 -5.08 2.19
CA ALA A 56 10.21 -6.29 2.09
C ALA A 56 10.76 -6.70 3.45
N ALA A 57 10.03 -6.34 4.50
CA ALA A 57 10.45 -6.67 5.86
C ALA A 57 9.30 -6.53 6.84
N CYS A 58 8.09 -6.74 6.36
CA CYS A 58 6.90 -6.63 7.20
C CYS A 58 6.84 -7.76 8.21
N PRO A 59 6.54 -7.40 9.48
CA PRO A 59 6.45 -8.37 10.57
C PRO A 59 5.24 -9.28 10.44
N LYS A 60 4.28 -8.87 9.61
CA LYS A 60 3.06 -9.65 9.40
C LYS A 60 2.84 -9.90 7.91
N GLN A 61 3.60 -9.20 7.07
CA GLN A 61 3.49 -9.36 5.63
C GLN A 61 2.04 -9.64 5.22
N GLY A 62 1.19 -8.63 5.36
CA GLY A 62 -0.21 -8.78 5.00
C GLY A 62 -0.43 -8.72 3.50
N HIS A 63 -1.40 -9.49 3.02
CA HIS A 63 -1.72 -9.52 1.60
C HIS A 63 -2.82 -8.52 1.26
N LEU A 64 -2.94 -8.18 -0.01
CA LEU A 64 -3.95 -7.23 -0.48
C LEU A 64 -5.02 -7.93 -1.30
N GLN A 65 -6.19 -7.31 -1.39
CA GLN A 65 -7.30 -7.88 -2.15
C GLN A 65 -7.22 -7.45 -3.61
N GLU A 66 -7.86 -8.23 -4.48
CA GLU A 66 -7.87 -7.93 -5.91
C GLU A 66 -9.07 -7.06 -6.28
N ASN A 67 -10.11 -7.12 -5.47
CA ASN A 67 -11.31 -6.33 -5.71
C ASN A 67 -11.23 -4.97 -5.03
N GLU A 68 -10.94 -4.99 -3.73
CA GLU A 68 -10.82 -3.75 -2.96
C GLU A 68 -9.83 -2.80 -3.60
N ILE A 69 -8.60 -3.26 -3.76
CA ILE A 69 -7.55 -2.44 -4.36
C ILE A 69 -8.00 -1.86 -5.69
N GLU A 70 -8.31 -2.74 -6.65
CA GLU A 70 -8.76 -2.32 -7.97
C GLU A 70 -9.96 -1.37 -7.85
N CYS A 71 -10.65 -1.42 -6.72
CA CYS A 71 -11.81 -0.58 -6.48
C CYS A 71 -11.40 0.85 -6.20
N MET A 72 -10.19 1.02 -5.69
CA MET A 72 -9.66 2.34 -5.37
C MET A 72 -8.88 2.92 -6.55
N VAL A 73 -8.80 2.16 -7.63
CA VAL A 73 -8.08 2.59 -8.82
C VAL A 73 -8.91 2.36 -10.08
N ALA A 74 -9.31 1.12 -10.30
CA ALA A 74 -10.10 0.76 -11.47
C ALA A 74 -11.60 0.77 -11.13
N ALA A 75 -11.98 1.59 -10.16
CA ALA A 75 -13.37 1.69 -9.74
C ALA A 75 -14.30 1.74 -10.95
N ALA A 1 3.76 9.81 19.80
CA ALA A 1 3.30 11.12 20.27
C ALA A 1 3.96 12.25 19.49
N LEU A 2 5.25 12.08 19.18
CA LEU A 2 5.99 13.09 18.44
C LEU A 2 6.17 12.68 16.98
N ASP A 3 5.10 12.16 16.38
CA ASP A 3 5.14 11.73 14.99
C ASP A 3 4.08 12.44 14.17
N PRO A 4 4.32 13.73 13.86
CA PRO A 4 3.40 14.55 13.08
C PRO A 4 3.33 14.11 11.62
N LEU A 5 4.48 13.82 11.03
CA LEU A 5 4.54 13.39 9.65
C LEU A 5 5.47 12.18 9.49
N VAL A 6 5.56 11.66 8.27
CA VAL A 6 6.41 10.52 7.98
C VAL A 6 5.70 9.21 8.31
N SER A 7 5.32 8.48 7.26
CA SER A 7 4.63 7.21 7.43
C SER A 7 5.05 6.21 6.35
N CYS A 8 4.80 6.57 5.09
CA CYS A 8 5.16 5.71 3.97
C CYS A 8 6.63 5.33 4.02
N LYS A 9 6.97 4.18 3.44
CA LYS A 9 8.34 3.70 3.41
C LYS A 9 8.72 3.19 2.02
N LEU A 10 8.11 3.78 1.01
CA LEU A 10 8.38 3.39 -0.38
C LEU A 10 8.95 4.56 -1.18
N CYS A 11 8.53 5.77 -0.82
CA CYS A 11 8.99 6.98 -1.49
C CYS A 11 9.71 7.90 -0.52
N LEU A 12 9.89 7.44 0.70
CA LEU A 12 10.57 8.23 1.73
C LEU A 12 9.83 9.53 1.99
N GLY A 13 8.51 9.52 1.77
CA GLY A 13 7.72 10.71 1.97
C GLY A 13 7.06 10.72 3.34
N GLU A 14 5.94 11.43 3.45
CA GLU A 14 5.21 11.53 4.71
C GLU A 14 3.70 11.47 4.47
N TYR A 15 3.16 12.56 3.93
CA TYR A 15 1.73 12.64 3.66
C TYR A 15 0.92 12.45 4.94
N PRO A 16 -0.25 13.10 5.01
CA PRO A 16 -1.15 13.01 6.17
C PRO A 16 -1.79 11.64 6.30
N VAL A 17 -2.58 11.46 7.35
CA VAL A 17 -3.26 10.19 7.60
C VAL A 17 -4.50 10.06 6.72
N GLU A 18 -4.91 11.16 6.12
CA GLU A 18 -6.10 11.17 5.26
C GLU A 18 -5.70 11.00 3.79
N GLN A 19 -4.39 10.89 3.54
CA GLN A 19 -3.89 10.72 2.19
C GLN A 19 -3.35 9.31 1.98
N MET A 20 -3.10 8.61 3.08
CA MET A 20 -2.58 7.25 3.02
C MET A 20 -3.71 6.23 3.10
N THR A 21 -3.39 4.97 2.85
CA THR A 21 -4.38 3.89 2.89
C THR A 21 -3.81 2.64 3.52
N THR A 22 -4.60 2.00 4.38
CA THR A 22 -4.17 0.78 5.06
C THR A 22 -4.01 -0.37 4.08
N ILE A 23 -3.35 -1.43 4.52
CA ILE A 23 -3.13 -2.60 3.68
C ILE A 23 -4.37 -3.47 3.61
N ALA A 24 -4.51 -4.37 4.58
CA ALA A 24 -5.65 -5.27 4.63
C ALA A 24 -5.37 -6.46 5.54
N GLN A 25 -4.09 -6.74 5.76
CA GLN A 25 -3.70 -7.87 6.60
C GLN A 25 -2.77 -7.41 7.73
N CYS A 26 -1.67 -6.77 7.35
CA CYS A 26 -0.71 -6.27 8.33
C CYS A 26 -1.17 -4.94 8.92
N GLN A 27 -1.90 -4.17 8.13
CA GLN A 27 -2.42 -2.88 8.58
C GLN A 27 -1.31 -1.82 8.55
N CYS A 28 -0.60 -1.75 7.43
CA CYS A 28 0.48 -0.79 7.28
C CYS A 28 -0.03 0.51 6.67
N ILE A 29 0.87 1.46 6.48
CA ILE A 29 0.51 2.75 5.90
C ILE A 29 1.37 3.07 4.68
N PHE A 30 0.72 3.42 3.57
CA PHE A 30 1.42 3.75 2.33
C PHE A 30 0.59 4.71 1.48
N CYS A 31 1.25 5.77 1.01
CA CYS A 31 0.57 6.76 0.18
C CYS A 31 0.00 6.12 -1.08
N THR A 32 -1.28 6.40 -1.33
CA THR A 32 -1.96 5.84 -2.51
C THR A 32 -1.00 5.73 -3.69
N LEU A 33 -0.30 6.81 -3.99
CA LEU A 33 0.65 6.82 -5.09
C LEU A 33 1.41 5.50 -5.17
N CYS A 34 2.27 5.26 -4.18
CA CYS A 34 3.05 4.03 -4.13
C CYS A 34 2.15 2.80 -4.09
N LEU A 35 1.37 2.68 -3.02
CA LEU A 35 0.46 1.55 -2.85
C LEU A 35 -0.35 1.33 -4.11
N LYS A 36 -0.43 2.36 -4.96
CA LYS A 36 -1.18 2.26 -6.21
C LYS A 36 -0.29 1.75 -7.34
N GLN A 37 0.65 2.59 -7.78
CA GLN A 37 1.55 2.22 -8.85
C GLN A 37 2.11 0.82 -8.64
N TYR A 38 2.07 0.36 -7.39
CA TYR A 38 2.57 -0.97 -7.05
C TYR A 38 1.53 -2.04 -7.35
N VAL A 39 0.36 -1.90 -6.75
CA VAL A 39 -0.73 -2.85 -6.95
C VAL A 39 -1.35 -2.70 -8.34
N GLU A 40 -1.72 -1.47 -8.69
CA GLU A 40 -2.31 -1.20 -9.98
C GLU A 40 -1.64 -2.02 -11.08
N LEU A 41 -0.36 -2.29 -10.91
CA LEU A 41 0.41 -3.06 -11.87
C LEU A 41 0.22 -4.56 -11.64
N LEU A 42 0.18 -4.96 -10.38
CA LEU A 42 0.01 -6.36 -10.02
C LEU A 42 -1.48 -6.72 -9.92
N ILE A 43 -2.16 -6.10 -8.97
CA ILE A 43 -3.58 -6.35 -8.77
C ILE A 43 -4.31 -6.52 -10.10
N LYS A 44 -3.75 -5.92 -11.15
CA LYS A 44 -4.33 -6.00 -12.49
C LYS A 44 -4.05 -7.36 -13.11
N GLU A 45 -2.81 -7.83 -12.98
CA GLU A 45 -2.43 -9.12 -13.53
C GLU A 45 -2.93 -10.27 -12.66
N GLY A 46 -2.67 -10.17 -11.36
CA GLY A 46 -3.11 -11.20 -10.44
C GLY A 46 -2.78 -12.60 -10.93
N LEU A 47 -1.51 -12.85 -11.20
CA LEU A 47 -1.07 -14.15 -11.69
C LEU A 47 -0.70 -15.06 -10.53
N GLU A 48 -0.37 -14.47 -9.39
CA GLU A 48 0.00 -15.24 -8.20
C GLU A 48 0.65 -14.34 -7.15
N THR A 49 1.24 -13.24 -7.61
CA THR A 49 1.91 -12.31 -6.71
C THR A 49 1.09 -12.09 -5.44
N ALA A 50 -0.22 -12.29 -5.54
CA ALA A 50 -1.10 -12.12 -4.40
C ALA A 50 -0.97 -10.72 -3.80
N ILE A 51 -0.31 -9.84 -4.53
CA ILE A 51 -0.12 -8.47 -4.07
C ILE A 51 0.05 -8.42 -2.55
N SER A 52 1.30 -8.59 -2.11
CA SER A 52 1.60 -8.57 -0.67
C SER A 52 2.23 -7.24 -0.28
N CYS A 53 2.15 -6.91 1.01
CA CYS A 53 2.70 -5.68 1.52
C CYS A 53 3.98 -5.29 0.78
N PRO A 54 4.09 -4.01 0.42
CA PRO A 54 5.25 -3.49 -0.32
C PRO A 54 6.51 -3.46 0.55
N ASP A 55 6.39 -3.96 1.78
CA ASP A 55 7.52 -3.98 2.70
C ASP A 55 7.93 -5.42 3.00
N ALA A 56 8.69 -6.02 2.08
CA ALA A 56 9.14 -7.39 2.24
C ALA A 56 9.69 -7.63 3.64
N ALA A 57 10.07 -6.54 4.32
CA ALA A 57 10.61 -6.62 5.67
C ALA A 57 9.52 -6.38 6.71
N CYS A 58 8.28 -6.66 6.33
CA CYS A 58 7.14 -6.47 7.23
C CYS A 58 7.05 -7.63 8.22
N PRO A 59 6.84 -7.29 9.51
CA PRO A 59 6.72 -8.28 10.57
C PRO A 59 5.43 -9.09 10.48
N LYS A 60 4.52 -8.63 9.62
CA LYS A 60 3.24 -9.31 9.43
C LYS A 60 3.03 -9.69 7.97
N GLN A 61 3.74 -8.99 7.08
CA GLN A 61 3.63 -9.25 5.65
C GLN A 61 2.21 -9.64 5.27
N GLY A 62 1.30 -8.68 5.32
CA GLY A 62 -0.09 -8.95 4.98
C GLY A 62 -0.35 -8.86 3.49
N HIS A 63 -1.32 -9.64 3.02
CA HIS A 63 -1.66 -9.66 1.60
C HIS A 63 -2.78 -8.65 1.31
N LEU A 64 -2.92 -8.29 0.04
CA LEU A 64 -3.95 -7.35 -0.38
C LEU A 64 -5.01 -8.04 -1.24
N GLN A 65 -6.14 -7.35 -1.44
CA GLN A 65 -7.22 -7.90 -2.25
C GLN A 65 -7.21 -7.30 -3.65
N GLU A 66 -7.97 -7.91 -4.55
CA GLU A 66 -8.05 -7.44 -5.93
C GLU A 66 -9.19 -6.43 -6.11
N ASN A 67 -10.39 -6.85 -5.74
CA ASN A 67 -11.56 -5.99 -5.86
C ASN A 67 -11.39 -4.72 -5.02
N GLU A 68 -11.09 -4.90 -3.74
CA GLU A 68 -10.90 -3.78 -2.84
C GLU A 68 -9.87 -2.80 -3.39
N ILE A 69 -8.67 -3.31 -3.66
CA ILE A 69 -7.59 -2.48 -4.19
C ILE A 69 -7.99 -1.86 -5.53
N GLU A 70 -8.24 -2.71 -6.52
CA GLU A 70 -8.63 -2.23 -7.84
C GLU A 70 -9.74 -1.20 -7.74
N CYS A 71 -10.53 -1.28 -6.68
CA CYS A 71 -11.64 -0.34 -6.47
C CYS A 71 -11.11 1.05 -6.19
N MET A 72 -10.03 1.14 -5.43
CA MET A 72 -9.43 2.43 -5.09
C MET A 72 -8.58 2.96 -6.25
N VAL A 73 -8.70 2.31 -7.40
CA VAL A 73 -7.95 2.72 -8.59
C VAL A 73 -8.79 2.55 -9.86
N ALA A 74 -9.02 1.29 -10.24
CA ALA A 74 -9.80 0.98 -11.42
C ALA A 74 -11.27 0.76 -11.07
N ALA A 75 -11.89 1.76 -10.47
CA ALA A 75 -13.29 1.68 -10.08
C ALA A 75 -14.09 0.85 -11.08
N ALA A 1 11.82 17.01 19.91
CA ALA A 1 12.51 16.09 19.00
C ALA A 1 11.52 15.20 18.26
N LEU A 2 10.54 14.69 18.99
CA LEU A 2 9.52 13.82 18.39
C LEU A 2 9.21 14.25 16.96
N ASP A 3 8.88 13.28 16.11
CA ASP A 3 8.55 13.55 14.73
C ASP A 3 8.16 12.27 13.99
N PRO A 4 7.01 11.71 14.38
CA PRO A 4 6.49 10.48 13.77
C PRO A 4 6.03 10.69 12.34
N LEU A 5 6.97 10.99 11.45
CA LEU A 5 6.66 11.21 10.04
C LEU A 5 7.35 10.19 9.16
N VAL A 6 7.35 10.44 7.85
CA VAL A 6 7.99 9.54 6.90
C VAL A 6 7.65 8.09 7.21
N SER A 7 6.38 7.74 7.06
CA SER A 7 5.92 6.38 7.33
C SER A 7 6.10 5.49 6.09
N CYS A 8 5.37 5.82 5.03
CA CYS A 8 5.46 5.05 3.79
C CYS A 8 6.88 4.54 3.56
N LYS A 9 6.98 3.29 3.13
CA LYS A 9 8.28 2.66 2.88
C LYS A 9 8.51 2.50 1.38
N LEU A 10 7.77 3.25 0.58
CA LEU A 10 7.89 3.19 -0.87
C LEU A 10 8.51 4.48 -1.42
N CYS A 11 8.33 5.57 -0.70
CA CYS A 11 8.86 6.86 -1.11
C CYS A 11 9.47 7.60 0.08
N LEU A 12 9.52 6.93 1.22
CA LEU A 12 10.09 7.53 2.43
C LEU A 12 9.76 9.02 2.51
N GLY A 13 8.47 9.34 2.62
CA GLY A 13 8.06 10.72 2.71
C GLY A 13 6.94 10.93 3.71
N GLU A 14 6.96 12.08 4.37
CA GLU A 14 5.93 12.41 5.36
C GLU A 14 4.64 12.84 4.69
N TYR A 15 3.56 12.15 5.01
CA TYR A 15 2.25 12.46 4.44
C TYR A 15 1.14 12.26 5.46
N PRO A 16 0.06 13.05 5.32
CA PRO A 16 -1.09 12.96 6.22
C PRO A 16 -1.89 11.68 6.03
N VAL A 17 -2.74 11.36 7.02
CA VAL A 17 -3.56 10.16 6.96
C VAL A 17 -4.60 10.25 5.85
N GLU A 18 -4.90 11.48 5.44
CA GLU A 18 -5.89 11.71 4.38
C GLU A 18 -5.24 11.64 3.00
N GLN A 19 -4.16 10.86 2.90
CA GLN A 19 -3.45 10.70 1.64
C GLN A 19 -2.77 9.34 1.56
N MET A 20 -3.18 8.43 2.43
CA MET A 20 -2.61 7.09 2.46
C MET A 20 -3.70 6.03 2.52
N THR A 21 -3.30 4.76 2.44
CA THR A 21 -4.24 3.66 2.49
C THR A 21 -3.70 2.49 3.31
N THR A 22 -4.57 1.80 4.02
CA THR A 22 -4.18 0.67 4.85
C THR A 22 -4.18 -0.62 4.04
N ILE A 23 -3.12 -1.41 4.19
CA ILE A 23 -3.00 -2.68 3.48
C ILE A 23 -4.25 -3.53 3.64
N ALA A 24 -4.84 -3.48 4.84
CA ALA A 24 -6.05 -4.23 5.13
C ALA A 24 -5.71 -5.67 5.52
N GLN A 25 -4.54 -5.86 6.09
CA GLN A 25 -4.10 -7.19 6.50
C GLN A 25 -3.00 -7.10 7.56
N CYS A 26 -1.89 -6.46 7.21
CA CYS A 26 -0.78 -6.31 8.13
C CYS A 26 -0.90 -5.00 8.90
N GLN A 27 -1.89 -4.19 8.55
CA GLN A 27 -2.10 -2.90 9.21
C GLN A 27 -0.90 -1.98 9.01
N CYS A 28 -0.67 -1.59 7.77
CA CYS A 28 0.44 -0.71 7.44
C CYS A 28 -0.06 0.61 6.85
N ILE A 29 0.88 1.48 6.48
CA ILE A 29 0.52 2.77 5.91
C ILE A 29 1.39 3.08 4.69
N PHE A 30 0.73 3.44 3.59
CA PHE A 30 1.43 3.76 2.35
C PHE A 30 0.62 4.73 1.50
N CYS A 31 1.26 5.81 1.07
CA CYS A 31 0.60 6.80 0.24
C CYS A 31 0.01 6.18 -1.02
N THR A 32 -1.27 6.45 -1.27
CA THR A 32 -1.95 5.91 -2.44
C THR A 32 -1.01 5.79 -3.62
N LEU A 33 -0.30 6.87 -3.92
CA LEU A 33 0.65 6.89 -5.03
C LEU A 33 1.40 5.55 -5.12
N CYS A 34 2.25 5.30 -4.14
CA CYS A 34 3.03 4.06 -4.11
C CYS A 34 2.11 2.85 -3.99
N LEU A 35 1.42 2.75 -2.87
CA LEU A 35 0.50 1.64 -2.61
C LEU A 35 -0.34 1.35 -3.85
N LYS A 36 -0.47 2.35 -4.73
CA LYS A 36 -1.25 2.19 -5.95
C LYS A 36 -0.36 1.72 -7.10
N GLN A 37 0.50 2.62 -7.58
CA GLN A 37 1.40 2.30 -8.68
C GLN A 37 2.00 0.90 -8.50
N TYR A 38 2.03 0.43 -7.26
CA TYR A 38 2.57 -0.89 -6.97
C TYR A 38 1.55 -1.98 -7.26
N VAL A 39 0.38 -1.87 -6.64
CA VAL A 39 -0.69 -2.85 -6.83
C VAL A 39 -1.38 -2.64 -8.17
N GLU A 40 -1.81 -1.41 -8.43
CA GLU A 40 -2.50 -1.08 -9.67
C GLU A 40 -1.93 -1.88 -10.83
N LEU A 41 -0.63 -2.18 -10.77
CA LEU A 41 0.05 -2.94 -11.81
C LEU A 41 -0.14 -4.43 -11.60
N LEU A 42 0.02 -4.88 -10.36
CA LEU A 42 -0.13 -6.28 -10.02
C LEU A 42 -1.61 -6.67 -9.90
N ILE A 43 -2.29 -6.08 -8.93
CA ILE A 43 -3.71 -6.35 -8.72
C ILE A 43 -4.44 -6.49 -10.04
N LYS A 44 -3.93 -5.84 -11.07
CA LYS A 44 -4.53 -5.90 -12.40
C LYS A 44 -4.26 -7.24 -13.06
N GLU A 45 -3.01 -7.71 -12.97
CA GLU A 45 -2.62 -8.98 -13.56
C GLU A 45 -3.20 -10.14 -12.76
N GLY A 46 -2.63 -10.38 -11.57
CA GLY A 46 -3.09 -11.47 -10.74
C GLY A 46 -2.62 -12.82 -11.22
N LEU A 47 -1.31 -12.96 -11.40
CA LEU A 47 -0.73 -14.21 -11.87
C LEU A 47 -0.33 -15.09 -10.69
N GLU A 48 0.05 -14.47 -9.59
CA GLU A 48 0.45 -15.21 -8.39
C GLU A 48 1.03 -14.26 -7.35
N THR A 49 1.58 -13.14 -7.81
CA THR A 49 2.18 -12.16 -6.91
C THR A 49 1.35 -11.97 -5.66
N ALA A 50 0.06 -12.28 -5.76
CA ALA A 50 -0.85 -12.15 -4.63
C ALA A 50 -0.74 -10.77 -3.98
N ILE A 51 -0.15 -9.84 -4.71
CA ILE A 51 0.03 -8.47 -4.20
C ILE A 51 0.27 -8.48 -2.71
N SER A 52 1.54 -8.62 -2.32
CA SER A 52 1.91 -8.63 -0.91
C SER A 52 2.45 -7.28 -0.48
N CYS A 53 2.25 -6.95 0.80
CA CYS A 53 2.73 -5.68 1.34
C CYS A 53 4.05 -5.25 0.68
N PRO A 54 4.14 -3.97 0.31
CA PRO A 54 5.33 -3.41 -0.33
C PRO A 54 6.52 -3.33 0.62
N ASP A 55 6.30 -3.76 1.86
CA ASP A 55 7.36 -3.73 2.87
C ASP A 55 7.90 -5.13 3.13
N ALA A 56 8.83 -5.56 2.27
CA ALA A 56 9.44 -6.88 2.40
C ALA A 56 9.90 -7.14 3.83
N ALA A 57 10.09 -6.05 4.58
CA ALA A 57 10.54 -6.15 5.97
C ALA A 57 9.38 -6.02 6.93
N CYS A 58 8.18 -6.35 6.46
CA CYS A 58 6.98 -6.27 7.29
C CYS A 58 6.92 -7.42 8.28
N PRO A 59 6.61 -7.10 9.54
CA PRO A 59 6.52 -8.09 10.61
C PRO A 59 5.30 -9.02 10.44
N LYS A 60 4.39 -8.62 9.56
CA LYS A 60 3.20 -9.41 9.31
C LYS A 60 3.13 -9.84 7.85
N GLN A 61 3.77 -9.06 6.97
CA GLN A 61 3.77 -9.35 5.55
C GLN A 61 2.40 -9.83 5.08
N GLY A 62 1.42 -8.95 5.15
CA GLY A 62 0.08 -9.31 4.73
C GLY A 62 -0.14 -9.13 3.24
N HIS A 63 -1.21 -9.71 2.72
CA HIS A 63 -1.53 -9.61 1.30
C HIS A 63 -2.62 -8.57 1.06
N LEU A 64 -2.90 -8.29 -0.21
CA LEU A 64 -3.91 -7.31 -0.58
C LEU A 64 -5.06 -7.98 -1.35
N GLN A 65 -6.20 -7.31 -1.38
CA GLN A 65 -7.37 -7.84 -2.08
C GLN A 65 -7.37 -7.39 -3.54
N GLU A 66 -7.98 -8.20 -4.40
CA GLU A 66 -8.05 -7.90 -5.82
C GLU A 66 -9.24 -7.00 -6.12
N ASN A 67 -10.24 -7.02 -5.24
CA ASN A 67 -11.44 -6.22 -5.41
C ASN A 67 -11.28 -4.86 -4.72
N GLU A 68 -10.99 -4.90 -3.42
CA GLU A 68 -10.81 -3.68 -2.66
C GLU A 68 -9.83 -2.72 -3.34
N ILE A 69 -8.61 -3.21 -3.57
CA ILE A 69 -7.57 -2.41 -4.22
C ILE A 69 -8.07 -1.87 -5.56
N GLU A 70 -8.31 -2.76 -6.50
CA GLU A 70 -8.78 -2.37 -7.82
C GLU A 70 -9.97 -1.42 -7.72
N CYS A 71 -10.74 -1.56 -6.65
CA CYS A 71 -11.91 -0.71 -6.42
C CYS A 71 -11.49 0.73 -6.14
N MET A 72 -10.32 0.88 -5.51
CA MET A 72 -9.80 2.20 -5.18
C MET A 72 -9.04 2.80 -6.35
N VAL A 73 -9.09 2.12 -7.49
CA VAL A 73 -8.41 2.60 -8.69
C VAL A 73 -9.25 2.33 -9.93
N ALA A 74 -9.44 1.07 -10.26
CA ALA A 74 -10.22 0.67 -11.43
C ALA A 74 -11.71 0.66 -11.11
N ALA A 75 -12.14 1.59 -10.25
CA ALA A 75 -13.55 1.68 -9.88
C ALA A 75 -14.46 1.34 -11.04
N ALA A 1 0.69 9.13 13.67
CA ALA A 1 1.27 10.17 12.82
C ALA A 1 0.47 11.46 12.91
N LEU A 2 1.05 12.47 13.56
CA LEU A 2 0.40 13.76 13.71
C LEU A 2 1.42 14.88 13.85
N ASP A 3 2.11 14.91 14.98
CA ASP A 3 3.13 15.93 15.23
C ASP A 3 4.27 15.81 14.23
N PRO A 4 5.01 14.70 14.29
CA PRO A 4 6.14 14.45 13.40
C PRO A 4 5.70 14.20 11.96
N LEU A 5 6.64 13.79 11.12
CA LEU A 5 6.34 13.51 9.71
C LEU A 5 6.93 12.17 9.28
N VAL A 6 7.02 11.96 7.98
CA VAL A 6 7.57 10.72 7.44
C VAL A 6 6.75 9.52 7.89
N SER A 7 6.18 8.80 6.92
CA SER A 7 5.36 7.62 7.23
C SER A 7 5.63 6.51 6.22
N CYS A 8 5.17 6.71 4.99
CA CYS A 8 5.35 5.73 3.93
C CYS A 8 6.78 5.21 3.91
N LYS A 9 6.97 4.01 3.36
CA LYS A 9 8.30 3.40 3.28
C LYS A 9 8.62 3.01 1.84
N LEU A 10 7.99 3.67 0.90
CA LEU A 10 8.20 3.39 -0.52
C LEU A 10 8.68 4.63 -1.25
N CYS A 11 8.55 5.79 -0.61
CA CYS A 11 8.97 7.05 -1.19
C CYS A 11 9.60 7.96 -0.14
N LEU A 12 9.06 7.91 1.07
CA LEU A 12 9.57 8.73 2.17
C LEU A 12 9.45 10.22 1.84
N GLY A 13 8.23 10.67 1.56
CA GLY A 13 8.00 12.06 1.23
C GLY A 13 7.33 12.82 2.37
N GLU A 14 6.75 12.08 3.31
CA GLU A 14 6.07 12.68 4.44
C GLU A 14 4.65 13.08 4.08
N TYR A 15 3.68 12.46 4.75
CA TYR A 15 2.27 12.74 4.49
C TYR A 15 1.41 12.39 5.70
N PRO A 16 0.28 13.10 5.85
CA PRO A 16 -0.65 12.88 6.97
C PRO A 16 -1.38 11.54 6.85
N VAL A 17 -1.89 11.06 7.97
CA VAL A 17 -2.62 9.79 8.00
C VAL A 17 -3.88 9.86 7.15
N GLU A 18 -4.19 11.06 6.66
CA GLU A 18 -5.37 11.27 5.84
C GLU A 18 -5.01 11.23 4.35
N GLN A 19 -3.72 11.00 4.07
CA GLN A 19 -3.25 10.95 2.69
C GLN A 19 -2.71 9.57 2.36
N MET A 20 -2.90 8.62 3.27
CA MET A 20 -2.43 7.26 3.08
C MET A 20 -3.60 6.27 3.05
N THR A 21 -3.31 5.01 2.78
CA THR A 21 -4.34 3.98 2.74
C THR A 21 -3.89 2.73 3.48
N THR A 22 -4.80 2.14 4.25
CA THR A 22 -4.50 0.93 5.02
C THR A 22 -4.29 -0.26 4.09
N ILE A 23 -3.46 -1.20 4.53
CA ILE A 23 -3.18 -2.40 3.75
C ILE A 23 -4.40 -3.29 3.63
N ALA A 24 -4.52 -4.23 4.57
CA ALA A 24 -5.66 -5.15 4.58
C ALA A 24 -5.44 -6.29 5.57
N GLN A 25 -4.27 -6.91 5.50
CA GLN A 25 -3.93 -8.02 6.39
C GLN A 25 -3.07 -7.52 7.55
N CYS A 26 -2.00 -6.80 7.24
CA CYS A 26 -1.10 -6.28 8.25
C CYS A 26 -1.60 -4.95 8.80
N GLN A 27 -2.16 -4.12 7.91
CA GLN A 27 -2.68 -2.82 8.31
C GLN A 27 -1.57 -1.79 8.37
N CYS A 28 -0.71 -1.77 7.35
CA CYS A 28 0.39 -0.84 7.29
C CYS A 28 -0.06 0.49 6.68
N ILE A 29 0.88 1.42 6.55
CA ILE A 29 0.59 2.74 5.97
C ILE A 29 1.41 2.97 4.71
N PHE A 30 0.72 3.33 3.63
CA PHE A 30 1.39 3.59 2.35
C PHE A 30 0.58 4.57 1.52
N CYS A 31 1.25 5.59 0.98
CA CYS A 31 0.59 6.59 0.16
C CYS A 31 0.02 5.97 -1.11
N THR A 32 -1.25 6.26 -1.39
CA THR A 32 -1.91 5.73 -2.56
C THR A 32 -0.94 5.60 -3.73
N LEU A 33 -0.21 6.68 -4.01
CA LEU A 33 0.76 6.68 -5.10
C LEU A 33 1.50 5.35 -5.18
N CYS A 34 2.33 5.09 -4.18
CA CYS A 34 3.10 3.85 -4.13
C CYS A 34 2.18 2.64 -4.08
N LEU A 35 1.41 2.53 -3.01
CA LEU A 35 0.47 1.42 -2.84
C LEU A 35 -0.33 1.19 -4.11
N LYS A 36 -0.40 2.21 -4.96
CA LYS A 36 -1.14 2.12 -6.20
C LYS A 36 -0.24 1.63 -7.34
N GLN A 37 0.69 2.49 -7.77
CA GLN A 37 1.61 2.14 -8.84
C GLN A 37 2.17 0.74 -8.65
N TYR A 38 2.12 0.25 -7.41
CA TYR A 38 2.63 -1.07 -7.09
C TYR A 38 1.59 -2.15 -7.42
N VAL A 39 0.40 -2.01 -6.82
CA VAL A 39 -0.67 -2.97 -7.05
C VAL A 39 -1.29 -2.77 -8.43
N GLU A 40 -1.68 -1.53 -8.73
CA GLU A 40 -2.28 -1.22 -10.01
C GLU A 40 -1.67 -2.07 -11.13
N LEU A 41 -0.40 -2.40 -10.98
CA LEU A 41 0.30 -3.21 -11.97
C LEU A 41 0.00 -4.68 -11.78
N LEU A 42 0.05 -5.14 -10.53
CA LEU A 42 -0.21 -6.54 -10.22
C LEU A 42 -1.72 -6.81 -10.15
N ILE A 43 -2.39 -6.18 -9.20
CA ILE A 43 -3.83 -6.35 -9.05
C ILE A 43 -4.52 -6.43 -10.40
N LYS A 44 -3.91 -5.82 -11.41
CA LYS A 44 -4.47 -5.84 -12.76
C LYS A 44 -4.27 -7.20 -13.41
N GLU A 45 -3.09 -7.77 -13.26
CA GLU A 45 -2.77 -9.07 -13.84
C GLU A 45 -3.27 -10.20 -12.94
N GLY A 46 -2.84 -10.17 -11.68
CA GLY A 46 -3.26 -11.19 -10.73
C GLY A 46 -2.82 -12.58 -11.16
N LEU A 47 -1.54 -12.71 -11.49
CA LEU A 47 -0.99 -14.00 -11.92
C LEU A 47 -0.79 -14.93 -10.72
N GLU A 48 -0.52 -14.35 -9.57
CA GLU A 48 -0.31 -15.12 -8.35
C GLU A 48 0.40 -14.30 -7.28
N THR A 49 1.09 -13.25 -7.73
CA THR A 49 1.83 -12.38 -6.81
C THR A 49 1.06 -12.19 -5.52
N ALA A 50 -0.26 -12.28 -5.59
CA ALA A 50 -1.11 -12.12 -4.41
C ALA A 50 -0.94 -10.72 -3.81
N ILE A 51 -0.24 -9.86 -4.53
CA ILE A 51 -0.02 -8.49 -4.07
C ILE A 51 0.18 -8.44 -2.55
N SER A 52 1.42 -8.69 -2.12
CA SER A 52 1.74 -8.68 -0.70
C SER A 52 2.28 -7.31 -0.27
N CYS A 53 2.15 -7.01 1.02
CA CYS A 53 2.61 -5.74 1.55
C CYS A 53 3.89 -5.28 0.83
N PRO A 54 3.94 -3.99 0.49
CA PRO A 54 5.09 -3.40 -0.21
C PRO A 54 6.32 -3.31 0.69
N ASP A 55 6.20 -3.82 1.91
CA ASP A 55 7.30 -3.81 2.87
C ASP A 55 7.81 -5.22 3.14
N ALA A 56 8.81 -5.65 2.38
CA ALA A 56 9.39 -6.97 2.54
C ALA A 56 9.89 -7.18 3.96
N ALA A 57 9.98 -6.09 4.72
CA ALA A 57 10.45 -6.15 6.10
C ALA A 57 9.29 -6.01 7.08
N CYS A 58 8.09 -6.32 6.63
CA CYS A 58 6.90 -6.23 7.47
C CYS A 58 6.84 -7.37 8.46
N PRO A 59 6.55 -7.04 9.74
CA PRO A 59 6.45 -8.04 10.80
C PRO A 59 5.24 -8.94 10.65
N LYS A 60 4.36 -8.59 9.73
CA LYS A 60 3.15 -9.37 9.47
C LYS A 60 3.06 -9.79 8.01
N GLN A 61 3.73 -9.03 7.15
CA GLN A 61 3.73 -9.32 5.72
C GLN A 61 2.33 -9.74 5.25
N GLY A 62 1.36 -8.85 5.43
CA GLY A 62 0.00 -9.14 5.02
C GLY A 62 -0.19 -9.04 3.52
N HIS A 63 -1.29 -9.61 3.02
CA HIS A 63 -1.58 -9.59 1.59
C HIS A 63 -2.70 -8.61 1.30
N LEU A 64 -2.92 -8.34 0.01
CA LEU A 64 -3.96 -7.41 -0.41
C LEU A 64 -5.00 -8.12 -1.27
N GLN A 65 -6.20 -7.52 -1.35
CA GLN A 65 -7.28 -8.11 -2.14
C GLN A 65 -7.20 -7.63 -3.59
N GLU A 66 -7.97 -8.28 -4.45
CA GLU A 66 -8.00 -7.92 -5.87
C GLU A 66 -9.10 -6.90 -6.15
N ASN A 67 -10.31 -7.19 -5.69
CA ASN A 67 -11.44 -6.29 -5.89
C ASN A 67 -11.26 -5.00 -5.10
N GLU A 68 -11.13 -5.13 -3.78
CA GLU A 68 -10.95 -3.97 -2.91
C GLU A 68 -9.89 -3.03 -3.49
N ILE A 69 -8.73 -3.58 -3.81
CA ILE A 69 -7.63 -2.78 -4.35
C ILE A 69 -8.01 -2.19 -5.70
N GLU A 70 -8.14 -3.04 -6.72
CA GLU A 70 -8.49 -2.60 -8.06
C GLU A 70 -9.70 -1.66 -8.01
N CYS A 71 -10.46 -1.73 -6.93
CA CYS A 71 -11.63 -0.88 -6.77
C CYS A 71 -11.23 0.56 -6.47
N MET A 72 -10.19 0.73 -5.66
CA MET A 72 -9.72 2.05 -5.30
C MET A 72 -8.93 2.68 -6.44
N VAL A 73 -8.92 2.00 -7.59
CA VAL A 73 -8.21 2.49 -8.76
C VAL A 73 -9.05 2.32 -10.03
N ALA A 74 -9.19 1.08 -10.48
CA ALA A 74 -9.97 0.79 -11.68
C ALA A 74 -11.44 0.55 -11.32
N ALA A 75 -11.99 1.41 -10.47
CA ALA A 75 -13.37 1.28 -10.05
C ALA A 75 -14.28 0.97 -11.24
N ALA A 1 7.28 17.31 20.09
CA ALA A 1 6.17 16.49 19.63
C ALA A 1 5.54 17.06 18.36
N LEU A 2 4.29 16.69 18.11
CA LEU A 2 3.59 17.17 16.92
C LEU A 2 4.34 16.79 15.65
N ASP A 3 4.53 15.49 15.45
CA ASP A 3 5.23 15.00 14.27
C ASP A 3 4.50 13.80 13.67
N PRO A 4 3.22 13.99 13.32
CA PRO A 4 2.39 12.94 12.73
C PRO A 4 2.83 12.58 11.32
N LEU A 5 3.82 13.30 10.81
CA LEU A 5 4.33 13.06 9.46
C LEU A 5 5.30 11.89 9.46
N VAL A 6 5.79 11.54 8.27
CA VAL A 6 6.74 10.43 8.13
C VAL A 6 6.07 9.10 8.45
N SER A 7 5.77 8.33 7.41
CA SER A 7 5.13 7.03 7.59
C SER A 7 5.46 6.09 6.44
N CYS A 8 5.28 6.58 5.22
CA CYS A 8 5.56 5.79 4.02
C CYS A 8 7.04 5.47 3.92
N LYS A 9 7.35 4.35 3.27
CA LYS A 9 8.74 3.93 3.10
C LYS A 9 8.99 3.44 1.67
N LEU A 10 8.02 3.68 0.80
CA LEU A 10 8.14 3.27 -0.60
C LEU A 10 8.73 4.38 -1.45
N CYS A 11 8.52 5.62 -1.02
CA CYS A 11 9.05 6.78 -1.75
C CYS A 11 9.86 7.67 -0.82
N LEU A 12 10.00 7.25 0.44
CA LEU A 12 10.76 8.01 1.42
C LEU A 12 10.22 9.43 1.54
N GLY A 13 8.94 9.55 1.89
CA GLY A 13 8.33 10.86 2.03
C GLY A 13 7.73 11.08 3.41
N GLU A 14 6.41 11.17 3.48
CA GLU A 14 5.72 11.37 4.74
C GLU A 14 4.20 11.33 4.55
N TYR A 15 3.65 12.41 4.01
CA TYR A 15 2.22 12.49 3.78
C TYR A 15 1.44 12.31 5.08
N PRO A 16 0.25 12.92 5.15
CA PRO A 16 -0.61 12.83 6.33
C PRO A 16 -1.21 11.45 6.51
N VAL A 17 -2.23 11.35 7.36
CA VAL A 17 -2.89 10.08 7.62
C VAL A 17 -4.21 9.98 6.89
N GLU A 18 -4.56 11.03 6.16
CA GLU A 18 -5.80 11.07 5.40
C GLU A 18 -5.54 10.79 3.91
N GLN A 19 -4.29 10.90 3.51
CA GLN A 19 -3.91 10.67 2.12
C GLN A 19 -3.37 9.25 1.93
N MET A 20 -3.23 8.52 3.03
CA MET A 20 -2.72 7.16 2.99
C MET A 20 -3.87 6.16 2.96
N THR A 21 -3.54 4.88 2.77
CA THR A 21 -4.54 3.83 2.71
C THR A 21 -4.05 2.57 3.42
N THR A 22 -4.86 2.08 4.36
CA THR A 22 -4.51 0.88 5.12
C THR A 22 -4.37 -0.32 4.20
N ILE A 23 -3.51 -1.26 4.59
CA ILE A 23 -3.27 -2.46 3.81
C ILE A 23 -4.51 -3.35 3.77
N ALA A 24 -4.65 -4.19 4.79
CA ALA A 24 -5.80 -5.09 4.89
C ALA A 24 -5.52 -6.23 5.86
N GLN A 25 -4.28 -6.69 5.89
CA GLN A 25 -3.88 -7.78 6.77
C GLN A 25 -3.02 -7.27 7.91
N CYS A 26 -1.91 -6.63 7.57
CA CYS A 26 -1.01 -6.08 8.58
C CYS A 26 -1.50 -4.74 9.10
N GLN A 27 -2.17 -3.98 8.23
CA GLN A 27 -2.70 -2.68 8.59
C GLN A 27 -1.61 -1.62 8.58
N CYS A 28 -0.83 -1.61 7.51
CA CYS A 28 0.26 -0.64 7.37
C CYS A 28 -0.25 0.66 6.75
N ILE A 29 0.67 1.60 6.53
CA ILE A 29 0.33 2.89 5.95
C ILE A 29 1.25 3.24 4.80
N PHE A 30 0.67 3.56 3.64
CA PHE A 30 1.44 3.92 2.46
C PHE A 30 0.65 4.83 1.54
N CYS A 31 1.31 5.87 1.03
CA CYS A 31 0.66 6.82 0.14
C CYS A 31 0.06 6.12 -1.08
N THR A 32 -1.22 6.38 -1.34
CA THR A 32 -1.91 5.77 -2.46
C THR A 32 -0.99 5.65 -3.67
N LEU A 33 -0.39 6.77 -4.07
CA LEU A 33 0.52 6.79 -5.20
C LEU A 33 1.46 5.59 -5.18
N CYS A 34 1.96 5.27 -3.99
CA CYS A 34 2.87 4.14 -3.82
C CYS A 34 2.11 2.82 -3.81
N LEU A 35 1.22 2.67 -2.83
CA LEU A 35 0.42 1.45 -2.69
C LEU A 35 -0.40 1.20 -3.96
N LYS A 36 -0.45 2.20 -4.83
CA LYS A 36 -1.20 2.09 -6.08
C LYS A 36 -0.30 1.60 -7.20
N GLN A 37 0.61 2.45 -7.65
CA GLN A 37 1.53 2.10 -8.73
C GLN A 37 2.11 0.70 -8.51
N TYR A 38 2.07 0.24 -7.28
CA TYR A 38 2.59 -1.08 -6.94
C TYR A 38 1.56 -2.17 -7.25
N VAL A 39 0.36 -2.03 -6.68
CA VAL A 39 -0.70 -2.99 -6.90
C VAL A 39 -1.35 -2.79 -8.27
N GLU A 40 -1.76 -1.56 -8.54
CA GLU A 40 -2.40 -1.23 -9.82
C GLU A 40 -1.81 -2.07 -10.95
N LEU A 41 -0.52 -2.35 -10.86
CA LEU A 41 0.16 -3.14 -11.88
C LEU A 41 -0.17 -4.63 -11.72
N LEU A 42 -0.09 -5.12 -10.50
CA LEU A 42 -0.39 -6.52 -10.22
C LEU A 42 -1.89 -6.77 -10.26
N ILE A 43 -2.63 -6.08 -9.39
CA ILE A 43 -4.08 -6.24 -9.32
C ILE A 43 -4.67 -6.40 -10.72
N LYS A 44 -4.16 -5.63 -11.67
CA LYS A 44 -4.63 -5.69 -13.05
C LYS A 44 -4.38 -7.06 -13.66
N GLU A 45 -3.19 -7.60 -13.39
CA GLU A 45 -2.82 -8.91 -13.91
C GLU A 45 -3.60 -10.02 -13.21
N GLY A 46 -3.12 -10.41 -12.04
CA GLY A 46 -3.77 -11.46 -11.27
C GLY A 46 -3.06 -12.80 -11.39
N LEU A 47 -2.14 -12.89 -12.34
CA LEU A 47 -1.39 -14.12 -12.56
C LEU A 47 -0.89 -14.70 -11.23
N GLU A 48 -0.35 -13.84 -10.39
CA GLU A 48 0.17 -14.26 -9.09
C GLU A 48 0.64 -13.05 -8.27
N THR A 49 1.63 -13.29 -7.40
CA THR A 49 2.17 -12.23 -6.56
C THR A 49 1.33 -12.04 -5.31
N ALA A 50 0.03 -12.32 -5.42
CA ALA A 50 -0.88 -12.18 -4.30
C ALA A 50 -0.77 -10.79 -3.67
N ILE A 51 -0.16 -9.86 -4.40
CA ILE A 51 0.01 -8.50 -3.93
C ILE A 51 0.25 -8.47 -2.41
N SER A 52 1.50 -8.66 -2.02
CA SER A 52 1.87 -8.66 -0.61
C SER A 52 2.37 -7.29 -0.17
N CYS A 53 2.22 -6.98 1.11
CA CYS A 53 2.66 -5.70 1.65
C CYS A 53 3.93 -5.22 0.94
N PRO A 54 3.96 -3.92 0.60
CA PRO A 54 5.10 -3.31 -0.08
C PRO A 54 6.31 -3.20 0.82
N ASP A 55 6.20 -3.71 2.04
CA ASP A 55 7.29 -3.67 2.99
C ASP A 55 7.79 -5.08 3.33
N ALA A 56 8.79 -5.54 2.58
CA ALA A 56 9.35 -6.87 2.78
C ALA A 56 9.87 -7.03 4.21
N ALA A 57 9.95 -5.91 4.93
CA ALA A 57 10.43 -5.93 6.31
C ALA A 57 9.27 -5.92 7.30
N CYS A 58 8.05 -6.11 6.78
CA CYS A 58 6.86 -6.12 7.61
C CYS A 58 6.84 -7.34 8.52
N PRO A 59 6.53 -7.11 9.81
CA PRO A 59 6.46 -8.17 10.81
C PRO A 59 5.29 -9.12 10.59
N LYS A 60 4.32 -8.67 9.79
CA LYS A 60 3.14 -9.47 9.49
C LYS A 60 3.06 -9.78 8.00
N GLN A 61 3.69 -8.94 7.18
CA GLN A 61 3.69 -9.13 5.74
C GLN A 61 2.27 -9.40 5.24
N GLY A 62 1.32 -8.59 5.67
CA GLY A 62 -0.06 -8.77 5.25
C GLY A 62 -0.22 -8.66 3.75
N HIS A 63 -1.15 -9.44 3.20
CA HIS A 63 -1.40 -9.44 1.77
C HIS A 63 -2.58 -8.52 1.43
N LEU A 64 -2.78 -8.28 0.14
CA LEU A 64 -3.86 -7.42 -0.32
C LEU A 64 -4.80 -8.18 -1.25
N GLN A 65 -6.03 -7.67 -1.38
CA GLN A 65 -7.03 -8.30 -2.24
C GLN A 65 -6.85 -7.86 -3.69
N GLU A 66 -7.53 -8.56 -4.59
CA GLU A 66 -7.46 -8.25 -6.02
C GLU A 66 -8.56 -7.26 -6.42
N ASN A 67 -9.71 -7.37 -5.77
CA ASN A 67 -10.83 -6.49 -6.06
C ASN A 67 -10.78 -5.23 -5.18
N GLU A 68 -10.90 -5.42 -3.88
CA GLU A 68 -10.87 -4.31 -2.94
C GLU A 68 -9.83 -3.26 -3.37
N ILE A 69 -8.72 -3.74 -3.91
CA ILE A 69 -7.65 -2.85 -4.36
C ILE A 69 -8.01 -2.19 -5.69
N GLU A 70 -8.22 -3.00 -6.72
CA GLU A 70 -8.57 -2.49 -8.04
C GLU A 70 -9.74 -1.51 -7.94
N CYS A 71 -10.50 -1.60 -6.85
CA CYS A 71 -11.64 -0.72 -6.64
C CYS A 71 -11.19 0.68 -6.22
N MET A 72 -10.07 0.73 -5.49
CA MET A 72 -9.54 1.99 -5.02
C MET A 72 -8.71 2.67 -6.10
N VAL A 73 -8.74 2.11 -7.31
CA VAL A 73 -7.99 2.66 -8.43
C VAL A 73 -8.83 2.67 -9.70
N ALA A 74 -9.29 1.49 -10.12
CA ALA A 74 -10.10 1.38 -11.32
C ALA A 74 -11.59 1.34 -10.97
N ALA A 75 -11.97 2.07 -9.92
CA ALA A 75 -13.36 2.12 -9.48
C ALA A 75 -14.30 2.05 -10.68
N ALA A 1 6.65 18.72 16.98
CA ALA A 1 6.61 17.37 16.45
C ALA A 1 5.46 16.57 17.07
N LEU A 2 4.36 16.46 16.33
CA LEU A 2 3.19 15.72 16.80
C LEU A 2 2.59 14.88 15.69
N ASP A 3 2.09 15.55 14.65
CA ASP A 3 1.48 14.86 13.53
C ASP A 3 2.19 15.24 12.22
N PRO A 4 3.44 14.78 12.08
CA PRO A 4 4.25 15.05 10.89
C PRO A 4 3.75 14.31 9.67
N LEU A 5 4.12 14.80 8.49
CA LEU A 5 3.70 14.19 7.23
C LEU A 5 4.60 13.01 6.88
N VAL A 6 5.91 13.21 6.96
CA VAL A 6 6.86 12.16 6.64
C VAL A 6 6.33 10.80 7.04
N SER A 7 5.71 10.11 6.09
CA SER A 7 5.15 8.79 6.34
C SER A 7 5.48 7.83 5.19
N CYS A 8 4.62 6.84 5.00
CA CYS A 8 4.81 5.86 3.93
C CYS A 8 6.17 5.18 4.07
N LYS A 9 6.32 4.04 3.41
CA LYS A 9 7.57 3.29 3.45
C LYS A 9 7.90 2.69 2.09
N LEU A 10 7.89 3.54 1.06
CA LEU A 10 8.19 3.11 -0.29
C LEU A 10 8.94 4.19 -1.07
N CYS A 11 8.57 5.45 -0.82
CA CYS A 11 9.21 6.58 -1.48
C CYS A 11 9.81 7.54 -0.46
N LEU A 12 9.47 7.35 0.81
CA LEU A 12 9.98 8.19 1.88
C LEU A 12 9.62 9.66 1.63
N GLY A 13 8.32 9.93 1.51
CA GLY A 13 7.87 11.29 1.28
C GLY A 13 7.27 11.91 2.52
N GLU A 14 6.05 12.42 2.40
CA GLU A 14 5.37 13.06 3.52
C GLU A 14 3.89 13.26 3.22
N TYR A 15 3.04 12.67 4.04
CA TYR A 15 1.59 12.78 3.86
C TYR A 15 0.86 12.50 5.17
N PRO A 16 -0.38 13.01 5.27
CA PRO A 16 -1.21 12.83 6.47
C PRO A 16 -1.69 11.39 6.62
N VAL A 17 -2.71 11.20 7.46
CA VAL A 17 -3.27 9.87 7.69
C VAL A 17 -4.57 9.68 6.92
N GLU A 18 -5.11 10.79 6.40
CA GLU A 18 -6.36 10.74 5.64
C GLU A 18 -6.09 10.66 4.15
N GLN A 19 -4.81 10.53 3.80
CA GLN A 19 -4.40 10.44 2.39
C GLN A 19 -3.80 9.07 2.08
N MET A 20 -3.13 8.48 3.07
CA MET A 20 -2.51 7.18 2.90
C MET A 20 -3.56 6.07 2.88
N THR A 21 -3.12 4.85 2.62
CA THR A 21 -4.02 3.71 2.56
C THR A 21 -3.48 2.53 3.35
N THR A 22 -4.33 1.91 4.17
CA THR A 22 -3.93 0.78 4.98
C THR A 22 -3.99 -0.52 4.18
N ILE A 23 -2.89 -1.26 4.18
CA ILE A 23 -2.81 -2.52 3.45
C ILE A 23 -4.11 -3.31 3.59
N ALA A 24 -4.72 -3.23 4.76
CA ALA A 24 -5.97 -3.93 5.02
C ALA A 24 -5.71 -5.39 5.41
N GLN A 25 -4.53 -5.65 5.97
CA GLN A 25 -4.16 -6.99 6.37
C GLN A 25 -3.10 -6.96 7.48
N CYS A 26 -1.94 -6.39 7.14
CA CYS A 26 -0.84 -6.30 8.10
C CYS A 26 -0.96 -5.02 8.94
N GLN A 27 -1.73 -4.06 8.43
CA GLN A 27 -1.93 -2.79 9.13
C GLN A 27 -0.71 -1.89 8.98
N CYS A 28 -0.39 -1.55 7.74
CA CYS A 28 0.75 -0.69 7.46
C CYS A 28 0.29 0.65 6.89
N ILE A 29 1.25 1.47 6.48
CA ILE A 29 0.95 2.79 5.92
C ILE A 29 1.75 3.04 4.64
N PHE A 30 1.05 3.41 3.57
CA PHE A 30 1.69 3.68 2.30
C PHE A 30 0.87 4.68 1.48
N CYS A 31 1.53 5.72 0.99
CA CYS A 31 0.87 6.75 0.19
C CYS A 31 0.26 6.14 -1.06
N THR A 32 -1.00 6.48 -1.33
CA THR A 32 -1.70 5.96 -2.50
C THR A 32 -0.74 5.78 -3.67
N LEU A 33 -0.02 6.84 -4.01
CA LEU A 33 0.93 6.81 -5.11
C LEU A 33 1.67 5.47 -5.15
N CYS A 34 2.51 5.23 -4.15
CA CYS A 34 3.28 4.00 -4.07
C CYS A 34 2.34 2.79 -3.94
N LEU A 35 1.60 2.74 -2.84
CA LEU A 35 0.67 1.64 -2.61
C LEU A 35 -0.17 1.36 -3.84
N LYS A 36 -0.25 2.34 -4.74
CA LYS A 36 -1.01 2.19 -5.97
C LYS A 36 -0.14 1.68 -7.10
N GLN A 37 0.77 2.52 -7.58
CA GLN A 37 1.67 2.15 -8.66
C GLN A 37 2.19 0.73 -8.47
N TYR A 38 2.19 0.27 -7.23
CA TYR A 38 2.66 -1.08 -6.91
C TYR A 38 1.57 -2.11 -7.16
N VAL A 39 0.49 -2.02 -6.38
CA VAL A 39 -0.63 -2.95 -6.52
C VAL A 39 -1.31 -2.79 -7.88
N GLU A 40 -1.65 -1.55 -8.23
CA GLU A 40 -2.30 -1.28 -9.50
C GLU A 40 -1.81 -2.23 -10.59
N LEU A 41 -0.49 -2.28 -10.77
CA LEU A 41 0.11 -3.14 -11.78
C LEU A 41 -0.23 -4.61 -11.51
N LEU A 42 0.25 -5.13 -10.38
CA LEU A 42 0.01 -6.51 -10.00
C LEU A 42 -1.49 -6.80 -9.95
N ILE A 43 -2.18 -6.16 -9.01
CA ILE A 43 -3.61 -6.34 -8.85
C ILE A 43 -4.31 -6.46 -10.20
N LYS A 44 -3.70 -5.87 -11.22
CA LYS A 44 -4.25 -5.90 -12.58
C LYS A 44 -3.98 -7.25 -13.23
N GLU A 45 -2.75 -7.73 -13.08
CA GLU A 45 -2.36 -9.02 -13.67
C GLU A 45 -2.95 -10.17 -12.87
N GLY A 46 -2.59 -10.25 -11.59
CA GLY A 46 -3.09 -11.31 -10.75
C GLY A 46 -2.69 -12.69 -11.24
N LEU A 47 -1.40 -12.92 -11.38
CA LEU A 47 -0.89 -14.21 -11.85
C LEU A 47 -0.53 -15.12 -10.68
N GLU A 48 -0.15 -14.52 -9.56
CA GLU A 48 0.21 -15.27 -8.37
C GLU A 48 0.83 -14.36 -7.32
N THR A 49 1.41 -13.25 -7.76
CA THR A 49 2.04 -12.30 -6.85
C THR A 49 1.19 -12.09 -5.60
N ALA A 50 -0.11 -12.36 -5.72
CA ALA A 50 -1.03 -12.20 -4.59
C ALA A 50 -0.90 -10.82 -3.96
N ILE A 51 -0.27 -9.90 -4.69
CA ILE A 51 -0.08 -8.55 -4.19
C ILE A 51 0.12 -8.53 -2.68
N SER A 52 1.37 -8.68 -2.26
CA SER A 52 1.71 -8.68 -0.84
C SER A 52 2.30 -7.35 -0.42
N CYS A 53 2.12 -7.00 0.85
CA CYS A 53 2.63 -5.75 1.39
C CYS A 53 3.95 -5.37 0.72
N PRO A 54 4.08 -4.09 0.35
CA PRO A 54 5.29 -3.57 -0.30
C PRO A 54 6.49 -3.53 0.64
N ASP A 55 6.29 -4.02 1.86
CA ASP A 55 7.36 -4.04 2.86
C ASP A 55 7.93 -5.44 3.01
N ALA A 56 8.83 -5.81 2.11
CA ALA A 56 9.46 -7.13 2.15
C ALA A 56 9.86 -7.51 3.57
N ALA A 57 10.03 -6.50 4.42
CA ALA A 57 10.41 -6.73 5.80
C ALA A 57 9.26 -6.42 6.75
N CYS A 58 8.06 -6.88 6.39
CA CYS A 58 6.87 -6.65 7.20
C CYS A 58 6.73 -7.72 8.27
N PRO A 59 6.44 -7.29 9.51
CA PRO A 59 6.27 -8.21 10.65
C PRO A 59 5.01 -9.05 10.53
N LYS A 60 4.15 -8.70 9.59
CA LYS A 60 2.91 -9.43 9.37
C LYS A 60 2.80 -9.92 7.93
N GLN A 61 3.61 -9.33 7.05
CA GLN A 61 3.61 -9.70 5.64
C GLN A 61 2.21 -10.08 5.18
N GLY A 62 1.30 -9.11 5.24
CA GLY A 62 -0.07 -9.35 4.83
C GLY A 62 -0.26 -9.21 3.32
N HIS A 63 -1.35 -9.76 2.81
CA HIS A 63 -1.64 -9.68 1.38
C HIS A 63 -2.73 -8.65 1.10
N LEU A 64 -2.99 -8.40 -0.18
CA LEU A 64 -4.00 -7.43 -0.57
C LEU A 64 -5.11 -8.09 -1.39
N GLN A 65 -6.24 -7.41 -1.53
CA GLN A 65 -7.36 -7.93 -2.29
C GLN A 65 -7.32 -7.45 -3.73
N GLU A 66 -8.04 -8.14 -4.61
CA GLU A 66 -8.09 -7.79 -6.02
C GLU A 66 -9.25 -6.85 -6.30
N ASN A 67 -10.35 -7.03 -5.56
CA ASN A 67 -11.54 -6.19 -5.74
C ASN A 67 -11.39 -4.88 -4.98
N GLU A 68 -11.00 -4.98 -3.71
CA GLU A 68 -10.83 -3.80 -2.88
C GLU A 68 -9.79 -2.86 -3.48
N ILE A 69 -8.57 -3.35 -3.65
CA ILE A 69 -7.50 -2.56 -4.22
C ILE A 69 -7.93 -1.89 -5.52
N GLU A 70 -8.31 -2.71 -6.50
CA GLU A 70 -8.75 -2.20 -7.79
C GLU A 70 -9.87 -1.19 -7.62
N CYS A 71 -10.56 -1.25 -6.48
CA CYS A 71 -11.67 -0.35 -6.20
C CYS A 71 -11.15 1.04 -5.84
N MET A 72 -9.92 1.10 -5.35
CA MET A 72 -9.31 2.36 -4.96
C MET A 72 -8.52 2.97 -6.12
N VAL A 73 -8.64 2.34 -7.30
CA VAL A 73 -7.93 2.83 -8.48
C VAL A 73 -8.82 2.74 -9.71
N ALA A 74 -9.32 1.55 -10.00
CA ALA A 74 -10.19 1.34 -11.15
C ALA A 74 -11.66 1.26 -10.73
N ALA A 75 -12.02 2.07 -9.75
CA ALA A 75 -13.39 2.09 -9.25
C ALA A 75 -14.40 2.09 -10.40
N ALA A 1 0.83 17.11 14.73
CA ALA A 1 0.02 16.45 13.70
C ALA A 1 0.48 16.87 12.31
N LEU A 2 0.76 18.15 12.13
CA LEU A 2 1.20 18.67 10.84
C LEU A 2 2.70 18.94 10.86
N ASP A 3 3.23 19.24 12.03
CA ASP A 3 4.66 19.51 12.19
C ASP A 3 5.49 18.33 11.71
N PRO A 4 5.33 17.19 12.39
CA PRO A 4 6.07 15.96 12.06
C PRO A 4 5.62 15.36 10.74
N LEU A 5 6.57 15.12 9.84
CA LEU A 5 6.26 14.55 8.54
C LEU A 5 6.94 13.19 8.37
N VAL A 6 6.16 12.17 8.06
CA VAL A 6 6.68 10.82 7.88
C VAL A 6 5.58 9.78 8.00
N SER A 7 5.67 8.74 7.18
CA SER A 7 4.67 7.67 7.19
C SER A 7 5.03 6.58 6.19
N CYS A 8 4.85 6.88 4.90
CA CYS A 8 5.17 5.93 3.85
C CYS A 8 6.64 5.54 3.88
N LYS A 9 6.96 4.40 3.28
CA LYS A 9 8.33 3.91 3.24
C LYS A 9 8.79 3.72 1.80
N LEU A 10 7.87 3.30 0.93
CA LEU A 10 8.18 3.08 -0.47
C LEU A 10 8.86 4.29 -1.09
N CYS A 11 8.26 5.46 -0.88
CA CYS A 11 8.80 6.70 -1.41
C CYS A 11 9.61 7.44 -0.35
N LEU A 12 9.52 6.96 0.89
CA LEU A 12 10.24 7.58 2.00
C LEU A 12 9.82 9.03 2.19
N GLY A 13 8.58 9.34 1.78
CA GLY A 13 8.08 10.69 1.92
C GLY A 13 7.52 10.97 3.30
N GLU A 14 6.21 11.06 3.40
CA GLU A 14 5.56 11.33 4.68
C GLU A 14 4.03 11.33 4.52
N TYR A 15 3.49 12.49 4.15
CA TYR A 15 2.06 12.64 3.97
C TYR A 15 1.31 12.33 5.27
N PRO A 16 0.15 12.98 5.45
CA PRO A 16 -0.69 12.81 6.64
C PRO A 16 -1.33 11.44 6.68
N VAL A 17 -2.29 11.27 7.59
CA VAL A 17 -3.00 10.00 7.74
C VAL A 17 -4.26 9.97 6.88
N GLU A 18 -4.70 11.15 6.43
CA GLU A 18 -5.89 11.25 5.61
C GLU A 18 -5.52 11.23 4.13
N GLN A 19 -4.26 10.95 3.83
CA GLN A 19 -3.79 10.90 2.45
C GLN A 19 -3.05 9.59 2.19
N MET A 20 -3.37 8.57 2.98
CA MET A 20 -2.74 7.25 2.82
C MET A 20 -3.78 6.15 2.86
N THR A 21 -3.33 4.91 2.63
CA THR A 21 -4.23 3.76 2.63
C THR A 21 -3.56 2.55 3.29
N THR A 22 -4.32 1.87 4.15
CA THR A 22 -3.81 0.70 4.84
C THR A 22 -3.83 -0.53 3.95
N ILE A 23 -3.03 -1.53 4.30
CA ILE A 23 -2.96 -2.76 3.53
C ILE A 23 -4.27 -3.54 3.63
N ALA A 24 -4.33 -4.47 4.57
CA ALA A 24 -5.53 -5.28 4.77
C ALA A 24 -5.21 -6.54 5.58
N GLN A 25 -4.30 -6.41 6.52
CA GLN A 25 -3.90 -7.53 7.37
C GLN A 25 -2.82 -7.12 8.35
N CYS A 26 -1.80 -6.44 7.85
CA CYS A 26 -0.69 -5.98 8.68
C CYS A 26 -0.97 -4.60 9.25
N GLN A 27 -1.89 -3.88 8.63
CA GLN A 27 -2.25 -2.53 9.06
C GLN A 27 -1.07 -1.58 8.91
N CYS A 28 -0.56 -1.47 7.69
CA CYS A 28 0.57 -0.59 7.41
C CYS A 28 0.09 0.73 6.81
N ILE A 29 1.04 1.58 6.43
CA ILE A 29 0.72 2.87 5.83
C ILE A 29 1.51 3.10 4.56
N PHE A 30 0.81 3.42 3.47
CA PHE A 30 1.45 3.67 2.19
C PHE A 30 0.61 4.62 1.34
N CYS A 31 1.22 5.71 0.91
CA CYS A 31 0.53 6.70 0.09
C CYS A 31 -0.03 6.06 -1.18
N THR A 32 -1.32 6.29 -1.42
CA THR A 32 -1.97 5.73 -2.61
C THR A 32 -1.02 5.66 -3.79
N LEU A 33 -0.32 6.77 -4.04
CA LEU A 33 0.63 6.83 -5.15
C LEU A 33 1.43 5.54 -5.26
N CYS A 34 2.19 5.23 -4.22
CA CYS A 34 3.01 4.02 -4.19
C CYS A 34 2.12 2.78 -4.16
N LEU A 35 1.34 2.65 -3.09
CA LEU A 35 0.45 1.50 -2.93
C LEU A 35 -0.36 1.27 -4.19
N LYS A 36 -0.45 2.30 -5.04
CA LYS A 36 -1.20 2.19 -6.29
C LYS A 36 -0.29 1.75 -7.43
N GLN A 37 0.75 2.53 -7.69
CA GLN A 37 1.70 2.21 -8.75
C GLN A 37 2.26 0.81 -8.58
N TYR A 38 2.06 0.23 -7.40
CA TYR A 38 2.56 -1.10 -7.11
C TYR A 38 1.48 -2.15 -7.38
N VAL A 39 0.31 -1.95 -6.79
CA VAL A 39 -0.80 -2.88 -6.97
C VAL A 39 -1.43 -2.72 -8.34
N GLU A 40 -1.75 -1.48 -8.71
CA GLU A 40 -2.36 -1.20 -10.01
C GLU A 40 -1.75 -2.09 -11.09
N LEU A 41 -0.44 -2.32 -11.00
CA LEU A 41 0.26 -3.14 -11.98
C LEU A 41 -0.07 -4.61 -11.77
N LEU A 42 -0.18 -5.03 -10.52
CA LEU A 42 -0.49 -6.42 -10.20
C LEU A 42 -2.00 -6.65 -10.22
N ILE A 43 -2.72 -5.97 -9.34
CA ILE A 43 -4.17 -6.10 -9.27
C ILE A 43 -4.78 -6.25 -10.65
N LYS A 44 -4.10 -5.70 -11.65
CA LYS A 44 -4.57 -5.77 -13.03
C LYS A 44 -4.26 -7.13 -13.65
N GLU A 45 -3.05 -7.62 -13.41
CA GLU A 45 -2.62 -8.91 -13.94
C GLU A 45 -3.21 -10.05 -13.12
N GLY A 46 -2.84 -10.11 -11.85
CA GLY A 46 -3.33 -11.16 -10.98
C GLY A 46 -2.93 -12.55 -11.44
N LEU A 47 -1.63 -12.82 -11.41
CA LEU A 47 -1.11 -14.12 -11.84
C LEU A 47 -0.85 -15.02 -10.65
N GLU A 48 -0.51 -14.42 -9.51
CA GLU A 48 -0.24 -15.16 -8.30
C GLU A 48 0.43 -14.28 -7.24
N THR A 49 1.09 -13.22 -7.71
CA THR A 49 1.77 -12.30 -6.82
C THR A 49 1.00 -12.10 -5.52
N ALA A 50 -0.32 -12.23 -5.61
CA ALA A 50 -1.19 -12.07 -4.45
C ALA A 50 -1.03 -10.68 -3.83
N ILE A 51 -0.33 -9.79 -4.55
CA ILE A 51 -0.11 -8.44 -4.07
C ILE A 51 0.10 -8.41 -2.56
N SER A 52 1.35 -8.63 -2.15
CA SER A 52 1.69 -8.64 -0.73
C SER A 52 2.24 -7.28 -0.30
N CYS A 53 2.07 -6.95 0.97
CA CYS A 53 2.56 -5.68 1.51
C CYS A 53 3.86 -5.27 0.83
N PRO A 54 3.96 -3.98 0.49
CA PRO A 54 5.15 -3.43 -0.16
C PRO A 54 6.36 -3.38 0.76
N ASP A 55 6.10 -3.21 2.06
CA ASP A 55 7.18 -3.15 3.04
C ASP A 55 7.80 -4.53 3.25
N ALA A 56 9.13 -4.60 3.16
CA ALA A 56 9.84 -5.85 3.35
C ALA A 56 9.93 -6.23 4.82
N ALA A 57 10.31 -5.26 5.65
CA ALA A 57 10.44 -5.50 7.09
C ALA A 57 9.14 -6.07 7.67
N CYS A 58 8.02 -5.64 7.11
CA CYS A 58 6.72 -6.11 7.56
C CYS A 58 6.80 -7.55 8.06
N PRO A 59 6.96 -7.72 9.38
CA PRO A 59 7.05 -9.04 10.01
C PRO A 59 5.73 -9.79 9.97
N LYS A 60 4.72 -9.19 9.34
CA LYS A 60 3.40 -9.79 9.24
C LYS A 60 3.06 -10.10 7.78
N GLN A 61 3.79 -9.47 6.87
CA GLN A 61 3.56 -9.68 5.44
C GLN A 61 2.07 -9.83 5.14
N GLY A 62 1.35 -8.71 5.17
CA GLY A 62 -0.07 -8.74 4.89
C GLY A 62 -0.39 -8.67 3.41
N HIS A 63 -1.27 -9.55 2.95
CA HIS A 63 -1.65 -9.59 1.55
C HIS A 63 -2.80 -8.62 1.27
N LEU A 64 -2.97 -8.27 0.00
CA LEU A 64 -4.02 -7.34 -0.40
C LEU A 64 -5.06 -8.05 -1.27
N GLN A 65 -6.25 -7.46 -1.37
CA GLN A 65 -7.33 -8.02 -2.17
C GLN A 65 -7.20 -7.60 -3.63
N GLU A 66 -7.87 -8.32 -4.51
CA GLU A 66 -7.83 -8.02 -5.93
C GLU A 66 -8.97 -7.08 -6.33
N ASN A 67 -10.07 -7.15 -5.58
CA ASN A 67 -11.23 -6.31 -5.84
C ASN A 67 -11.15 -5.01 -5.06
N GLU A 68 -11.05 -5.14 -3.74
CA GLU A 68 -10.96 -3.96 -2.86
C GLU A 68 -9.94 -2.96 -3.39
N ILE A 69 -8.79 -3.48 -3.82
CA ILE A 69 -7.73 -2.62 -4.35
C ILE A 69 -8.12 -2.03 -5.69
N GLU A 70 -8.21 -2.89 -6.71
CA GLU A 70 -8.58 -2.43 -8.05
C GLU A 70 -9.73 -1.43 -7.98
N CYS A 71 -10.51 -1.51 -6.92
CA CYS A 71 -11.66 -0.61 -6.75
C CYS A 71 -11.18 0.81 -6.48
N MET A 72 -10.16 0.95 -5.64
CA MET A 72 -9.61 2.26 -5.30
C MET A 72 -8.76 2.80 -6.44
N VAL A 73 -8.74 2.08 -7.56
CA VAL A 73 -7.97 2.50 -8.72
C VAL A 73 -8.76 2.29 -10.01
N ALA A 74 -8.89 1.03 -10.42
CA ALA A 74 -9.62 0.69 -11.63
C ALA A 74 -11.11 0.55 -11.35
N ALA A 75 -11.65 1.49 -10.57
CA ALA A 75 -13.07 1.47 -10.23
C ALA A 75 -13.93 1.27 -11.48
N ALA A 1 16.82 10.21 14.90
CA ALA A 1 16.12 8.93 15.05
C ALA A 1 14.63 9.15 15.34
N LEU A 2 14.25 10.41 15.50
CA LEU A 2 12.86 10.75 15.78
C LEU A 2 12.44 12.00 15.01
N ASP A 3 12.31 11.85 13.69
CA ASP A 3 11.91 12.97 12.84
C ASP A 3 10.40 13.10 12.79
N PRO A 4 9.92 14.35 12.72
CA PRO A 4 8.48 14.63 12.66
C PRO A 4 7.85 14.21 11.34
N LEU A 5 6.67 13.60 11.42
CA LEU A 5 5.96 13.14 10.23
C LEU A 5 6.72 12.01 9.55
N VAL A 6 6.43 11.79 8.27
CA VAL A 6 7.09 10.75 7.50
C VAL A 6 6.69 9.37 8.00
N SER A 7 6.28 8.51 7.07
CA SER A 7 5.86 7.15 7.42
C SER A 7 6.13 6.19 6.27
N CYS A 8 5.43 6.40 5.16
CA CYS A 8 5.59 5.55 3.99
C CYS A 8 7.05 5.11 3.83
N LYS A 9 7.24 3.90 3.32
CA LYS A 9 8.57 3.35 3.13
C LYS A 9 8.81 3.00 1.66
N LEU A 10 8.01 3.60 0.78
CA LEU A 10 8.12 3.36 -0.65
C LEU A 10 8.62 4.60 -1.38
N CYS A 11 8.76 5.70 -0.63
CA CYS A 11 9.23 6.96 -1.21
C CYS A 11 9.83 7.85 -0.13
N LEU A 12 9.23 7.84 1.05
CA LEU A 12 9.70 8.64 2.17
C LEU A 12 9.46 10.12 1.90
N GLY A 13 8.23 10.47 1.54
CA GLY A 13 7.89 11.84 1.27
C GLY A 13 7.05 12.47 2.37
N GLU A 14 6.44 11.61 3.20
CA GLU A 14 5.61 12.09 4.30
C GLU A 14 4.22 12.49 3.78
N TYR A 15 3.19 12.01 4.47
CA TYR A 15 1.82 12.31 4.08
C TYR A 15 0.86 12.03 5.24
N PRO A 16 -0.25 12.78 5.28
CA PRO A 16 -1.28 12.63 6.33
C PRO A 16 -2.05 11.33 6.20
N VAL A 17 -2.77 10.96 7.25
CA VAL A 17 -3.56 9.73 7.25
C VAL A 17 -4.65 9.78 6.19
N GLU A 18 -4.95 10.99 5.71
CA GLU A 18 -5.99 11.18 4.70
C GLU A 18 -5.39 11.09 3.29
N GLN A 19 -4.11 10.71 3.22
CA GLN A 19 -3.43 10.60 1.94
C GLN A 19 -2.82 9.21 1.77
N MET A 20 -2.85 8.43 2.84
CA MET A 20 -2.31 7.06 2.81
C MET A 20 -3.42 6.03 2.68
N THR A 21 -3.03 4.77 2.49
CA THR A 21 -4.01 3.69 2.35
C THR A 21 -3.58 2.47 3.15
N THR A 22 -4.49 1.97 3.99
CA THR A 22 -4.20 0.81 4.82
C THR A 22 -4.00 -0.44 3.96
N ILE A 23 -3.32 -1.43 4.52
CA ILE A 23 -3.07 -2.67 3.81
C ILE A 23 -4.27 -3.62 3.90
N ALA A 24 -5.02 -3.52 4.99
CA ALA A 24 -6.19 -4.36 5.19
C ALA A 24 -5.79 -5.75 5.68
N GLN A 25 -4.57 -5.86 6.19
CA GLN A 25 -4.07 -7.13 6.68
C GLN A 25 -3.03 -6.92 7.78
N CYS A 26 -1.88 -6.38 7.40
CA CYS A 26 -0.81 -6.12 8.35
C CYS A 26 -1.04 -4.82 9.11
N GLN A 27 -1.83 -3.94 8.51
CA GLN A 27 -2.14 -2.65 9.13
C GLN A 27 -0.97 -1.68 8.99
N CYS A 28 -0.48 -1.51 7.78
CA CYS A 28 0.65 -0.61 7.52
C CYS A 28 0.17 0.70 6.91
N ILE A 29 1.10 1.63 6.71
CA ILE A 29 0.77 2.93 6.14
C ILE A 29 1.64 3.23 4.92
N PHE A 30 1.00 3.54 3.80
CA PHE A 30 1.71 3.84 2.57
C PHE A 30 0.89 4.77 1.68
N CYS A 31 1.53 5.81 1.16
CA CYS A 31 0.86 6.77 0.29
C CYS A 31 0.22 6.07 -0.91
N THR A 32 -1.08 6.30 -1.10
CA THR A 32 -1.80 5.69 -2.21
C THR A 32 -0.92 5.54 -3.44
N LEU A 33 -0.46 6.66 -3.98
CA LEU A 33 0.41 6.65 -5.15
C LEU A 33 1.33 5.43 -5.13
N CYS A 34 2.03 5.25 -4.02
CA CYS A 34 2.95 4.12 -3.88
C CYS A 34 2.19 2.80 -3.90
N LEU A 35 1.31 2.61 -2.91
CA LEU A 35 0.52 1.39 -2.82
C LEU A 35 -0.29 1.16 -4.09
N LYS A 36 -0.36 2.18 -4.93
CA LYS A 36 -1.09 2.10 -6.19
C LYS A 36 -0.19 1.64 -7.33
N GLN A 37 0.77 2.48 -7.69
CA GLN A 37 1.71 2.17 -8.76
C GLN A 37 2.23 0.74 -8.63
N TYR A 38 2.14 0.20 -7.42
CA TYR A 38 2.60 -1.16 -7.16
C TYR A 38 1.51 -2.18 -7.46
N VAL A 39 0.43 -2.14 -6.67
CA VAL A 39 -0.69 -3.05 -6.86
C VAL A 39 -1.32 -2.88 -8.23
N GLU A 40 -1.62 -1.63 -8.58
CA GLU A 40 -2.23 -1.33 -9.88
C GLU A 40 -1.61 -2.18 -10.98
N LEU A 41 -0.31 -2.46 -10.85
CA LEU A 41 0.39 -3.27 -11.84
C LEU A 41 0.05 -4.75 -11.68
N LEU A 42 -0.12 -5.18 -10.44
CA LEU A 42 -0.45 -6.57 -10.16
C LEU A 42 -1.96 -6.79 -10.20
N ILE A 43 -2.68 -6.12 -9.30
CA ILE A 43 -4.13 -6.24 -9.23
C ILE A 43 -4.73 -6.32 -10.62
N LYS A 44 -4.04 -5.76 -11.61
CA LYS A 44 -4.51 -5.78 -12.99
C LYS A 44 -4.18 -7.10 -13.65
N GLU A 45 -2.90 -7.41 -13.76
CA GLU A 45 -2.46 -8.65 -14.39
C GLU A 45 -3.43 -9.79 -14.08
N GLY A 46 -3.58 -10.10 -12.80
CA GLY A 46 -4.48 -11.17 -12.39
C GLY A 46 -3.94 -12.55 -12.72
N LEU A 47 -2.74 -12.85 -12.23
CA LEU A 47 -2.11 -14.14 -12.47
C LEU A 47 -1.57 -14.74 -11.19
N GLU A 48 -0.90 -13.91 -10.39
CA GLU A 48 -0.33 -14.36 -9.12
C GLU A 48 0.22 -13.18 -8.32
N THR A 49 1.26 -13.44 -7.53
CA THR A 49 1.88 -12.41 -6.71
C THR A 49 1.11 -12.20 -5.41
N ALA A 50 -0.21 -12.32 -5.48
CA ALA A 50 -1.05 -12.15 -4.31
C ALA A 50 -0.88 -10.76 -3.70
N ILE A 51 -0.19 -9.89 -4.43
CA ILE A 51 0.04 -8.53 -3.97
C ILE A 51 0.30 -8.49 -2.46
N SER A 52 1.56 -8.62 -2.08
CA SER A 52 1.93 -8.61 -0.68
C SER A 52 2.43 -7.23 -0.25
N CYS A 53 2.35 -6.94 1.04
CA CYS A 53 2.78 -5.66 1.57
C CYS A 53 4.05 -5.18 0.86
N PRO A 54 4.06 -3.87 0.50
CA PRO A 54 5.20 -3.26 -0.19
C PRO A 54 6.42 -3.13 0.71
N ASP A 55 6.31 -3.64 1.93
CA ASP A 55 7.41 -3.59 2.89
C ASP A 55 7.97 -4.98 3.15
N ALA A 56 9.30 -5.08 3.20
CA ALA A 56 9.96 -6.35 3.44
C ALA A 56 10.06 -6.64 4.95
N ALA A 57 10.19 -5.58 5.73
CA ALA A 57 10.31 -5.71 7.18
C ALA A 57 9.01 -6.22 7.78
N CYS A 58 7.89 -5.86 7.17
CA CYS A 58 6.58 -6.28 7.65
C CYS A 58 6.66 -7.67 8.28
N PRO A 59 6.79 -7.70 9.61
CA PRO A 59 6.87 -8.95 10.37
C PRO A 59 5.55 -9.72 10.38
N LYS A 60 4.56 -9.17 9.69
CA LYS A 60 3.24 -9.80 9.62
C LYS A 60 2.99 -10.40 8.24
N GLN A 61 3.46 -9.72 7.21
CA GLN A 61 3.29 -10.19 5.83
C GLN A 61 1.82 -10.16 5.42
N GLY A 62 1.19 -9.00 5.61
CA GLY A 62 -0.21 -8.87 5.25
C GLY A 62 -0.42 -8.69 3.76
N HIS A 63 -1.13 -9.62 3.14
CA HIS A 63 -1.40 -9.57 1.71
C HIS A 63 -2.58 -8.65 1.41
N LEU A 64 -2.74 -8.30 0.14
CA LEU A 64 -3.83 -7.42 -0.28
C LEU A 64 -4.82 -8.17 -1.17
N GLN A 65 -6.02 -7.63 -1.27
CA GLN A 65 -7.07 -8.25 -2.09
C GLN A 65 -6.93 -7.84 -3.56
N GLU A 66 -7.64 -8.54 -4.43
CA GLU A 66 -7.59 -8.25 -5.86
C GLU A 66 -8.67 -7.26 -6.25
N ASN A 67 -9.81 -7.33 -5.57
CA ASN A 67 -10.93 -6.45 -5.85
C ASN A 67 -10.85 -5.18 -4.99
N GLU A 68 -10.90 -5.36 -3.68
CA GLU A 68 -10.82 -4.24 -2.76
C GLU A 68 -9.77 -3.23 -3.21
N ILE A 69 -8.67 -3.74 -3.75
CA ILE A 69 -7.58 -2.87 -4.21
C ILE A 69 -7.95 -2.20 -5.53
N GLU A 70 -8.20 -3.00 -6.55
CA GLU A 70 -8.57 -2.48 -7.87
C GLU A 70 -9.70 -1.46 -7.75
N CYS A 71 -10.40 -1.49 -6.62
CA CYS A 71 -11.51 -0.58 -6.38
C CYS A 71 -11.00 0.81 -6.01
N MET A 72 -9.87 0.85 -5.30
CA MET A 72 -9.28 2.11 -4.87
C MET A 72 -8.47 2.74 -6.01
N VAL A 73 -8.54 2.14 -7.18
CA VAL A 73 -7.83 2.64 -8.35
C VAL A 73 -8.70 2.58 -9.59
N ALA A 74 -9.14 1.38 -9.96
CA ALA A 74 -9.99 1.20 -11.12
C ALA A 74 -11.45 1.04 -10.72
N ALA A 75 -11.93 1.92 -9.86
CA ALA A 75 -13.31 1.88 -9.39
C ALA A 75 -14.28 1.80 -10.58
N ALA A 1 13.49 20.88 10.15
CA ALA A 1 13.26 20.37 11.49
C ALA A 1 12.12 21.11 12.17
N LEU A 2 10.90 20.58 12.03
CA LEU A 2 9.73 21.19 12.63
C LEU A 2 8.74 20.14 13.09
N ASP A 3 8.37 19.24 12.18
CA ASP A 3 7.43 18.17 12.48
C ASP A 3 7.39 17.14 11.36
N PRO A 4 8.41 16.27 11.32
CA PRO A 4 8.52 15.23 10.30
C PRO A 4 7.48 14.12 10.50
N LEU A 5 7.68 13.00 9.81
CA LEU A 5 6.75 11.88 9.90
C LEU A 5 7.26 10.69 9.09
N VAL A 6 7.53 10.93 7.81
CA VAL A 6 8.03 9.89 6.92
C VAL A 6 7.29 8.58 7.16
N SER A 7 5.97 8.60 7.01
CA SER A 7 5.16 7.42 7.23
C SER A 7 5.45 6.36 6.15
N CYS A 8 4.98 6.61 4.94
CA CYS A 8 5.19 5.69 3.83
C CYS A 8 6.62 5.17 3.82
N LYS A 9 6.80 3.95 3.33
CA LYS A 9 8.12 3.34 3.26
C LYS A 9 8.50 3.01 1.82
N LEU A 10 7.85 3.68 0.87
CA LEU A 10 8.12 3.45 -0.55
C LEU A 10 8.66 4.72 -1.21
N CYS A 11 8.37 5.87 -0.60
CA CYS A 11 8.82 7.14 -1.13
C CYS A 11 9.44 8.00 -0.02
N LEU A 12 8.79 8.01 1.14
CA LEU A 12 9.27 8.79 2.28
C LEU A 12 9.26 10.29 1.96
N GLY A 13 8.06 10.87 1.91
CA GLY A 13 7.93 12.28 1.62
C GLY A 13 7.08 13.01 2.65
N GLU A 14 6.90 12.39 3.81
CA GLU A 14 6.11 12.98 4.87
C GLU A 14 4.69 13.29 4.40
N TYR A 15 3.72 12.58 4.94
CA TYR A 15 2.33 12.77 4.57
C TYR A 15 1.40 12.45 5.73
N PRO A 16 0.23 13.11 5.76
CA PRO A 16 -0.76 12.92 6.81
C PRO A 16 -1.43 11.56 6.74
N VAL A 17 -1.98 11.11 7.86
CA VAL A 17 -2.65 9.81 7.91
C VAL A 17 -3.95 9.83 7.13
N GLU A 18 -4.37 11.02 6.72
CA GLU A 18 -5.60 11.17 5.95
C GLU A 18 -5.31 11.18 4.45
N GLN A 19 -4.08 10.87 4.09
CA GLN A 19 -3.67 10.83 2.68
C GLN A 19 -3.08 9.47 2.32
N MET A 20 -3.02 8.58 3.29
CA MET A 20 -2.49 7.24 3.07
C MET A 20 -3.59 6.19 3.14
N THR A 21 -3.24 4.94 2.83
CA THR A 21 -4.19 3.86 2.85
C THR A 21 -3.59 2.59 3.46
N THR A 22 -4.32 1.96 4.37
CA THR A 22 -3.84 0.76 5.03
C THR A 22 -3.80 -0.42 4.06
N ILE A 23 -2.97 -1.40 4.35
CA ILE A 23 -2.84 -2.59 3.51
C ILE A 23 -4.13 -3.40 3.50
N ALA A 24 -4.20 -4.40 4.38
CA ALA A 24 -5.37 -5.25 4.47
C ALA A 24 -5.05 -6.56 5.19
N GLN A 25 -4.16 -6.48 6.18
CA GLN A 25 -3.76 -7.65 6.95
C GLN A 25 -2.69 -7.30 7.96
N CYS A 26 -1.71 -6.51 7.53
CA CYS A 26 -0.62 -6.10 8.40
C CYS A 26 -0.92 -4.76 9.06
N GLN A 27 -1.75 -3.96 8.41
CA GLN A 27 -2.12 -2.65 8.94
C GLN A 27 -0.95 -1.67 8.84
N CYS A 28 -0.43 -1.49 7.63
CA CYS A 28 0.68 -0.58 7.40
C CYS A 28 0.20 0.73 6.80
N ILE A 29 1.15 1.61 6.49
CA ILE A 29 0.81 2.91 5.91
C ILE A 29 1.60 3.15 4.62
N PHE A 30 0.88 3.46 3.55
CA PHE A 30 1.51 3.71 2.25
C PHE A 30 0.65 4.65 1.40
N CYS A 31 1.25 5.75 0.95
CA CYS A 31 0.55 6.72 0.13
C CYS A 31 -0.01 6.07 -1.13
N THR A 32 -1.30 6.30 -1.38
CA THR A 32 -1.95 5.74 -2.56
C THR A 32 -0.99 5.66 -3.75
N LEU A 33 -0.29 6.76 -4.00
CA LEU A 33 0.66 6.81 -5.10
C LEU A 33 1.45 5.51 -5.21
N CYS A 34 2.30 5.26 -4.23
CA CYS A 34 3.11 4.06 -4.21
C CYS A 34 2.24 2.81 -4.11
N LEU A 35 1.45 2.74 -3.05
CA LEU A 35 0.56 1.60 -2.83
C LEU A 35 -0.28 1.32 -4.07
N LYS A 36 -0.35 2.31 -4.97
CA LYS A 36 -1.12 2.17 -6.19
C LYS A 36 -0.25 1.59 -7.31
N GLN A 37 0.69 2.39 -7.81
CA GLN A 37 1.58 1.95 -8.87
C GLN A 37 2.12 0.55 -8.59
N TYR A 38 2.08 0.15 -7.32
CA TYR A 38 2.57 -1.17 -6.92
C TYR A 38 1.52 -2.24 -7.18
N VAL A 39 0.32 -2.01 -6.68
CA VAL A 39 -0.77 -2.96 -6.86
C VAL A 39 -1.42 -2.81 -8.23
N GLU A 40 -1.80 -1.58 -8.56
CA GLU A 40 -2.43 -1.30 -9.85
C GLU A 40 -1.84 -2.17 -10.94
N LEU A 41 -0.55 -2.47 -10.83
CA LEU A 41 0.14 -3.30 -11.82
C LEU A 41 -0.08 -4.78 -11.52
N LEU A 42 0.02 -5.15 -10.25
CA LEU A 42 -0.17 -6.53 -9.84
C LEU A 42 -1.66 -6.89 -9.79
N ILE A 43 -2.39 -6.24 -8.89
CA ILE A 43 -3.82 -6.48 -8.75
C ILE A 43 -4.48 -6.71 -10.10
N LYS A 44 -3.90 -6.11 -11.14
CA LYS A 44 -4.42 -6.24 -12.49
C LYS A 44 -4.07 -7.60 -13.09
N GLU A 45 -2.77 -7.91 -13.09
CA GLU A 45 -2.30 -9.18 -13.63
C GLU A 45 -2.92 -10.35 -12.88
N GLY A 46 -2.50 -10.54 -11.64
CA GLY A 46 -3.03 -11.64 -10.83
C GLY A 46 -2.54 -12.99 -11.31
N LEU A 47 -1.28 -13.30 -11.03
CA LEU A 47 -0.69 -14.57 -11.44
C LEU A 47 -0.31 -15.41 -10.22
N GLU A 48 -0.03 -14.73 -9.10
CA GLU A 48 0.35 -15.41 -7.87
C GLU A 48 0.89 -14.41 -6.85
N THR A 49 1.41 -13.29 -7.34
CA THR A 49 1.96 -12.27 -6.47
C THR A 49 1.07 -12.01 -5.27
N ALA A 50 -0.22 -12.32 -5.42
CA ALA A 50 -1.19 -12.13 -4.35
C ALA A 50 -1.07 -10.72 -3.75
N ILE A 51 -0.44 -9.82 -4.49
CA ILE A 51 -0.27 -8.45 -4.03
C ILE A 51 -0.05 -8.40 -2.52
N SER A 52 1.21 -8.52 -2.11
CA SER A 52 1.56 -8.49 -0.70
C SER A 52 2.21 -7.16 -0.32
N CYS A 53 2.11 -6.79 0.95
CA CYS A 53 2.70 -5.55 1.43
C CYS A 53 3.99 -5.22 0.67
N PRO A 54 4.12 -3.95 0.26
CA PRO A 54 5.29 -3.48 -0.48
C PRO A 54 6.55 -3.44 0.39
N ASP A 55 6.38 -3.74 1.68
CA ASP A 55 7.49 -3.74 2.63
C ASP A 55 7.94 -5.15 2.94
N ALA A 56 9.19 -5.47 2.62
CA ALA A 56 9.74 -6.79 2.88
C ALA A 56 9.85 -7.06 4.38
N ALA A 57 10.29 -6.06 5.12
CA ALA A 57 10.44 -6.19 6.57
C ALA A 57 9.13 -6.65 7.20
N CYS A 58 8.01 -6.11 6.72
CA CYS A 58 6.71 -6.46 7.25
C CYS A 58 6.67 -7.91 7.70
N PRO A 59 6.88 -8.13 9.01
CA PRO A 59 6.87 -9.48 9.59
C PRO A 59 5.49 -10.10 9.62
N LYS A 60 4.52 -9.38 9.06
CA LYS A 60 3.14 -9.87 9.01
C LYS A 60 2.73 -10.21 7.58
N GLN A 61 3.53 -9.75 6.61
CA GLN A 61 3.26 -10.01 5.21
C GLN A 61 1.76 -9.99 4.93
N GLY A 62 1.18 -8.79 4.90
CA GLY A 62 -0.24 -8.66 4.65
C GLY A 62 -0.57 -8.65 3.17
N HIS A 63 -1.61 -9.40 2.79
CA HIS A 63 -2.03 -9.47 1.39
C HIS A 63 -3.16 -8.49 1.11
N LEU A 64 -3.24 -8.03 -0.13
CA LEU A 64 -4.28 -7.08 -0.53
C LEU A 64 -5.40 -7.79 -1.28
N GLN A 65 -6.53 -7.12 -1.41
CA GLN A 65 -7.67 -7.69 -2.12
C GLN A 65 -7.62 -7.34 -3.61
N GLU A 66 -8.25 -8.19 -4.42
CA GLU A 66 -8.28 -7.97 -5.87
C GLU A 66 -9.48 -7.14 -6.27
N ASN A 67 -10.49 -7.11 -5.40
CA ASN A 67 -11.71 -6.35 -5.68
C ASN A 67 -11.61 -4.93 -5.12
N GLU A 68 -11.24 -4.83 -3.84
CA GLU A 68 -11.12 -3.54 -3.19
C GLU A 68 -10.11 -2.65 -3.92
N ILE A 69 -8.85 -3.08 -3.92
CA ILE A 69 -7.78 -2.33 -4.59
C ILE A 69 -8.23 -1.86 -5.96
N GLU A 70 -8.47 -2.81 -6.86
CA GLU A 70 -8.91 -2.49 -8.21
C GLU A 70 -10.06 -1.48 -8.20
N CYS A 71 -10.72 -1.37 -7.06
CA CYS A 71 -11.84 -0.46 -6.90
C CYS A 71 -11.35 0.98 -6.74
N MET A 72 -10.22 1.13 -6.05
CA MET A 72 -9.65 2.45 -5.82
C MET A 72 -8.82 2.90 -7.02
N VAL A 73 -8.80 2.08 -8.07
CA VAL A 73 -8.05 2.39 -9.28
C VAL A 73 -8.90 2.16 -10.52
N ALA A 74 -9.35 0.91 -10.69
CA ALA A 74 -10.17 0.56 -11.85
C ALA A 74 -11.64 0.78 -11.56
N ALA A 75 -11.94 1.62 -10.57
CA ALA A 75 -13.31 1.92 -10.19
C ALA A 75 -14.21 1.95 -11.41
N ALA A 1 8.31 26.32 8.89
CA ALA A 1 8.60 26.05 7.49
C ALA A 1 8.72 24.54 7.23
N LEU A 2 9.44 23.86 8.12
CA LEU A 2 9.63 22.42 7.99
C LEU A 2 8.60 21.65 8.82
N ASP A 3 7.99 20.65 8.20
CA ASP A 3 6.98 19.84 8.89
C ASP A 3 7.20 18.35 8.59
N PRO A 4 8.30 17.80 9.15
CA PRO A 4 8.65 16.39 8.95
C PRO A 4 7.70 15.45 9.69
N LEU A 5 6.90 14.71 8.94
CA LEU A 5 5.95 13.77 9.52
C LEU A 5 6.32 12.32 9.18
N VAL A 6 6.79 12.12 7.95
CA VAL A 6 7.20 10.79 7.52
C VAL A 6 6.03 9.81 7.63
N SER A 7 6.19 8.65 6.98
CA SER A 7 5.15 7.62 7.01
C SER A 7 5.46 6.50 6.01
N CYS A 8 5.04 6.71 4.77
CA CYS A 8 5.27 5.72 3.72
C CYS A 8 6.75 5.33 3.66
N LYS A 9 7.01 4.15 3.10
CA LYS A 9 8.39 3.66 2.98
C LYS A 9 8.77 3.48 1.51
N LEU A 10 7.79 3.10 0.69
CA LEU A 10 8.03 2.90 -0.73
C LEU A 10 8.65 4.14 -1.36
N CYS A 11 8.41 5.30 -0.75
CA CYS A 11 8.94 6.56 -1.26
C CYS A 11 9.52 7.39 -0.13
N LEU A 12 9.47 6.85 1.09
CA LEU A 12 9.99 7.55 2.26
C LEU A 12 9.79 9.05 2.14
N GLY A 13 8.53 9.47 2.02
CA GLY A 13 8.22 10.87 1.91
C GLY A 13 7.59 11.44 3.16
N GLU A 14 6.89 12.56 3.02
CA GLU A 14 6.25 13.21 4.16
C GLU A 14 4.77 13.46 3.87
N TYR A 15 3.90 12.72 4.55
CA TYR A 15 2.46 12.86 4.37
C TYR A 15 1.70 12.43 5.63
N PRO A 16 0.52 13.02 5.82
CA PRO A 16 -0.33 12.71 6.99
C PRO A 16 -0.92 11.31 6.93
N VAL A 17 -1.90 11.04 7.78
CA VAL A 17 -2.55 9.74 7.82
C VAL A 17 -3.89 9.76 7.09
N GLU A 18 -4.22 10.91 6.51
CA GLU A 18 -5.47 11.06 5.78
C GLU A 18 -5.24 10.95 4.27
N GLN A 19 -3.98 11.02 3.86
CA GLN A 19 -3.61 10.92 2.46
C GLN A 19 -2.94 9.58 2.16
N MET A 20 -3.10 8.63 3.06
CA MET A 20 -2.50 7.31 2.89
C MET A 20 -3.58 6.23 2.81
N THR A 21 -3.15 4.99 2.58
CA THR A 21 -4.08 3.87 2.47
C THR A 21 -3.63 2.69 3.32
N THR A 22 -4.58 2.01 3.93
CA THR A 22 -4.28 0.86 4.77
C THR A 22 -4.14 -0.41 3.95
N ILE A 23 -3.38 -1.37 4.46
CA ILE A 23 -3.17 -2.64 3.77
C ILE A 23 -4.42 -3.49 3.80
N ALA A 24 -4.58 -4.27 4.87
CA ALA A 24 -5.74 -5.14 5.02
C ALA A 24 -5.49 -6.22 6.07
N GLN A 25 -4.29 -6.76 6.06
CA GLN A 25 -3.93 -7.81 7.02
C GLN A 25 -3.03 -7.25 8.12
N CYS A 26 -2.00 -6.51 7.73
CA CYS A 26 -1.08 -5.92 8.68
C CYS A 26 -1.54 -4.53 9.11
N GLN A 27 -2.08 -3.77 8.16
CA GLN A 27 -2.57 -2.43 8.43
C GLN A 27 -1.44 -1.42 8.40
N CYS A 28 -0.63 -1.50 7.34
CA CYS A 28 0.50 -0.59 7.18
C CYS A 28 0.07 0.72 6.53
N ILE A 29 0.96 1.70 6.53
CA ILE A 29 0.67 3.00 5.93
C ILE A 29 1.52 3.24 4.69
N PHE A 30 0.87 3.56 3.58
CA PHE A 30 1.56 3.81 2.33
C PHE A 30 0.75 4.73 1.43
N CYS A 31 1.40 5.78 0.92
CA CYS A 31 0.74 6.75 0.04
C CYS A 31 0.12 6.05 -1.16
N THR A 32 -1.18 6.22 -1.35
CA THR A 32 -1.89 5.62 -2.46
C THR A 32 -1.02 5.60 -3.72
N LEU A 33 -0.42 6.75 -4.03
CA LEU A 33 0.44 6.86 -5.20
C LEU A 33 1.37 5.66 -5.33
N CYS A 34 1.98 5.28 -4.20
CA CYS A 34 2.89 4.15 -4.18
C CYS A 34 2.12 2.83 -4.26
N LEU A 35 1.30 2.57 -3.24
CA LEU A 35 0.52 1.34 -3.21
C LEU A 35 -0.37 1.21 -4.44
N LYS A 36 -0.47 2.30 -5.19
CA LYS A 36 -1.28 2.31 -6.41
C LYS A 36 -0.45 1.95 -7.62
N GLN A 37 0.56 2.77 -7.91
CA GLN A 37 1.44 2.53 -9.05
C GLN A 37 2.07 1.14 -8.97
N TYR A 38 1.95 0.51 -7.80
CA TYR A 38 2.52 -0.82 -7.59
C TYR A 38 1.46 -1.90 -7.81
N VAL A 39 0.33 -1.76 -7.13
CA VAL A 39 -0.76 -2.72 -7.25
C VAL A 39 -1.49 -2.55 -8.57
N GLU A 40 -1.85 -1.32 -8.90
CA GLU A 40 -2.56 -1.03 -10.14
C GLU A 40 -1.99 -1.84 -11.30
N LEU A 41 -0.67 -2.00 -11.30
CA LEU A 41 0.00 -2.76 -12.35
C LEU A 41 -0.19 -4.26 -12.15
N LEU A 42 -0.30 -4.67 -10.90
CA LEU A 42 -0.49 -6.08 -10.56
C LEU A 42 -1.97 -6.44 -10.56
N ILE A 43 -2.72 -5.84 -9.64
CA ILE A 43 -4.15 -6.10 -9.54
C ILE A 43 -4.78 -6.27 -10.92
N LYS A 44 -4.27 -5.52 -11.89
CA LYS A 44 -4.78 -5.58 -13.25
C LYS A 44 -4.37 -6.89 -13.93
N GLU A 45 -3.13 -7.29 -13.71
CA GLU A 45 -2.62 -8.52 -14.31
C GLU A 45 -3.22 -9.74 -13.62
N GLY A 46 -3.31 -9.70 -12.30
CA GLY A 46 -3.88 -10.81 -11.55
C GLY A 46 -3.31 -12.14 -11.98
N LEU A 47 -2.02 -12.35 -11.77
CA LEU A 47 -1.36 -13.58 -12.15
C LEU A 47 -1.23 -14.52 -10.95
N GLU A 48 -0.88 -13.95 -9.80
CA GLU A 48 -0.72 -14.73 -8.58
C GLU A 48 0.05 -13.93 -7.53
N THR A 49 0.82 -12.95 -7.98
CA THR A 49 1.61 -12.12 -7.08
C THR A 49 0.87 -11.89 -5.75
N ALA A 50 -0.45 -11.86 -5.82
CA ALA A 50 -1.27 -11.65 -4.63
C ALA A 50 -0.99 -10.29 -3.99
N ILE A 51 -0.18 -9.48 -4.68
CA ILE A 51 0.17 -8.15 -4.18
C ILE A 51 0.39 -8.17 -2.67
N SER A 52 1.54 -8.70 -2.25
CA SER A 52 1.87 -8.77 -0.84
C SER A 52 2.39 -7.44 -0.33
N CYS A 53 2.20 -7.18 0.97
CA CYS A 53 2.66 -5.95 1.58
C CYS A 53 3.95 -5.46 0.94
N PRO A 54 4.01 -4.15 0.65
CA PRO A 54 5.19 -3.53 0.04
C PRO A 54 6.39 -3.48 0.98
N ASP A 55 6.21 -4.03 2.17
CA ASP A 55 7.27 -4.05 3.17
C ASP A 55 7.87 -5.44 3.31
N ALA A 56 9.15 -5.58 2.93
CA ALA A 56 9.84 -6.85 3.00
C ALA A 56 10.27 -7.16 4.43
N ALA A 57 9.79 -6.35 5.38
CA ALA A 57 10.14 -6.54 6.78
C ALA A 57 8.93 -6.25 7.67
N CYS A 58 7.74 -6.48 7.14
CA CYS A 58 6.50 -6.25 7.89
C CYS A 58 6.33 -7.30 8.98
N PRO A 59 5.96 -6.85 10.19
CA PRO A 59 5.74 -7.73 11.34
C PRO A 59 4.50 -8.60 11.18
N LYS A 60 3.64 -8.23 10.24
CA LYS A 60 2.41 -8.98 9.99
C LYS A 60 2.35 -9.43 8.53
N GLN A 61 3.29 -8.95 7.73
CA GLN A 61 3.33 -9.30 6.31
C GLN A 61 1.92 -9.47 5.75
N GLY A 62 1.08 -8.47 5.98
CA GLY A 62 -0.29 -8.53 5.49
C GLY A 62 -0.38 -8.28 3.99
N HIS A 63 -0.70 -9.33 3.24
CA HIS A 63 -0.81 -9.22 1.79
C HIS A 63 -2.09 -8.47 1.39
N LEU A 64 -2.16 -8.06 0.14
CA LEU A 64 -3.32 -7.32 -0.35
C LEU A 64 -4.17 -8.21 -1.28
N GLN A 65 -5.44 -7.84 -1.44
CA GLN A 65 -6.34 -8.59 -2.30
C GLN A 65 -6.28 -8.09 -3.73
N GLU A 66 -6.91 -8.83 -4.65
CA GLU A 66 -6.93 -8.45 -6.05
C GLU A 66 -8.15 -7.60 -6.37
N ASN A 67 -9.26 -7.89 -5.71
CA ASN A 67 -10.50 -7.16 -5.92
C ASN A 67 -10.53 -5.89 -5.08
N GLU A 68 -10.54 -6.06 -3.76
CA GLU A 68 -10.56 -4.93 -2.84
C GLU A 68 -9.66 -3.81 -3.33
N ILE A 69 -8.45 -4.17 -3.76
CA ILE A 69 -7.48 -3.19 -4.26
C ILE A 69 -7.97 -2.56 -5.56
N GLU A 70 -8.13 -3.39 -6.58
CA GLU A 70 -8.59 -2.91 -7.88
C GLU A 70 -9.84 -2.04 -7.73
N CYS A 71 -10.50 -2.16 -6.59
CA CYS A 71 -11.71 -1.39 -6.33
C CYS A 71 -11.37 0.06 -5.99
N MET A 72 -10.24 0.25 -5.32
CA MET A 72 -9.79 1.59 -4.94
C MET A 72 -9.05 2.26 -6.08
N VAL A 73 -8.99 1.59 -7.22
CA VAL A 73 -8.31 2.13 -8.38
C VAL A 73 -9.16 1.99 -9.64
N ALA A 74 -9.32 0.76 -10.11
CA ALA A 74 -10.12 0.49 -11.30
C ALA A 74 -11.60 0.39 -10.95
N ALA A 75 -12.03 1.18 -9.98
CA ALA A 75 -13.43 1.18 -9.56
C ALA A 75 -14.37 1.02 -10.75
N ALA A 1 8.83 20.33 13.98
CA ALA A 1 9.71 19.88 15.04
C ALA A 1 9.03 18.81 15.89
N LEU A 2 7.71 18.92 16.03
CA LEU A 2 6.94 17.96 16.82
C LEU A 2 5.59 17.68 16.16
N ASP A 3 5.58 16.72 15.25
CA ASP A 3 4.35 16.35 14.55
C ASP A 3 4.42 14.91 14.05
N PRO A 4 3.27 14.24 14.01
CA PRO A 4 3.18 12.84 13.54
C PRO A 4 3.42 12.71 12.05
N LEU A 5 4.67 12.88 11.64
CA LEU A 5 5.04 12.77 10.23
C LEU A 5 5.96 11.58 9.99
N VAL A 6 6.18 11.26 8.72
CA VAL A 6 7.04 10.14 8.36
C VAL A 6 6.30 8.81 8.50
N SER A 7 5.68 8.36 7.43
CA SER A 7 4.94 7.11 7.44
C SER A 7 5.41 6.19 6.31
N CYS A 8 4.84 6.37 5.13
CA CYS A 8 5.20 5.56 3.97
C CYS A 8 6.68 5.21 3.99
N LYS A 9 7.02 4.08 3.38
CA LYS A 9 8.41 3.63 3.32
C LYS A 9 8.85 3.40 1.89
N LEU A 10 7.89 3.37 0.97
CA LEU A 10 8.18 3.16 -0.44
C LEU A 10 8.83 4.40 -1.06
N CYS A 11 8.41 5.57 -0.59
CA CYS A 11 8.95 6.83 -1.09
C CYS A 11 9.41 7.72 0.06
N LEU A 12 9.15 7.29 1.28
CA LEU A 12 9.53 8.04 2.47
C LEU A 12 9.27 9.53 2.27
N GLY A 13 8.00 9.91 2.23
CA GLY A 13 7.64 11.30 2.05
C GLY A 13 6.68 11.80 3.11
N GLU A 14 6.59 11.07 4.21
CA GLU A 14 5.71 11.44 5.31
C GLU A 14 4.25 11.43 4.86
N TYR A 15 3.75 12.58 4.44
CA TYR A 15 2.38 12.71 3.99
C TYR A 15 1.40 12.60 5.15
N PRO A 16 0.23 13.23 5.01
CA PRO A 16 -0.81 13.22 6.04
C PRO A 16 -1.46 11.84 6.19
N VAL A 17 -2.57 11.80 6.93
CA VAL A 17 -3.29 10.55 7.15
C VAL A 17 -4.41 10.37 6.13
N GLU A 18 -4.85 11.47 5.55
CA GLU A 18 -5.92 11.45 4.56
C GLU A 18 -5.35 11.20 3.16
N GLN A 19 -4.05 10.93 3.09
CA GLN A 19 -3.40 10.68 1.82
C GLN A 19 -2.86 9.25 1.75
N MET A 20 -2.95 8.54 2.88
CA MET A 20 -2.47 7.16 2.95
C MET A 20 -3.63 6.18 3.05
N THR A 21 -3.34 4.90 2.86
CA THR A 21 -4.36 3.87 2.93
C THR A 21 -3.85 2.62 3.64
N THR A 22 -4.73 1.92 4.34
CA THR A 22 -4.35 0.71 5.05
C THR A 22 -4.23 -0.47 4.10
N ILE A 23 -3.38 -1.43 4.46
CA ILE A 23 -3.17 -2.61 3.64
C ILE A 23 -4.42 -3.49 3.60
N ALA A 24 -4.56 -4.36 4.59
CA ALA A 24 -5.71 -5.26 4.68
C ALA A 24 -5.44 -6.44 5.60
N GLN A 25 -4.15 -6.72 5.81
CA GLN A 25 -3.75 -7.82 6.68
C GLN A 25 -2.81 -7.34 7.78
N CYS A 26 -1.70 -6.73 7.38
CA CYS A 26 -0.73 -6.22 8.33
C CYS A 26 -1.14 -4.86 8.87
N GLN A 27 -2.07 -4.22 8.17
CA GLN A 27 -2.56 -2.90 8.59
C GLN A 27 -1.44 -1.87 8.55
N CYS A 28 -0.78 -1.76 7.41
CA CYS A 28 0.32 -0.82 7.25
C CYS A 28 -0.17 0.48 6.61
N ILE A 29 0.75 1.42 6.41
CA ILE A 29 0.40 2.70 5.81
C ILE A 29 1.26 2.98 4.58
N PHE A 30 0.61 3.35 3.49
CA PHE A 30 1.31 3.65 2.25
C PHE A 30 0.54 4.65 1.40
N CYS A 31 1.20 5.71 0.97
CA CYS A 31 0.56 6.74 0.15
C CYS A 31 -0.03 6.14 -1.11
N THR A 32 -1.29 6.46 -1.38
CA THR A 32 -1.97 5.96 -2.57
C THR A 32 -1.01 5.80 -3.73
N LEU A 33 -0.28 6.86 -4.05
CA LEU A 33 0.68 6.84 -5.15
C LEU A 33 1.40 5.49 -5.20
N CYS A 34 2.23 5.23 -4.21
CA CYS A 34 2.99 3.99 -4.14
C CYS A 34 2.05 2.79 -4.08
N LEU A 35 1.29 2.69 -2.99
CA LEU A 35 0.34 1.60 -2.81
C LEU A 35 -0.44 1.34 -4.09
N LYS A 36 -0.51 2.35 -4.95
CA LYS A 36 -1.23 2.23 -6.21
C LYS A 36 -0.32 1.73 -7.32
N GLN A 37 0.61 2.58 -7.75
CA GLN A 37 1.54 2.22 -8.81
C GLN A 37 2.10 0.82 -8.59
N TYR A 38 2.04 0.35 -7.34
CA TYR A 38 2.55 -0.97 -6.98
C TYR A 38 1.51 -2.05 -7.30
N VAL A 39 0.32 -1.90 -6.72
CA VAL A 39 -0.76 -2.85 -6.94
C VAL A 39 -1.37 -2.70 -8.32
N GLU A 40 -1.74 -1.46 -8.65
CA GLU A 40 -2.34 -1.17 -9.95
C GLU A 40 -1.66 -1.98 -11.06
N LEU A 41 -0.38 -2.27 -10.87
CA LEU A 41 0.37 -3.03 -11.85
C LEU A 41 0.18 -4.53 -11.65
N LEU A 42 0.12 -4.95 -10.38
CA LEU A 42 -0.07 -6.36 -10.05
C LEU A 42 -1.55 -6.70 -9.96
N ILE A 43 -2.24 -6.09 -9.00
CA ILE A 43 -3.67 -6.33 -8.82
C ILE A 43 -4.38 -6.47 -10.16
N LYS A 44 -3.81 -5.85 -11.19
CA LYS A 44 -4.39 -5.90 -12.52
C LYS A 44 -4.13 -7.25 -13.19
N GLU A 45 -2.91 -7.75 -13.04
CA GLU A 45 -2.53 -9.03 -13.61
C GLU A 45 -3.14 -10.19 -12.82
N GLY A 46 -2.69 -10.36 -11.59
CA GLY A 46 -3.21 -11.42 -10.75
C GLY A 46 -2.78 -12.79 -11.23
N LEU A 47 -1.48 -13.04 -11.18
CA LEU A 47 -0.93 -14.33 -11.61
C LEU A 47 -0.59 -15.21 -10.42
N GLU A 48 -0.21 -14.56 -9.31
CA GLU A 48 0.15 -15.29 -8.10
C GLU A 48 0.75 -14.35 -7.07
N THR A 49 1.36 -13.27 -7.54
CA THR A 49 1.98 -12.29 -6.65
C THR A 49 1.14 -12.07 -5.39
N ALA A 50 -0.16 -12.30 -5.51
CA ALA A 50 -1.07 -12.14 -4.38
C ALA A 50 -0.95 -10.75 -3.79
N ILE A 51 -0.32 -9.84 -4.52
CA ILE A 51 -0.14 -8.48 -4.06
C ILE A 51 0.04 -8.42 -2.54
N SER A 52 1.28 -8.56 -2.09
CA SER A 52 1.59 -8.53 -0.66
C SER A 52 2.25 -7.21 -0.27
N CYS A 53 2.18 -6.89 1.01
CA CYS A 53 2.77 -5.65 1.51
C CYS A 53 4.02 -5.28 0.72
N PRO A 54 4.12 -3.99 0.36
CA PRO A 54 5.27 -3.48 -0.41
C PRO A 54 6.55 -3.45 0.43
N ASP A 55 6.42 -3.78 1.71
CA ASP A 55 7.57 -3.79 2.61
C ASP A 55 8.25 -5.15 2.60
N ALA A 56 9.52 -5.18 2.21
CA ALA A 56 10.28 -6.42 2.17
C ALA A 56 10.88 -6.75 3.53
N ALA A 57 10.19 -6.31 4.59
CA ALA A 57 10.65 -6.57 5.94
C ALA A 57 9.49 -6.49 6.93
N CYS A 58 8.27 -6.65 6.43
CA CYS A 58 7.09 -6.59 7.27
C CYS A 58 7.00 -7.82 8.18
N PRO A 59 6.81 -7.58 9.48
CA PRO A 59 6.71 -8.64 10.48
C PRO A 59 5.41 -9.45 10.34
N LYS A 60 4.52 -8.97 9.49
CA LYS A 60 3.25 -9.63 9.26
C LYS A 60 3.04 -9.94 7.78
N GLN A 61 3.73 -9.19 6.92
CA GLN A 61 3.63 -9.38 5.49
C GLN A 61 2.19 -9.70 5.08
N GLY A 62 1.29 -8.77 5.35
CA GLY A 62 -0.11 -8.97 5.01
C GLY A 62 -0.36 -8.87 3.51
N HIS A 63 -1.33 -9.63 3.03
CA HIS A 63 -1.67 -9.63 1.61
C HIS A 63 -2.77 -8.61 1.31
N LEU A 64 -2.98 -8.32 0.03
CA LEU A 64 -4.00 -7.37 -0.38
C LEU A 64 -5.06 -8.05 -1.24
N GLN A 65 -6.22 -7.41 -1.37
CA GLN A 65 -7.31 -7.95 -2.17
C GLN A 65 -7.26 -7.41 -3.59
N GLU A 66 -8.02 -8.03 -4.48
CA GLU A 66 -8.07 -7.61 -5.88
C GLU A 66 -9.19 -6.61 -6.11
N ASN A 67 -10.39 -6.95 -5.66
CA ASN A 67 -11.55 -6.08 -5.82
C ASN A 67 -11.36 -4.79 -5.02
N GLU A 68 -11.13 -4.94 -3.72
CA GLU A 68 -10.93 -3.79 -2.84
C GLU A 68 -9.89 -2.84 -3.41
N ILE A 69 -8.69 -3.35 -3.66
CA ILE A 69 -7.61 -2.55 -4.20
C ILE A 69 -8.02 -1.91 -5.53
N GLU A 70 -8.29 -2.74 -6.52
CA GLU A 70 -8.69 -2.27 -7.85
C GLU A 70 -9.87 -1.31 -7.74
N CYS A 71 -10.64 -1.43 -6.67
CA CYS A 71 -11.79 -0.58 -6.44
C CYS A 71 -11.35 0.83 -6.05
N MET A 72 -10.18 0.94 -5.44
CA MET A 72 -9.64 2.23 -5.02
C MET A 72 -8.82 2.88 -6.14
N VAL A 73 -8.84 2.26 -7.31
CA VAL A 73 -8.10 2.77 -8.46
C VAL A 73 -8.93 2.65 -9.74
N ALA A 74 -9.18 1.42 -10.16
CA ALA A 74 -9.96 1.18 -11.36
C ALA A 74 -11.45 1.06 -11.04
N ALA A 75 -11.91 1.89 -10.12
CA ALA A 75 -13.32 1.89 -9.72
C ALA A 75 -14.23 1.96 -10.94
N ALA A 1 7.78 16.69 19.74
CA ALA A 1 6.54 16.18 19.18
C ALA A 1 6.66 14.71 18.83
N LEU A 2 5.66 14.18 18.12
CA LEU A 2 5.66 12.78 17.72
C LEU A 2 6.69 12.52 16.63
N ASP A 3 6.43 13.05 15.44
CA ASP A 3 7.34 12.88 14.31
C ASP A 3 6.78 13.56 13.06
N PRO A 4 7.69 14.05 12.20
CA PRO A 4 7.32 14.74 10.96
C PRO A 4 6.71 13.79 9.94
N LEU A 5 5.50 13.31 10.22
CA LEU A 5 4.81 12.39 9.32
C LEU A 5 5.67 11.17 9.02
N VAL A 6 6.40 11.23 7.91
CA VAL A 6 7.27 10.13 7.51
C VAL A 6 6.65 8.79 7.88
N SER A 7 5.74 8.32 7.04
CA SER A 7 5.06 7.04 7.27
C SER A 7 5.45 6.03 6.20
N CYS A 8 5.05 6.30 4.97
CA CYS A 8 5.35 5.41 3.85
C CYS A 8 6.83 5.04 3.82
N LYS A 9 7.14 3.88 3.28
CA LYS A 9 8.51 3.41 3.19
C LYS A 9 8.88 3.06 1.75
N LEU A 10 7.94 3.31 0.83
CA LEU A 10 8.17 3.02 -0.58
C LEU A 10 8.76 4.22 -1.30
N CYS A 11 8.62 5.40 -0.69
CA CYS A 11 9.14 6.62 -1.27
C CYS A 11 9.79 7.50 -0.20
N LEU A 12 9.91 6.95 1.01
CA LEU A 12 10.52 7.68 2.12
C LEU A 12 10.06 9.14 2.13
N GLY A 13 8.76 9.34 1.95
CA GLY A 13 8.22 10.69 1.95
C GLY A 13 7.55 11.05 3.27
N GLU A 14 6.74 12.10 3.24
CA GLU A 14 6.05 12.56 4.44
C GLU A 14 4.65 13.06 4.10
N TYR A 15 3.63 12.24 4.41
CA TYR A 15 2.25 12.61 4.12
C TYR A 15 1.36 12.30 5.33
N PRO A 16 0.26 13.06 5.45
CA PRO A 16 -0.70 12.89 6.55
C PRO A 16 -1.49 11.59 6.42
N VAL A 17 -1.98 11.09 7.56
CA VAL A 17 -2.75 9.85 7.59
C VAL A 17 -4.07 10.01 6.83
N GLU A 18 -4.44 11.26 6.55
CA GLU A 18 -5.67 11.55 5.83
C GLU A 18 -5.43 11.61 4.32
N GLN A 19 -4.30 11.05 3.89
CA GLN A 19 -3.95 11.05 2.48
C GLN A 19 -3.23 9.76 2.10
N MET A 20 -3.43 8.71 2.90
CA MET A 20 -2.80 7.43 2.64
C MET A 20 -3.82 6.30 2.70
N THR A 21 -3.36 5.07 2.50
CA THR A 21 -4.23 3.91 2.53
C THR A 21 -3.58 2.75 3.29
N THR A 22 -4.40 1.99 4.00
CA THR A 22 -3.91 0.85 4.77
C THR A 22 -3.91 -0.42 3.93
N ILE A 23 -3.14 -1.41 4.37
CA ILE A 23 -3.06 -2.68 3.65
C ILE A 23 -4.37 -3.45 3.72
N ALA A 24 -4.54 -4.22 4.78
CA ALA A 24 -5.76 -5.00 4.97
C ALA A 24 -5.55 -6.11 5.99
N GLN A 25 -4.37 -6.74 5.94
CA GLN A 25 -4.05 -7.82 6.86
C GLN A 25 -3.13 -7.33 7.97
N CYS A 26 -2.00 -6.75 7.59
CA CYS A 26 -1.03 -6.23 8.55
C CYS A 26 -1.46 -4.87 9.07
N GLN A 27 -2.19 -4.13 8.24
CA GLN A 27 -2.66 -2.80 8.63
C GLN A 27 -1.52 -1.79 8.58
N CYS A 28 -0.77 -1.79 7.49
CA CYS A 28 0.35 -0.87 7.33
C CYS A 28 -0.11 0.45 6.74
N ILE A 29 0.85 1.33 6.45
CA ILE A 29 0.54 2.64 5.88
C ILE A 29 1.43 2.94 4.68
N PHE A 30 0.82 3.28 3.56
CA PHE A 30 1.56 3.60 2.35
C PHE A 30 0.76 4.55 1.46
N CYS A 31 1.43 5.59 0.98
CA CYS A 31 0.79 6.58 0.12
C CYS A 31 0.19 5.91 -1.11
N THR A 32 -1.11 6.14 -1.33
CA THR A 32 -1.80 5.56 -2.48
C THR A 32 -0.91 5.55 -3.71
N LEU A 33 -0.30 6.69 -4.00
CA LEU A 33 0.59 6.81 -5.16
C LEU A 33 1.51 5.61 -5.26
N CYS A 34 2.07 5.19 -4.13
CA CYS A 34 2.98 4.05 -4.09
C CYS A 34 2.20 2.74 -4.18
N LEU A 35 1.34 2.49 -3.20
CA LEU A 35 0.54 1.27 -3.16
C LEU A 35 -0.32 1.16 -4.41
N LYS A 36 -0.40 2.24 -5.17
CA LYS A 36 -1.19 2.26 -6.40
C LYS A 36 -0.34 1.87 -7.60
N GLN A 37 0.71 2.64 -7.87
CA GLN A 37 1.60 2.36 -8.99
C GLN A 37 2.19 0.96 -8.88
N TYR A 38 2.02 0.34 -7.72
CA TYR A 38 2.54 -1.00 -7.49
C TYR A 38 1.45 -2.05 -7.73
N VAL A 39 0.31 -1.87 -7.07
CA VAL A 39 -0.81 -2.79 -7.21
C VAL A 39 -1.51 -2.61 -8.55
N GLU A 40 -1.81 -1.37 -8.90
CA GLU A 40 -2.49 -1.06 -10.15
C GLU A 40 -1.92 -1.89 -11.29
N LEU A 41 -0.60 -2.10 -11.27
CA LEU A 41 0.07 -2.88 -12.30
C LEU A 41 -0.18 -4.37 -12.10
N LEU A 42 -0.34 -4.78 -10.85
CA LEU A 42 -0.59 -6.18 -10.52
C LEU A 42 -2.09 -6.48 -10.54
N ILE A 43 -2.82 -5.86 -9.63
CA ILE A 43 -4.27 -6.06 -9.55
C ILE A 43 -4.88 -6.19 -10.93
N LYS A 44 -4.27 -5.53 -11.91
CA LYS A 44 -4.76 -5.58 -13.28
C LYS A 44 -4.34 -6.89 -13.96
N GLU A 45 -3.10 -7.29 -13.75
CA GLU A 45 -2.58 -8.51 -14.35
C GLU A 45 -3.22 -9.74 -13.70
N GLY A 46 -3.40 -9.69 -12.38
CA GLY A 46 -4.00 -10.81 -11.68
C GLY A 46 -3.42 -12.15 -12.11
N LEU A 47 -2.16 -12.37 -11.80
CA LEU A 47 -1.49 -13.62 -12.17
C LEU A 47 -1.39 -14.55 -10.96
N GLU A 48 -1.04 -13.99 -9.81
CA GLU A 48 -0.91 -14.77 -8.59
C GLU A 48 -0.14 -13.99 -7.52
N THR A 49 0.65 -13.02 -7.97
CA THR A 49 1.45 -12.21 -7.05
C THR A 49 0.71 -11.97 -5.74
N ALA A 50 -0.61 -11.90 -5.82
CA ALA A 50 -1.44 -11.69 -4.64
C ALA A 50 -1.15 -10.32 -4.02
N ILE A 51 -0.32 -9.54 -4.68
CA ILE A 51 0.03 -8.20 -4.20
C ILE A 51 0.25 -8.21 -2.69
N SER A 52 1.40 -8.72 -2.26
CA SER A 52 1.73 -8.79 -0.84
C SER A 52 2.29 -7.45 -0.36
N CYS A 53 2.13 -7.19 0.93
CA CYS A 53 2.61 -5.95 1.53
C CYS A 53 3.92 -5.50 0.86
N PRO A 54 4.01 -4.20 0.57
CA PRO A 54 5.18 -3.61 -0.07
C PRO A 54 6.40 -3.59 0.86
N ASP A 55 6.14 -3.54 2.16
CA ASP A 55 7.21 -3.52 3.14
C ASP A 55 8.21 -4.64 2.89
N ALA A 56 9.44 -4.43 3.34
CA ALA A 56 10.49 -5.43 3.16
C ALA A 56 10.78 -6.17 4.47
N ALA A 57 10.00 -5.85 5.50
CA ALA A 57 10.18 -6.48 6.81
C ALA A 57 8.94 -6.28 7.68
N CYS A 58 7.77 -6.31 7.05
CA CYS A 58 6.51 -6.13 7.77
C CYS A 58 6.45 -7.04 8.99
N PRO A 59 6.01 -6.47 10.13
CA PRO A 59 5.90 -7.21 11.38
C PRO A 59 4.77 -8.25 11.35
N LYS A 60 3.88 -8.11 10.37
CA LYS A 60 2.76 -9.03 10.23
C LYS A 60 2.80 -9.73 8.87
N GLN A 61 3.67 -9.24 7.99
CA GLN A 61 3.80 -9.81 6.66
C GLN A 61 2.44 -10.06 6.03
N GLY A 62 1.63 -9.01 5.98
CA GLY A 62 0.30 -9.13 5.39
C GLY A 62 0.31 -8.95 3.89
N HIS A 63 -0.81 -9.29 3.24
CA HIS A 63 -0.91 -9.17 1.79
C HIS A 63 -2.18 -8.40 1.41
N LEU A 64 -2.28 -8.02 0.14
CA LEU A 64 -3.43 -7.29 -0.35
C LEU A 64 -4.29 -8.15 -1.27
N GLN A 65 -5.54 -7.76 -1.45
CA GLN A 65 -6.46 -8.51 -2.30
C GLN A 65 -6.41 -7.98 -3.73
N GLU A 66 -7.09 -8.68 -4.63
CA GLU A 66 -7.13 -8.28 -6.04
C GLU A 66 -8.32 -7.37 -6.32
N ASN A 67 -9.47 -7.69 -5.71
CA ASN A 67 -10.67 -6.91 -5.89
C ASN A 67 -10.64 -5.65 -5.03
N GLU A 68 -10.68 -5.84 -3.71
CA GLU A 68 -10.66 -4.72 -2.78
C GLU A 68 -9.73 -3.62 -3.28
N ILE A 69 -8.56 -4.02 -3.77
CA ILE A 69 -7.58 -3.06 -4.28
C ILE A 69 -8.05 -2.43 -5.57
N GLU A 70 -8.24 -3.26 -6.60
CA GLU A 70 -8.68 -2.77 -7.90
C GLU A 70 -9.89 -1.85 -7.75
N CYS A 71 -10.57 -1.95 -6.61
CA CYS A 71 -11.75 -1.14 -6.34
C CYS A 71 -11.34 0.31 -6.04
N MET A 72 -10.21 0.48 -5.37
CA MET A 72 -9.72 1.80 -5.02
C MET A 72 -8.92 2.41 -6.17
N VAL A 73 -8.94 1.73 -7.32
CA VAL A 73 -8.22 2.20 -8.49
C VAL A 73 -9.09 2.10 -9.74
N ALA A 74 -9.32 0.87 -10.19
CA ALA A 74 -10.13 0.64 -11.38
C ALA A 74 -11.62 0.56 -11.02
N ALA A 75 -12.01 1.32 -10.00
CA ALA A 75 -13.40 1.34 -9.56
C ALA A 75 -14.35 1.56 -10.74
N ALA A 1 8.27 25.66 11.80
CA ALA A 1 9.71 25.45 11.66
C ALA A 1 9.99 24.07 11.09
N LEU A 2 10.53 24.04 9.86
CA LEU A 2 10.86 22.78 9.20
C LEU A 2 9.70 21.80 9.30
N ASP A 3 8.60 22.10 8.61
CA ASP A 3 7.43 21.25 8.62
C ASP A 3 7.83 19.78 8.75
N PRO A 4 7.81 19.26 9.98
CA PRO A 4 8.18 17.87 10.27
C PRO A 4 7.14 16.88 9.73
N LEU A 5 7.13 16.70 8.41
CA LEU A 5 6.19 15.79 7.77
C LEU A 5 6.93 14.71 6.99
N VAL A 6 6.47 13.46 7.15
CA VAL A 6 7.08 12.34 6.46
C VAL A 6 6.48 11.02 6.91
N SER A 7 5.70 10.39 6.01
CA SER A 7 5.06 9.13 6.31
C SER A 7 5.39 8.08 5.26
N CYS A 8 4.51 7.10 5.09
CA CYS A 8 4.72 6.04 4.13
C CYS A 8 6.04 5.32 4.37
N LYS A 9 6.18 4.13 3.81
CA LYS A 9 7.40 3.34 3.97
C LYS A 9 7.83 2.72 2.65
N LEU A 10 7.87 3.55 1.61
CA LEU A 10 8.28 3.08 0.28
C LEU A 10 9.05 4.16 -0.47
N CYS A 11 8.64 5.42 -0.28
CA CYS A 11 9.30 6.54 -0.93
C CYS A 11 9.80 7.55 0.10
N LEU A 12 9.34 7.40 1.34
CA LEU A 12 9.73 8.31 2.42
C LEU A 12 9.52 9.76 2.01
N GLY A 13 8.26 10.14 1.80
CA GLY A 13 7.95 11.50 1.43
C GLY A 13 7.28 12.28 2.54
N GLU A 14 5.97 12.44 2.45
CA GLU A 14 5.22 13.18 3.46
C GLU A 14 3.78 13.40 3.01
N TYR A 15 2.83 12.89 3.79
CA TYR A 15 1.42 13.02 3.48
C TYR A 15 0.56 12.81 4.71
N PRO A 16 -0.66 13.37 4.69
CA PRO A 16 -1.60 13.25 5.81
C PRO A 16 -2.15 11.83 5.96
N VAL A 17 -2.67 11.53 7.15
CA VAL A 17 -3.23 10.21 7.42
C VAL A 17 -4.46 9.95 6.56
N GLU A 18 -4.88 10.96 5.82
CA GLU A 18 -6.05 10.84 4.94
C GLU A 18 -5.62 10.64 3.49
N GLN A 19 -4.33 10.79 3.24
CA GLN A 19 -3.79 10.63 1.88
C GLN A 19 -3.12 9.26 1.73
N MET A 20 -2.99 8.55 2.84
CA MET A 20 -2.38 7.23 2.82
C MET A 20 -3.42 6.13 2.81
N THR A 21 -2.98 4.89 2.63
CA THR A 21 -3.89 3.75 2.59
C THR A 21 -3.38 2.61 3.46
N THR A 22 -4.27 2.05 4.29
CA THR A 22 -3.90 0.95 5.17
C THR A 22 -3.87 -0.38 4.42
N ILE A 23 -3.23 -1.37 5.02
CA ILE A 23 -3.13 -2.69 4.41
C ILE A 23 -4.06 -3.69 5.08
N ALA A 24 -5.18 -3.97 4.42
CA ALA A 24 -6.15 -4.92 4.96
C ALA A 24 -5.54 -6.30 5.17
N GLN A 25 -4.75 -6.42 6.23
CA GLN A 25 -4.10 -7.69 6.55
C GLN A 25 -3.01 -7.50 7.61
N CYS A 26 -2.03 -6.65 7.32
CA CYS A 26 -0.95 -6.38 8.25
C CYS A 26 -1.18 -5.06 8.99
N GLN A 27 -1.94 -4.17 8.36
CA GLN A 27 -2.23 -2.87 8.96
C GLN A 27 -1.03 -1.95 8.89
N CYS A 28 -0.59 -1.65 7.67
CA CYS A 28 0.56 -0.77 7.45
C CYS A 28 0.12 0.56 6.86
N ILE A 29 1.10 1.40 6.51
CA ILE A 29 0.82 2.71 5.94
C ILE A 29 1.68 2.96 4.70
N PHE A 30 1.03 3.33 3.60
CA PHE A 30 1.73 3.60 2.35
C PHE A 30 0.95 4.58 1.49
N CYS A 31 1.61 5.64 1.06
CA CYS A 31 0.98 6.66 0.22
C CYS A 31 0.41 6.03 -1.05
N THR A 32 -0.87 6.30 -1.30
CA THR A 32 -1.54 5.76 -2.47
C THR A 32 -0.58 5.67 -3.65
N LEU A 33 0.15 6.74 -3.92
CA LEU A 33 1.10 6.78 -5.02
C LEU A 33 1.92 5.49 -5.07
N CYS A 34 2.47 5.11 -3.93
CA CYS A 34 3.28 3.90 -3.83
C CYS A 34 2.40 2.66 -3.84
N LEU A 35 1.56 2.53 -2.82
CA LEU A 35 0.66 1.39 -2.70
C LEU A 35 -0.13 1.18 -3.98
N LYS A 36 -0.16 2.22 -4.83
CA LYS A 36 -0.87 2.15 -6.10
C LYS A 36 0.05 1.68 -7.22
N GLN A 37 0.98 2.55 -7.61
CA GLN A 37 1.93 2.22 -8.67
C GLN A 37 2.37 0.78 -8.58
N TYR A 38 2.32 0.21 -7.37
CA TYR A 38 2.72 -1.18 -7.15
C TYR A 38 1.58 -2.13 -7.50
N VAL A 39 0.53 -2.10 -6.70
CA VAL A 39 -0.64 -2.97 -6.93
C VAL A 39 -1.27 -2.68 -8.28
N GLU A 40 -1.53 -1.40 -8.55
CA GLU A 40 -2.14 -1.00 -9.81
C GLU A 40 -1.68 -1.90 -10.96
N LEU A 41 -0.37 -2.13 -11.03
CA LEU A 41 0.20 -2.97 -12.08
C LEU A 41 -0.15 -4.44 -11.84
N LEU A 42 -0.09 -4.86 -10.58
CA LEU A 42 -0.39 -6.25 -10.22
C LEU A 42 -1.90 -6.48 -10.22
N ILE A 43 -2.60 -5.83 -9.30
CA ILE A 43 -4.04 -5.97 -9.20
C ILE A 43 -4.69 -6.07 -10.58
N LYS A 44 -4.04 -5.45 -11.57
CA LYS A 44 -4.55 -5.46 -12.93
C LYS A 44 -4.31 -6.81 -13.59
N GLU A 45 -3.12 -7.36 -13.38
CA GLU A 45 -2.76 -8.66 -13.96
C GLU A 45 -3.37 -9.80 -13.14
N GLY A 46 -3.06 -9.80 -11.84
CA GLY A 46 -3.57 -10.84 -10.96
C GLY A 46 -3.25 -12.23 -11.47
N LEU A 47 -1.97 -12.54 -11.59
CA LEU A 47 -1.54 -13.85 -12.07
C LEU A 47 -1.38 -14.83 -10.92
N GLU A 48 -1.02 -14.30 -9.75
CA GLU A 48 -0.83 -15.13 -8.57
C GLU A 48 -0.04 -14.38 -7.50
N THR A 49 0.71 -13.38 -7.92
CA THR A 49 1.52 -12.58 -7.00
C THR A 49 0.81 -12.40 -5.67
N ALA A 50 -0.51 -12.37 -5.70
CA ALA A 50 -1.31 -12.21 -4.49
C ALA A 50 -1.12 -10.82 -3.90
N ILE A 51 -0.35 -9.99 -4.58
CA ILE A 51 -0.08 -8.63 -4.12
C ILE A 51 0.07 -8.59 -2.60
N SER A 52 1.30 -8.71 -2.14
CA SER A 52 1.59 -8.69 -0.70
C SER A 52 2.15 -7.34 -0.28
N CYS A 53 2.08 -7.05 1.01
CA CYS A 53 2.58 -5.79 1.55
C CYS A 53 3.81 -5.33 0.78
N PRO A 54 3.86 -4.03 0.45
CA PRO A 54 4.98 -3.43 -0.28
C PRO A 54 6.25 -3.37 0.55
N ASP A 55 6.18 -3.89 1.77
CA ASP A 55 7.33 -3.89 2.68
C ASP A 55 7.85 -5.31 2.88
N ALA A 56 8.89 -5.67 2.13
CA ALA A 56 9.50 -6.99 2.23
C ALA A 56 10.00 -7.25 3.65
N ALA A 57 10.03 -6.20 4.47
CA ALA A 57 10.49 -6.32 5.84
C ALA A 57 9.35 -6.14 6.83
N CYS A 58 8.13 -6.46 6.39
CA CYS A 58 6.96 -6.35 7.23
C CYS A 58 6.91 -7.46 8.28
N PRO A 59 6.61 -7.08 9.53
CA PRO A 59 6.53 -8.04 10.64
C PRO A 59 5.33 -8.96 10.53
N LYS A 60 4.44 -8.66 9.58
CA LYS A 60 3.25 -9.47 9.36
C LYS A 60 3.16 -9.94 7.91
N GLN A 61 3.93 -9.29 7.04
CA GLN A 61 3.94 -9.65 5.62
C GLN A 61 2.57 -10.12 5.17
N GLY A 62 1.55 -9.30 5.44
CA GLY A 62 0.20 -9.64 5.05
C GLY A 62 -0.01 -9.55 3.55
N HIS A 63 -1.18 -10.00 3.09
CA HIS A 63 -1.50 -9.96 1.67
C HIS A 63 -2.60 -8.95 1.38
N LEU A 64 -2.79 -8.62 0.11
CA LEU A 64 -3.80 -7.65 -0.29
C LEU A 64 -4.85 -8.31 -1.18
N GLN A 65 -6.02 -7.68 -1.28
CA GLN A 65 -7.10 -8.20 -2.12
C GLN A 65 -6.96 -7.71 -3.55
N GLU A 66 -7.64 -8.39 -4.47
CA GLU A 66 -7.59 -8.03 -5.88
C GLU A 66 -8.73 -7.07 -6.23
N ASN A 67 -9.84 -7.18 -5.50
CA ASN A 67 -11.00 -6.34 -5.72
C ASN A 67 -10.91 -5.06 -4.90
N GLU A 68 -10.80 -5.22 -3.58
CA GLU A 68 -10.70 -4.07 -2.68
C GLU A 68 -9.69 -3.05 -3.20
N ILE A 69 -8.50 -3.53 -3.53
CA ILE A 69 -7.45 -2.65 -4.04
C ILE A 69 -7.86 -2.00 -5.36
N GLU A 70 -7.96 -2.81 -6.41
CA GLU A 70 -8.35 -2.32 -7.73
C GLU A 70 -9.52 -1.34 -7.61
N CYS A 71 -10.27 -1.44 -6.52
CA CYS A 71 -11.41 -0.57 -6.30
C CYS A 71 -10.96 0.86 -6.03
N MET A 72 -9.90 1.01 -5.24
CA MET A 72 -9.36 2.32 -4.91
C MET A 72 -8.52 2.87 -6.06
N VAL A 73 -8.52 2.16 -7.18
CA VAL A 73 -7.75 2.57 -8.34
C VAL A 73 -8.56 2.39 -9.62
N ALA A 74 -8.77 1.15 -10.02
CA ALA A 74 -9.52 0.85 -11.24
C ALA A 74 -11.01 0.66 -10.91
N ALA A 75 -11.54 1.54 -10.08
CA ALA A 75 -12.95 1.47 -9.69
C ALA A 75 -13.83 1.10 -10.89
N ALA A 1 15.69 16.76 16.52
CA ALA A 1 15.09 15.62 17.20
C ALA A 1 13.67 15.37 16.67
N LEU A 2 12.84 16.40 16.71
CA LEU A 2 11.47 16.30 16.24
C LEU A 2 11.40 15.55 14.91
N ASP A 3 10.19 15.19 14.50
CA ASP A 3 9.98 14.47 13.25
C ASP A 3 8.50 14.31 12.94
N PRO A 4 7.86 15.40 12.48
CA PRO A 4 6.44 15.39 12.14
C PRO A 4 6.14 14.56 10.90
N LEU A 5 6.16 15.21 9.74
CA LEU A 5 5.89 14.52 8.49
C LEU A 5 6.65 13.20 8.41
N VAL A 6 5.92 12.13 8.09
CA VAL A 6 6.51 10.80 7.99
C VAL A 6 5.45 9.72 8.07
N SER A 7 5.62 8.67 7.26
CA SER A 7 4.67 7.56 7.24
C SER A 7 5.08 6.51 6.21
N CYS A 8 4.71 6.73 4.96
CA CYS A 8 5.04 5.81 3.88
C CYS A 8 6.52 5.45 3.91
N LYS A 9 6.86 4.31 3.32
CA LYS A 9 8.25 3.86 3.27
C LYS A 9 8.70 3.66 1.83
N LEU A 10 7.76 3.32 0.96
CA LEU A 10 8.07 3.11 -0.46
C LEU A 10 8.80 4.31 -1.04
N CYS A 11 8.21 5.49 -0.87
CA CYS A 11 8.80 6.72 -1.38
C CYS A 11 9.54 7.48 -0.28
N LEU A 12 9.54 6.89 0.91
CA LEU A 12 10.21 7.51 2.07
C LEU A 12 9.85 8.99 2.17
N GLY A 13 8.56 9.28 2.07
CA GLY A 13 8.11 10.66 2.16
C GLY A 13 7.50 10.98 3.51
N GLU A 14 6.17 11.07 3.55
CA GLU A 14 5.46 11.37 4.80
C GLU A 14 3.96 11.40 4.58
N TYR A 15 3.46 12.54 4.11
CA TYR A 15 2.03 12.70 3.86
C TYR A 15 1.22 12.47 5.13
N PRO A 16 0.05 13.12 5.21
CA PRO A 16 -0.84 12.99 6.37
C PRO A 16 -1.49 11.62 6.46
N VAL A 17 -2.48 11.49 7.34
CA VAL A 17 -3.18 10.22 7.52
C VAL A 17 -4.36 10.10 6.57
N GLU A 18 -4.72 11.22 5.94
CA GLU A 18 -5.85 11.23 5.01
C GLU A 18 -5.36 11.07 3.57
N GLN A 19 -4.05 11.02 3.40
CA GLN A 19 -3.45 10.86 2.08
C GLN A 19 -2.84 9.47 1.92
N MET A 20 -3.10 8.60 2.89
CA MET A 20 -2.58 7.24 2.86
C MET A 20 -3.71 6.22 2.91
N THR A 21 -3.37 4.95 2.71
CA THR A 21 -4.36 3.88 2.73
C THR A 21 -3.82 2.65 3.45
N THR A 22 -4.64 2.09 4.34
CA THR A 22 -4.26 0.90 5.09
C THR A 22 -4.08 -0.31 4.18
N ILE A 23 -3.34 -1.29 4.64
CA ILE A 23 -3.09 -2.50 3.87
C ILE A 23 -4.33 -3.40 3.85
N ALA A 24 -4.46 -4.24 4.88
CA ALA A 24 -5.59 -5.14 4.98
C ALA A 24 -5.31 -6.27 5.97
N GLN A 25 -4.05 -6.69 6.03
CA GLN A 25 -3.65 -7.76 6.94
C GLN A 25 -2.74 -7.23 8.04
N CYS A 26 -1.67 -6.57 7.64
CA CYS A 26 -0.72 -6.01 8.60
C CYS A 26 -1.20 -4.64 9.10
N GLN A 27 -1.91 -3.92 8.25
CA GLN A 27 -2.42 -2.61 8.61
C GLN A 27 -1.32 -1.56 8.58
N CYS A 28 -0.54 -1.55 7.50
CA CYS A 28 0.55 -0.60 7.35
C CYS A 28 0.05 0.71 6.74
N ILE A 29 0.98 1.64 6.53
CA ILE A 29 0.63 2.93 5.95
C ILE A 29 1.47 3.22 4.71
N PHE A 30 0.79 3.52 3.60
CA PHE A 30 1.48 3.82 2.34
C PHE A 30 0.63 4.75 1.47
N CYS A 31 1.24 5.83 1.01
CA CYS A 31 0.55 6.79 0.16
C CYS A 31 -0.03 6.11 -1.08
N THR A 32 -1.33 6.30 -1.30
CA THR A 32 -2.00 5.71 -2.45
C THR A 32 -1.06 5.64 -3.65
N LEU A 33 -0.36 6.74 -3.92
CA LEU A 33 0.58 6.80 -5.04
C LEU A 33 1.37 5.51 -5.17
N CYS A 34 2.20 5.23 -4.16
CA CYS A 34 3.02 4.03 -4.15
C CYS A 34 2.14 2.78 -4.08
N LEU A 35 1.36 2.67 -3.01
CA LEU A 35 0.48 1.53 -2.82
C LEU A 35 -0.36 1.27 -4.08
N LYS A 36 -0.45 2.27 -4.93
CA LYS A 36 -1.22 2.17 -6.17
C LYS A 36 -0.33 1.71 -7.32
N GLN A 37 0.72 2.47 -7.59
CA GLN A 37 1.65 2.13 -8.68
C GLN A 37 2.25 0.74 -8.46
N TYR A 38 2.05 0.19 -7.27
CA TYR A 38 2.58 -1.12 -6.94
C TYR A 38 1.53 -2.20 -7.20
N VAL A 39 0.32 -1.98 -6.70
CA VAL A 39 -0.78 -2.93 -6.88
C VAL A 39 -1.44 -2.76 -8.25
N GLU A 40 -1.80 -1.52 -8.57
CA GLU A 40 -2.45 -1.22 -9.84
C GLU A 40 -1.90 -2.10 -10.96
N LEU A 41 -0.58 -2.32 -10.94
CA LEU A 41 0.07 -3.15 -11.94
C LEU A 41 -0.28 -4.62 -11.75
N LEU A 42 -0.24 -5.08 -10.50
CA LEU A 42 -0.56 -6.47 -10.18
C LEU A 42 -2.06 -6.69 -10.21
N ILE A 43 -2.78 -5.98 -9.34
CA ILE A 43 -4.23 -6.10 -9.26
C ILE A 43 -4.84 -6.27 -10.64
N LYS A 44 -4.17 -5.73 -11.65
CA LYS A 44 -4.65 -5.81 -13.03
C LYS A 44 -4.31 -7.18 -13.63
N GLU A 45 -3.09 -7.65 -13.38
CA GLU A 45 -2.65 -8.93 -13.89
C GLU A 45 -3.42 -10.08 -13.24
N GLY A 46 -3.13 -10.32 -11.96
CA GLY A 46 -3.79 -11.38 -11.24
C GLY A 46 -3.05 -12.71 -11.34
N LEU A 47 -2.18 -12.81 -12.33
CA LEU A 47 -1.40 -14.04 -12.53
C LEU A 47 -0.92 -14.60 -11.21
N GLU A 48 -0.39 -13.73 -10.35
CA GLU A 48 0.09 -14.16 -9.04
C GLU A 48 0.58 -12.96 -8.23
N THR A 49 1.56 -13.18 -7.37
CA THR A 49 2.11 -12.13 -6.52
C THR A 49 1.27 -11.93 -5.27
N ALA A 50 -0.03 -12.24 -5.37
CA ALA A 50 -0.93 -12.10 -4.24
C ALA A 50 -0.83 -10.71 -3.62
N ILE A 51 -0.24 -9.78 -4.37
CA ILE A 51 -0.09 -8.41 -3.90
C ILE A 51 0.15 -8.37 -2.39
N SER A 52 1.41 -8.56 -1.99
CA SER A 52 1.77 -8.56 -0.58
C SER A 52 2.36 -7.21 -0.17
N CYS A 53 2.22 -6.86 1.11
CA CYS A 53 2.74 -5.61 1.62
C CYS A 53 4.03 -5.22 0.91
N PRO A 54 4.13 -3.93 0.54
CA PRO A 54 5.31 -3.40 -0.16
C PRO A 54 6.53 -3.33 0.75
N ASP A 55 6.38 -3.82 1.98
CA ASP A 55 7.47 -3.82 2.95
C ASP A 55 7.96 -5.24 3.21
N ALA A 56 8.89 -5.71 2.38
CA ALA A 56 9.43 -7.05 2.53
C ALA A 56 9.92 -7.29 3.96
N ALA A 57 10.10 -6.21 4.70
CA ALA A 57 10.56 -6.30 6.07
C ALA A 57 9.41 -6.15 7.06
N CYS A 58 8.21 -6.50 6.60
CA CYS A 58 7.01 -6.41 7.43
C CYS A 58 6.94 -7.58 8.41
N PRO A 59 6.64 -7.26 9.69
CA PRO A 59 6.53 -8.27 10.74
C PRO A 59 5.31 -9.17 10.57
N LYS A 60 4.37 -8.72 9.74
CA LYS A 60 3.15 -9.48 9.48
C LYS A 60 2.96 -9.71 7.99
N GLN A 61 3.73 -8.99 7.18
CA GLN A 61 3.64 -9.12 5.73
C GLN A 61 2.21 -9.40 5.30
N GLY A 62 1.31 -8.47 5.61
CA GLY A 62 -0.08 -8.65 5.24
C GLY A 62 -0.31 -8.57 3.74
N HIS A 63 -1.20 -9.41 3.23
CA HIS A 63 -1.49 -9.44 1.80
C HIS A 63 -2.66 -8.51 1.48
N LEU A 64 -2.85 -8.23 0.19
CA LEU A 64 -3.93 -7.36 -0.25
C LEU A 64 -4.89 -8.11 -1.18
N GLN A 65 -6.10 -7.59 -1.31
CA GLN A 65 -7.11 -8.21 -2.18
C GLN A 65 -6.92 -7.76 -3.62
N GLU A 66 -7.58 -8.46 -4.54
CA GLU A 66 -7.49 -8.14 -5.95
C GLU A 66 -8.62 -7.18 -6.36
N ASN A 67 -9.74 -7.26 -5.66
CA ASN A 67 -10.89 -6.40 -5.95
C ASN A 67 -10.84 -5.14 -5.09
N GLU A 68 -10.92 -5.32 -3.78
CA GLU A 68 -10.88 -4.19 -2.85
C GLU A 68 -9.87 -3.14 -3.30
N ILE A 69 -8.73 -3.61 -3.80
CA ILE A 69 -7.68 -2.71 -4.28
C ILE A 69 -8.05 -2.09 -5.62
N GLU A 70 -8.11 -2.92 -6.65
CA GLU A 70 -8.45 -2.45 -7.99
C GLU A 70 -9.63 -1.49 -7.95
N CYS A 71 -10.45 -1.60 -6.90
CA CYS A 71 -11.61 -0.74 -6.74
C CYS A 71 -11.18 0.69 -6.43
N MET A 72 -10.17 0.84 -5.59
CA MET A 72 -9.67 2.15 -5.21
C MET A 72 -8.80 2.74 -6.32
N VAL A 73 -8.76 2.06 -7.46
CA VAL A 73 -7.97 2.51 -8.60
C VAL A 73 -8.75 2.38 -9.89
N ALA A 74 -9.00 1.15 -10.31
CA ALA A 74 -9.74 0.88 -11.54
C ALA A 74 -11.20 0.58 -11.25
N ALA A 75 -11.84 1.44 -10.46
CA ALA A 75 -13.24 1.28 -10.10
C ALA A 75 -14.03 0.66 -11.25
N ALA A 1 3.40 13.05 14.43
CA ALA A 1 2.97 13.01 15.83
C ALA A 1 3.08 14.40 16.47
N LEU A 2 4.31 14.88 16.62
CA LEU A 2 4.54 16.19 17.21
C LEU A 2 4.31 17.30 16.20
N ASP A 3 4.17 16.92 14.94
CA ASP A 3 3.94 17.89 13.87
C ASP A 3 4.00 17.21 12.50
N PRO A 4 5.16 16.63 12.18
CA PRO A 4 5.37 15.94 10.90
C PRO A 4 4.58 14.64 10.81
N LEU A 5 4.84 13.88 9.75
CA LEU A 5 4.16 12.60 9.54
C LEU A 5 5.15 11.48 9.30
N VAL A 6 5.79 11.50 8.13
CA VAL A 6 6.77 10.48 7.78
C VAL A 6 6.28 9.08 8.18
N SER A 7 5.68 8.38 7.22
CA SER A 7 5.17 7.04 7.46
C SER A 7 5.53 6.10 6.31
N CYS A 8 5.20 6.52 5.09
CA CYS A 8 5.47 5.72 3.91
C CYS A 8 6.97 5.45 3.78
N LYS A 9 7.32 4.28 3.24
CA LYS A 9 8.71 3.90 3.06
C LYS A 9 9.00 3.59 1.59
N LEU A 10 7.95 3.44 0.81
CA LEU A 10 8.09 3.14 -0.62
C LEU A 10 8.71 4.33 -1.35
N CYS A 11 8.48 5.52 -0.85
CA CYS A 11 9.01 6.73 -1.46
C CYS A 11 9.67 7.63 -0.41
N LEU A 12 9.80 7.10 0.80
CA LEU A 12 10.41 7.85 1.90
C LEU A 12 9.88 9.28 1.94
N GLY A 13 8.56 9.41 1.89
CA GLY A 13 7.95 10.73 1.94
C GLY A 13 7.32 11.04 3.28
N GLU A 14 6.00 10.91 3.37
CA GLU A 14 5.28 11.18 4.60
C GLU A 14 3.78 11.23 4.36
N TYR A 15 3.30 12.37 3.88
CA TYR A 15 1.88 12.55 3.60
C TYR A 15 1.05 12.34 4.87
N PRO A 16 -0.07 13.07 4.98
CA PRO A 16 -0.97 12.98 6.13
C PRO A 16 -1.72 11.65 6.18
N VAL A 17 -2.00 11.18 7.39
CA VAL A 17 -2.71 9.92 7.56
C VAL A 17 -3.87 9.79 6.58
N GLU A 18 -4.65 10.87 6.44
CA GLU A 18 -5.77 10.88 5.52
C GLU A 18 -5.32 10.59 4.09
N GLN A 19 -4.13 11.06 3.74
CA GLN A 19 -3.59 10.85 2.41
C GLN A 19 -2.89 9.50 2.31
N MET A 20 -3.32 8.55 3.15
CA MET A 20 -2.74 7.21 3.16
C MET A 20 -3.83 6.16 3.09
N THR A 21 -3.42 4.90 2.94
CA THR A 21 -4.37 3.79 2.86
C THR A 21 -3.86 2.58 3.62
N THR A 22 -4.78 1.81 4.18
CA THR A 22 -4.43 0.61 4.94
C THR A 22 -4.32 -0.61 4.03
N ILE A 23 -3.40 -1.51 4.36
CA ILE A 23 -3.21 -2.72 3.57
C ILE A 23 -4.45 -3.61 3.60
N ALA A 24 -4.55 -4.45 4.61
CA ALA A 24 -5.68 -5.34 4.75
C ALA A 24 -5.37 -6.50 5.71
N GLN A 25 -4.14 -6.99 5.64
CA GLN A 25 -3.70 -8.08 6.49
C GLN A 25 -2.81 -7.58 7.62
N CYS A 26 -1.74 -6.89 7.26
CA CYS A 26 -0.81 -6.34 8.24
C CYS A 26 -1.33 -5.03 8.82
N GLN A 27 -2.05 -4.27 8.01
CA GLN A 27 -2.60 -3.00 8.46
C GLN A 27 -1.54 -1.91 8.44
N CYS A 28 -0.80 -1.83 7.35
CA CYS A 28 0.25 -0.83 7.21
C CYS A 28 -0.30 0.47 6.61
N ILE A 29 0.59 1.43 6.39
CA ILE A 29 0.19 2.71 5.82
C ILE A 29 1.13 3.13 4.70
N PHE A 30 0.55 3.50 3.56
CA PHE A 30 1.35 3.92 2.40
C PHE A 30 0.55 4.89 1.53
N CYS A 31 1.21 5.93 1.06
CA CYS A 31 0.56 6.93 0.21
C CYS A 31 -0.03 6.28 -1.04
N THR A 32 -1.29 6.60 -1.32
CA THR A 32 -1.98 6.05 -2.47
C THR A 32 -1.02 5.83 -3.64
N LEU A 33 -0.42 6.91 -4.11
CA LEU A 33 0.53 6.84 -5.21
C LEU A 33 1.32 5.53 -5.17
N CYS A 34 2.19 5.40 -4.17
CA CYS A 34 2.99 4.20 -4.01
C CYS A 34 2.12 2.95 -3.92
N LEU A 35 1.26 2.91 -2.91
CA LEU A 35 0.37 1.78 -2.71
C LEU A 35 -0.42 1.47 -3.99
N LYS A 36 -0.43 2.42 -4.91
CA LYS A 36 -1.13 2.27 -6.18
C LYS A 36 -0.21 1.70 -7.25
N GLN A 37 0.73 2.53 -7.71
CA GLN A 37 1.68 2.11 -8.73
C GLN A 37 2.22 0.72 -8.43
N TYR A 38 2.13 0.31 -7.18
CA TYR A 38 2.62 -1.00 -6.76
C TYR A 38 1.58 -2.09 -7.04
N VAL A 39 0.35 -1.86 -6.58
CA VAL A 39 -0.72 -2.82 -6.78
C VAL A 39 -1.35 -2.65 -8.17
N GLU A 40 -1.73 -1.41 -8.49
CA GLU A 40 -2.34 -1.12 -9.78
C GLU A 40 -1.75 -1.99 -10.87
N LEU A 41 -0.46 -2.29 -10.75
CA LEU A 41 0.23 -3.13 -11.74
C LEU A 41 0.00 -4.61 -11.46
N LEU A 42 0.11 -4.98 -10.18
CA LEU A 42 -0.09 -6.36 -9.78
C LEU A 42 -1.58 -6.72 -9.73
N ILE A 43 -2.29 -6.08 -8.80
CA ILE A 43 -3.73 -6.32 -8.65
C ILE A 43 -4.40 -6.51 -10.01
N LYS A 44 -3.83 -5.87 -11.04
CA LYS A 44 -4.37 -5.97 -12.39
C LYS A 44 -4.08 -7.34 -12.99
N GLU A 45 -2.80 -7.72 -12.99
CA GLU A 45 -2.39 -9.01 -13.54
C GLU A 45 -2.99 -10.16 -12.74
N GLY A 46 -2.56 -10.29 -11.49
CA GLY A 46 -3.06 -11.36 -10.63
C GLY A 46 -2.64 -12.73 -11.11
N LEU A 47 -1.33 -12.93 -11.26
CA LEU A 47 -0.80 -14.21 -11.71
C LEU A 47 -0.40 -15.09 -10.52
N GLU A 48 -0.02 -14.45 -9.42
CA GLU A 48 0.38 -15.17 -8.22
C GLU A 48 0.94 -14.21 -7.18
N THR A 49 1.49 -13.09 -7.65
CA THR A 49 2.07 -12.09 -6.76
C THR A 49 1.22 -11.90 -5.51
N ALA A 50 -0.07 -12.20 -5.64
CA ALA A 50 -1.00 -12.05 -4.53
C ALA A 50 -0.89 -10.68 -3.89
N ILE A 51 -0.28 -9.74 -4.60
CA ILE A 51 -0.11 -8.38 -4.10
C ILE A 51 0.15 -8.38 -2.60
N SER A 52 1.41 -8.56 -2.22
CA SER A 52 1.78 -8.58 -0.81
C SER A 52 2.37 -7.24 -0.39
N CYS A 53 2.20 -6.91 0.89
CA CYS A 53 2.73 -5.65 1.43
C CYS A 53 4.02 -5.25 0.73
N PRO A 54 4.13 -3.96 0.37
CA PRO A 54 5.31 -3.43 -0.31
C PRO A 54 6.53 -3.38 0.62
N ASP A 55 6.37 -3.88 1.83
CA ASP A 55 7.46 -3.89 2.81
C ASP A 55 7.92 -5.32 3.07
N ALA A 56 8.89 -5.77 2.28
CA ALA A 56 9.43 -7.12 2.43
C ALA A 56 9.95 -7.34 3.84
N ALA A 57 10.09 -6.27 4.60
CA ALA A 57 10.58 -6.35 5.97
C ALA A 57 9.44 -6.21 6.97
N CYS A 58 8.22 -6.38 6.49
CA CYS A 58 7.04 -6.28 7.34
C CYS A 58 6.95 -7.46 8.30
N PRO A 59 6.67 -7.17 9.58
CA PRO A 59 6.55 -8.19 10.62
C PRO A 59 5.30 -9.05 10.45
N LYS A 60 4.40 -8.60 9.59
CA LYS A 60 3.16 -9.32 9.33
C LYS A 60 3.00 -9.62 7.84
N GLN A 61 3.69 -8.84 7.01
CA GLN A 61 3.62 -9.02 5.57
C GLN A 61 2.23 -9.46 5.14
N GLY A 62 1.28 -8.55 5.19
CA GLY A 62 -0.09 -8.86 4.80
C GLY A 62 -0.32 -8.70 3.32
N HIS A 63 -1.32 -9.40 2.80
CA HIS A 63 -1.65 -9.33 1.38
C HIS A 63 -2.79 -8.35 1.12
N LEU A 64 -2.97 -7.97 -0.14
CA LEU A 64 -4.03 -7.04 -0.50
C LEU A 64 -5.14 -7.76 -1.28
N GLN A 65 -6.32 -7.14 -1.34
CA GLN A 65 -7.45 -7.72 -2.05
C GLN A 65 -7.42 -7.33 -3.52
N GLU A 66 -8.10 -8.13 -4.35
CA GLU A 66 -8.15 -7.87 -5.78
C GLU A 66 -9.35 -7.01 -6.14
N ASN A 67 -10.35 -7.01 -5.25
CA ASN A 67 -11.56 -6.23 -5.47
C ASN A 67 -11.44 -4.84 -4.85
N GLU A 68 -11.04 -4.80 -3.59
CA GLU A 68 -10.88 -3.53 -2.87
C GLU A 68 -9.90 -2.62 -3.59
N ILE A 69 -8.64 -3.03 -3.64
CA ILE A 69 -7.60 -2.25 -4.30
C ILE A 69 -8.08 -1.74 -5.65
N GLU A 70 -8.41 -2.66 -6.55
CA GLU A 70 -8.88 -2.30 -7.88
C GLU A 70 -10.04 -1.31 -7.80
N CYS A 71 -10.66 -1.24 -6.62
CA CYS A 71 -11.78 -0.34 -6.41
C CYS A 71 -11.31 1.10 -6.27
N MET A 72 -10.11 1.27 -5.74
CA MET A 72 -9.54 2.60 -5.55
C MET A 72 -8.75 3.03 -6.78
N VAL A 73 -8.72 2.18 -7.79
CA VAL A 73 -8.01 2.46 -9.03
C VAL A 73 -8.84 2.12 -10.25
N ALA A 74 -9.23 0.86 -10.35
CA ALA A 74 -10.04 0.40 -11.48
C ALA A 74 -11.53 0.55 -11.17
N ALA A 75 -11.84 1.29 -10.11
CA ALA A 75 -13.23 1.51 -9.72
C ALA A 75 -14.12 1.72 -10.94
N ALA A 1 13.61 21.11 14.97
CA ALA A 1 14.73 21.27 14.05
C ALA A 1 14.86 20.05 13.13
N LEU A 2 14.51 20.24 11.86
CA LEU A 2 14.58 19.16 10.88
C LEU A 2 13.76 17.96 11.33
N ASP A 3 13.89 16.86 10.60
CA ASP A 3 13.17 15.64 10.94
C ASP A 3 11.70 15.93 11.23
N PRO A 4 10.93 16.24 10.18
CA PRO A 4 9.50 16.55 10.30
C PRO A 4 8.68 15.33 10.66
N LEU A 5 8.19 14.62 9.65
CA LEU A 5 7.38 13.43 9.86
C LEU A 5 7.82 12.31 8.94
N VAL A 6 7.01 11.25 8.88
CA VAL A 6 7.32 10.10 8.03
C VAL A 6 6.32 8.96 8.26
N SER A 7 5.94 8.30 7.18
CA SER A 7 4.99 7.19 7.27
C SER A 7 5.28 6.14 6.20
N CYS A 8 4.99 6.47 4.95
CA CYS A 8 5.22 5.56 3.84
C CYS A 8 6.65 5.05 3.85
N LYS A 9 6.85 3.83 3.36
CA LYS A 9 8.18 3.23 3.31
C LYS A 9 8.55 2.87 1.88
N LEU A 10 7.96 3.57 0.92
CA LEU A 10 8.24 3.33 -0.49
C LEU A 10 8.77 4.59 -1.17
N CYS A 11 8.30 5.75 -0.71
CA CYS A 11 8.73 7.02 -1.27
C CYS A 11 9.34 7.91 -0.19
N LEU A 12 9.00 7.63 1.06
CA LEU A 12 9.50 8.40 2.19
C LEU A 12 9.50 9.89 1.87
N GLY A 13 8.32 10.50 1.91
CA GLY A 13 8.20 11.92 1.63
C GLY A 13 7.36 12.65 2.66
N GLU A 14 7.16 12.02 3.81
CA GLU A 14 6.38 12.61 4.88
C GLU A 14 4.95 12.91 4.42
N TYR A 15 3.97 12.34 5.12
CA TYR A 15 2.57 12.54 4.77
C TYR A 15 1.67 12.18 5.94
N PRO A 16 0.50 12.83 6.01
CA PRO A 16 -0.48 12.60 7.07
C PRO A 16 -1.14 11.23 6.95
N VAL A 17 -1.68 10.74 8.07
CA VAL A 17 -2.34 9.44 8.10
C VAL A 17 -3.62 9.46 7.27
N GLU A 18 -3.99 10.65 6.78
CA GLU A 18 -5.19 10.80 5.98
C GLU A 18 -4.86 10.77 4.49
N GLN A 19 -3.61 11.08 4.17
CA GLN A 19 -3.17 11.09 2.78
C GLN A 19 -2.57 9.75 2.39
N MET A 20 -2.87 8.72 3.17
CA MET A 20 -2.37 7.37 2.91
C MET A 20 -3.51 6.36 2.91
N THR A 21 -3.19 5.12 2.57
CA THR A 21 -4.18 4.05 2.53
C THR A 21 -3.71 2.82 3.28
N THR A 22 -4.63 2.15 3.97
CA THR A 22 -4.30 0.95 4.74
C THR A 22 -4.10 -0.25 3.82
N ILE A 23 -3.37 -1.23 4.31
CA ILE A 23 -3.10 -2.45 3.54
C ILE A 23 -4.34 -3.34 3.46
N ALA A 24 -4.53 -4.15 4.49
CA ALA A 24 -5.68 -5.05 4.56
C ALA A 24 -5.46 -6.15 5.59
N GLN A 25 -4.26 -6.71 5.60
CA GLN A 25 -3.91 -7.78 6.53
C GLN A 25 -3.07 -7.25 7.69
N CYS A 26 -1.97 -6.59 7.35
CA CYS A 26 -1.08 -6.02 8.36
C CYS A 26 -1.60 -4.67 8.85
N GLN A 27 -2.20 -3.90 7.95
CA GLN A 27 -2.73 -2.60 8.28
C GLN A 27 -1.62 -1.55 8.36
N CYS A 28 -0.71 -1.59 7.39
CA CYS A 28 0.39 -0.65 7.33
C CYS A 28 -0.04 0.69 6.74
N ILE A 29 0.92 1.58 6.54
CA ILE A 29 0.63 2.89 5.99
C ILE A 29 1.45 3.15 4.73
N PHE A 30 0.77 3.48 3.63
CA PHE A 30 1.43 3.76 2.36
C PHE A 30 0.60 4.70 1.50
N CYS A 31 1.26 5.71 0.95
CA CYS A 31 0.58 6.69 0.11
C CYS A 31 0.00 6.04 -1.14
N THR A 32 -1.28 6.27 -1.39
CA THR A 32 -1.96 5.69 -2.55
C THR A 32 -1.00 5.59 -3.73
N LEU A 33 -0.29 6.67 -4.02
CA LEU A 33 0.64 6.70 -5.13
C LEU A 33 1.42 5.38 -5.22
N CYS A 34 2.28 5.14 -4.24
CA CYS A 34 3.07 3.91 -4.20
C CYS A 34 2.17 2.68 -4.12
N LEU A 35 1.40 2.59 -3.04
CA LEU A 35 0.50 1.46 -2.84
C LEU A 35 -0.33 1.21 -4.10
N LYS A 36 -0.41 2.21 -4.96
CA LYS A 36 -1.18 2.09 -6.19
C LYS A 36 -0.29 1.62 -7.34
N GLN A 37 0.60 2.49 -7.80
CA GLN A 37 1.51 2.16 -8.88
C GLN A 37 2.03 0.73 -8.75
N TYR A 38 2.02 0.21 -7.52
CA TYR A 38 2.50 -1.14 -7.25
C TYR A 38 1.39 -2.16 -7.49
N VAL A 39 0.38 -2.15 -6.63
CA VAL A 39 -0.74 -3.06 -6.76
C VAL A 39 -1.41 -2.94 -8.12
N GLU A 40 -1.71 -1.70 -8.51
CA GLU A 40 -2.35 -1.45 -9.80
C GLU A 40 -1.88 -2.46 -10.85
N LEU A 41 -0.59 -2.42 -11.15
CA LEU A 41 0.00 -3.32 -12.14
C LEU A 41 -0.31 -4.78 -11.79
N LEU A 42 -0.23 -5.10 -10.51
CA LEU A 42 -0.50 -6.46 -10.05
C LEU A 42 -1.98 -6.78 -10.16
N ILE A 43 -2.78 -6.17 -9.28
CA ILE A 43 -4.22 -6.40 -9.29
C ILE A 43 -4.76 -6.52 -10.70
N LYS A 44 -4.10 -5.85 -11.64
CA LYS A 44 -4.51 -5.89 -13.05
C LYS A 44 -4.20 -7.26 -13.66
N GLU A 45 -3.02 -7.79 -13.37
CA GLU A 45 -2.61 -9.09 -13.89
C GLU A 45 -3.39 -10.21 -13.22
N GLY A 46 -3.15 -10.41 -11.93
CA GLY A 46 -3.85 -11.45 -11.20
C GLY A 46 -3.15 -12.80 -11.30
N LEU A 47 -2.34 -12.94 -12.35
CA LEU A 47 -1.61 -14.20 -12.57
C LEU A 47 -1.09 -14.76 -11.25
N GLU A 48 -0.51 -13.90 -10.44
CA GLU A 48 0.03 -14.32 -9.15
C GLU A 48 0.52 -13.11 -8.34
N THR A 49 1.53 -13.33 -7.50
CA THR A 49 2.09 -12.27 -6.68
C THR A 49 1.29 -12.10 -5.39
N ALA A 50 -0.03 -12.30 -5.49
CA ALA A 50 -0.89 -12.17 -4.32
C ALA A 50 -0.78 -10.78 -3.70
N ILE A 51 -0.15 -9.87 -4.42
CA ILE A 51 0.04 -8.51 -3.93
C ILE A 51 0.25 -8.48 -2.42
N SER A 52 1.50 -8.60 -2.02
CA SER A 52 1.84 -8.60 -0.60
C SER A 52 2.34 -7.22 -0.16
N CYS A 53 2.25 -6.94 1.14
CA CYS A 53 2.68 -5.67 1.68
C CYS A 53 3.89 -5.13 0.92
N PRO A 54 3.86 -3.83 0.61
CA PRO A 54 4.94 -3.17 -0.12
C PRO A 54 6.21 -3.03 0.71
N ASP A 55 6.18 -3.58 1.92
CA ASP A 55 7.32 -3.53 2.82
C ASP A 55 8.18 -4.78 2.69
N ALA A 56 9.49 -4.61 2.74
CA ALA A 56 10.42 -5.73 2.63
C ALA A 56 10.89 -6.18 4.00
N ALA A 57 10.06 -5.97 5.02
CA ALA A 57 10.40 -6.36 6.37
C ALA A 57 9.22 -6.15 7.32
N CYS A 58 8.03 -6.50 6.86
CA CYS A 58 6.82 -6.35 7.66
C CYS A 58 6.69 -7.47 8.68
N PRO A 59 6.37 -7.10 9.92
CA PRO A 59 6.21 -8.07 11.02
C PRO A 59 4.97 -8.94 10.85
N LYS A 60 4.09 -8.52 9.95
CA LYS A 60 2.85 -9.26 9.70
C LYS A 60 2.73 -9.61 8.21
N GLN A 61 3.52 -8.93 7.39
CA GLN A 61 3.49 -9.16 5.94
C GLN A 61 2.08 -9.51 5.48
N GLY A 62 1.20 -8.53 5.51
CA GLY A 62 -0.17 -8.74 5.08
C GLY A 62 -0.34 -8.63 3.59
N HIS A 63 -1.31 -9.35 3.04
CA HIS A 63 -1.57 -9.33 1.61
C HIS A 63 -2.72 -8.39 1.27
N LEU A 64 -2.90 -8.12 -0.02
CA LEU A 64 -3.97 -7.23 -0.46
C LEU A 64 -5.04 -8.00 -1.23
N GLN A 65 -6.21 -7.40 -1.39
CA GLN A 65 -7.31 -8.04 -2.09
C GLN A 65 -7.25 -7.71 -3.59
N GLU A 66 -7.96 -8.51 -4.38
CA GLU A 66 -7.99 -8.31 -5.83
C GLU A 66 -9.16 -7.41 -6.22
N ASN A 67 -10.26 -7.51 -5.49
CA ASN A 67 -11.44 -6.71 -5.77
C ASN A 67 -11.34 -5.33 -5.11
N GLU A 68 -11.07 -5.32 -3.80
CA GLU A 68 -10.94 -4.08 -3.05
C GLU A 68 -9.91 -3.16 -3.71
N ILE A 69 -8.67 -3.63 -3.78
CA ILE A 69 -7.59 -2.86 -4.38
C ILE A 69 -8.01 -2.29 -5.74
N GLU A 70 -8.27 -3.18 -6.69
CA GLU A 70 -8.67 -2.77 -8.03
C GLU A 70 -9.85 -1.80 -7.96
N CYS A 71 -10.52 -1.76 -6.82
CA CYS A 71 -11.66 -0.87 -6.63
C CYS A 71 -11.21 0.57 -6.43
N MET A 72 -10.03 0.73 -5.83
CA MET A 72 -9.48 2.06 -5.58
C MET A 72 -8.67 2.55 -6.78
N VAL A 73 -8.70 1.77 -7.85
CA VAL A 73 -7.97 2.13 -9.06
C VAL A 73 -8.80 1.82 -10.31
N ALA A 74 -9.17 0.56 -10.48
CA ALA A 74 -9.96 0.14 -11.62
C ALA A 74 -11.45 0.02 -11.25
N ALA A 75 -11.95 1.02 -10.53
CA ALA A 75 -13.34 1.03 -10.12
C ALA A 75 -14.27 0.66 -11.28
#